data_5FAJ
#
_entry.id   5FAJ
#
_cell.length_a   79.740
_cell.length_b   88.710
_cell.length_c   109.140
_cell.angle_alpha   90.00
_cell.angle_beta   102.25
_cell.angle_gamma   90.00
#
_symmetry.space_group_name_H-M   'P 1 21 1'
#
loop_
_entity.id
_entity.type
_entity.pdbx_description
1 polymer 'Alanine racemase'
2 non-polymer D-[3-HYDROXY-2-METHYL-5-PHOSPHONOOXYMETHYL-PYRIDIN-4-YLMETHYL]-N,O-CYCLOSERYLAMIDE
3 non-polymer 'SODIUM ION'
4 non-polymer 'CHLORIDE ION'
5 water water
#
_entity_poly.entity_id   1
_entity_poly.type   'polypeptide(L)'
_entity_poly.pdbx_seq_one_letter_code
;MGSHHHHHHSSGLVPRGSHMSETTARRDADAVLRARAEIDLAALRANVRALRERAPGAALMAVVKADAYGHGAIPCARAA
VAAGATWLGTATPQEALALRAAEPGLPDDVRIMCWLWTPGGPWREAVEARLDVSVSAMWAMEEVTGAARAAGVPARVQL
(KCX)ADTGLGRGGCQPGADWERLVGAALRAEEEGLLRVTGLWSHFACADEPGHPSIAAQLTRFREMTAYAEQRGLRPEV
RHIANSPATLTLPDAHFDLVRPGIAMYGVSPSPEIGTPADFGLRPVMTLAASLALVKQVPGGHGVSYGHHYTTPGETTLG
LVPLGYADGIPRHASSSGPVLVDGKWRTVAGRIAMDQFVVDLGGDRPEPGAEAVLFGPGDRGEPTAEDWAQAAGTIAYEI
VTRIGSRVPRVYVNE
;
_entity_poly.pdbx_strand_id   A,B,C,D
#
loop_
_chem_comp.id
_chem_comp.type
_chem_comp.name
_chem_comp.formula
CL non-polymer 'CHLORIDE ION' 'Cl -1'
DCS non-polymer D-[3-HYDROXY-2-METHYL-5-PHOSPHONOOXYMETHYL-PYRIDIN-4-YLMETHYL]-N,O-CYCLOSERYLAMIDE 'C11 H16 N3 O7 P'
NA non-polymer 'SODIUM ION' 'Na 1'
#
# COMPACT_ATOMS: atom_id res chain seq x y z
N ARG A 26 -17.69 16.93 9.42
CA ARG A 26 -16.82 18.01 10.00
C ARG A 26 -16.38 17.74 11.44
N ARG A 27 -17.23 17.09 12.28
CA ARG A 27 -16.77 16.65 13.63
C ARG A 27 -15.74 15.51 13.49
N ASP A 28 -15.85 14.74 12.42
CA ASP A 28 -14.88 13.66 12.09
C ASP A 28 -13.52 14.30 11.78
N ALA A 29 -13.55 15.17 10.75
CA ALA A 29 -12.44 16.02 10.27
C ALA A 29 -11.75 16.78 11.42
N ASP A 30 -12.48 17.11 12.46
CA ASP A 30 -11.95 17.84 13.57
C ASP A 30 -11.05 17.07 14.61
N ALA A 31 -11.46 15.89 15.09
CA ALA A 31 -10.60 15.12 16.03
C ALA A 31 -9.32 14.60 15.39
N VAL A 32 -9.38 14.33 14.06
CA VAL A 32 -8.16 13.85 13.37
C VAL A 32 -7.08 14.90 13.26
N LEU A 33 -7.42 16.18 13.49
CA LEU A 33 -6.41 17.20 13.46
C LEU A 33 -5.35 17.09 14.51
N ARG A 34 -5.70 16.58 15.67
CA ARG A 34 -4.72 16.39 16.70
C ARG A 34 -3.83 15.15 16.36
N ALA A 35 -4.49 14.03 16.07
CA ALA A 35 -3.82 12.73 15.92
C ALA A 35 -4.78 11.76 15.30
N ARG A 36 -4.22 10.74 14.70
CA ARG A 36 -5.03 9.74 14.16
C ARG A 36 -4.25 8.44 14.01
N ALA A 37 -4.97 7.34 14.00
CA ALA A 37 -4.44 6.02 13.65
C ALA A 37 -5.01 5.66 12.34
N GLU A 38 -4.17 5.71 11.31
CA GLU A 38 -4.59 5.36 9.99
C GLU A 38 -4.48 3.84 9.74
N ILE A 39 -5.56 3.25 9.30
CA ILE A 39 -5.71 1.80 9.14
C ILE A 39 -5.85 1.49 7.66
N ASP A 40 -4.79 0.94 7.08
CA ASP A 40 -4.84 0.54 5.63
C ASP A 40 -5.35 -0.87 5.41
N LEU A 41 -6.60 -0.97 5.02
CA LEU A 41 -7.24 -2.23 4.85
C LEU A 41 -6.75 -2.96 3.66
N ALA A 42 -6.11 -2.26 2.72
CA ALA A 42 -5.51 -2.95 1.59
C ALA A 42 -4.28 -3.69 2.07
N ALA A 43 -3.52 -3.10 2.97
CA ALA A 43 -2.41 -3.78 3.60
C ALA A 43 -2.86 -5.01 4.37
N LEU A 44 -4.01 -4.89 5.05
CA LEU A 44 -4.53 -6.03 5.82
C LEU A 44 -4.95 -7.17 4.86
N ARG A 45 -5.64 -6.83 3.78
CA ARG A 45 -6.04 -7.82 2.79
C ARG A 45 -4.81 -8.49 2.17
N ALA A 46 -3.79 -7.73 1.87
CA ALA A 46 -2.56 -8.30 1.32
C ALA A 46 -1.94 -9.26 2.33
N ASN A 47 -2.00 -8.89 3.61
CA ASN A 47 -1.39 -9.73 4.67
C ASN A 47 -2.17 -11.07 4.78
N VAL A 48 -3.52 -11.04 4.67
CA VAL A 48 -4.32 -12.21 4.70
C VAL A 48 -4.03 -13.13 3.50
N ARG A 49 -3.95 -12.54 2.30
CA ARG A 49 -3.49 -13.28 1.12
CA ARG A 49 -3.49 -13.27 1.10
C ARG A 49 -2.13 -13.93 1.34
N ALA A 50 -1.17 -13.18 1.91
CA ALA A 50 0.17 -13.71 2.13
C ALA A 50 0.14 -14.86 3.14
N LEU A 51 -0.71 -14.73 4.18
CA LEU A 51 -0.81 -15.81 5.15
C LEU A 51 -1.49 -17.05 4.58
N ARG A 52 -2.51 -16.86 3.76
CA ARG A 52 -3.19 -17.99 3.09
C ARG A 52 -2.21 -18.75 2.19
N GLU A 53 -1.30 -18.04 1.50
CA GLU A 53 -0.24 -18.69 0.70
C GLU A 53 0.63 -19.48 1.55
N ARG A 54 0.92 -18.94 2.73
CA ARG A 54 1.84 -19.59 3.65
C ARG A 54 1.25 -20.83 4.37
N ALA A 55 -0.07 -21.00 4.32
CA ALA A 55 -0.71 -22.14 4.98
C ALA A 55 -1.75 -22.71 4.03
N PRO A 56 -1.28 -23.25 2.87
CA PRO A 56 -2.21 -23.68 1.81
C PRO A 56 -3.15 -24.83 2.23
N GLY A 57 -2.75 -25.65 3.19
CA GLY A 57 -3.61 -26.77 3.64
C GLY A 57 -4.75 -26.40 4.59
N ALA A 58 -4.85 -25.13 5.00
CA ALA A 58 -5.69 -24.72 6.15
C ALA A 58 -6.56 -23.53 5.83
N ALA A 59 -7.74 -23.48 6.44
CA ALA A 59 -8.55 -22.30 6.46
C ALA A 59 -7.82 -21.29 7.37
N LEU A 60 -8.09 -20.02 7.15
CA LEU A 60 -7.50 -18.92 7.96
C LEU A 60 -8.58 -18.30 8.81
N MET A 61 -8.26 -18.18 10.10
CA MET A 61 -9.10 -17.42 11.02
C MET A 61 -8.49 -16.01 11.19
N ALA A 62 -9.33 -15.01 10.96
CA ALA A 62 -8.98 -13.62 11.23
C ALA A 62 -9.26 -13.36 12.71
N VAL A 63 -8.20 -13.24 13.48
CA VAL A 63 -8.35 -12.96 14.94
C VAL A 63 -8.55 -11.45 15.14
N VAL A 64 -9.79 -11.05 15.50
CA VAL A 64 -10.20 -9.70 15.59
C VAL A 64 -10.65 -9.29 17.01
N LYS A 65 -10.23 -10.07 17.99
CA LYS A 65 -10.41 -9.70 19.37
C LYS A 65 -9.75 -8.36 19.68
N ALA A 66 -10.12 -7.81 20.83
CA ALA A 66 -9.54 -6.56 21.36
C ALA A 66 -9.63 -5.46 20.32
N ASP A 67 -10.82 -5.29 19.77
CA ASP A 67 -11.08 -4.31 18.71
C ASP A 67 -10.05 -4.47 17.52
N ALA A 68 -9.88 -5.72 17.05
CA ALA A 68 -8.90 -6.07 16.05
C ALA A 68 -7.52 -5.54 16.41
N TYR A 69 -7.05 -5.89 17.62
CA TYR A 69 -5.71 -5.50 18.11
C TYR A 69 -5.56 -3.98 17.93
N GLY A 70 -6.60 -3.23 18.28
CA GLY A 70 -6.60 -1.79 18.19
C GLY A 70 -6.95 -1.14 16.82
N HIS A 71 -7.17 -1.97 15.80
CA HIS A 71 -7.37 -1.52 14.46
C HIS A 71 -8.81 -1.36 14.05
N GLY A 72 -9.75 -1.90 14.83
CA GLY A 72 -11.18 -1.74 14.56
C GLY A 72 -11.82 -3.07 14.17
N ALA A 73 -12.66 -3.65 15.04
CA ALA A 73 -13.08 -5.02 14.84
C ALA A 73 -13.83 -5.26 13.52
N ILE A 74 -14.90 -4.52 13.30
CA ILE A 74 -15.77 -4.77 12.18
C ILE A 74 -15.09 -4.46 10.81
N PRO A 75 -14.45 -3.30 10.66
CA PRO A 75 -13.80 -3.04 9.36
C PRO A 75 -12.72 -4.03 9.03
N CYS A 76 -11.95 -4.46 10.02
CA CYS A 76 -10.93 -5.46 9.77
C CYS A 76 -11.54 -6.81 9.46
N ALA A 77 -12.60 -7.20 10.21
CA ALA A 77 -13.31 -8.46 9.94
C ALA A 77 -13.80 -8.50 8.49
N ARG A 78 -14.40 -7.42 8.05
CA ARG A 78 -14.91 -7.38 6.66
C ARG A 78 -13.76 -7.53 5.67
N ALA A 79 -12.68 -6.77 5.86
CA ALA A 79 -11.55 -6.87 4.95
C ALA A 79 -10.95 -8.26 4.94
N ALA A 80 -10.80 -8.88 6.12
CA ALA A 80 -10.21 -10.15 6.18
C ALA A 80 -11.05 -11.20 5.44
N VAL A 81 -12.35 -11.10 5.59
CA VAL A 81 -13.28 -12.05 4.95
C VAL A 81 -13.20 -11.92 3.41
N ALA A 82 -13.17 -10.68 2.94
CA ALA A 82 -12.99 -10.35 1.53
C ALA A 82 -11.72 -10.97 0.99
N ALA A 83 -10.66 -11.04 1.79
CA ALA A 83 -9.39 -11.58 1.38
C ALA A 83 -9.28 -13.10 1.57
N GLY A 84 -10.34 -13.76 1.99
CA GLY A 84 -10.38 -15.22 2.06
C GLY A 84 -10.45 -15.85 3.43
N ALA A 85 -10.48 -15.05 4.51
CA ALA A 85 -10.68 -15.65 5.86
C ALA A 85 -12.05 -16.25 5.90
N THR A 86 -12.14 -17.48 6.35
CA THR A 86 -13.44 -18.15 6.51
C THR A 86 -13.93 -18.30 7.98
N TRP A 87 -13.03 -18.00 8.93
CA TRP A 87 -13.35 -17.96 10.36
C TRP A 87 -12.96 -16.57 10.89
N LEU A 88 -13.73 -16.10 11.88
CA LEU A 88 -13.37 -14.94 12.74
C LEU A 88 -13.22 -15.43 14.15
N GLY A 89 -12.20 -14.92 14.85
CA GLY A 89 -11.90 -15.28 16.22
C GLY A 89 -12.01 -14.06 17.14
N THR A 90 -12.70 -14.22 18.26
CA THR A 90 -12.74 -13.14 19.31
C THR A 90 -12.51 -13.75 20.67
N ALA A 91 -12.20 -12.90 21.65
CA ALA A 91 -12.00 -13.44 22.99
C ALA A 91 -13.40 -13.54 23.59
N THR A 92 -14.04 -12.41 23.80
CA THR A 92 -15.28 -12.42 24.61
C THR A 92 -16.50 -12.74 23.74
N PRO A 93 -17.58 -13.23 24.40
CA PRO A 93 -18.80 -13.41 23.64
C PRO A 93 -19.36 -12.14 23.11
N GLN A 94 -19.17 -11.06 23.85
CA GLN A 94 -19.70 -9.75 23.39
C GLN A 94 -19.08 -9.32 22.09
N GLU A 95 -17.77 -9.49 21.96
CA GLU A 95 -17.07 -9.23 20.69
C GLU A 95 -17.68 -10.06 19.55
N ALA A 96 -17.93 -11.34 19.81
CA ALA A 96 -18.41 -12.22 18.74
C ALA A 96 -19.82 -11.85 18.36
N LEU A 97 -20.63 -11.52 19.37
CA LEU A 97 -22.04 -11.15 19.13
C LEU A 97 -22.09 -9.83 18.34
N ALA A 98 -21.16 -8.91 18.59
CA ALA A 98 -21.11 -7.65 17.86
C ALA A 98 -20.80 -7.86 16.35
N LEU A 99 -20.00 -8.88 16.04
CA LEU A 99 -19.71 -9.25 14.65
C LEU A 99 -20.98 -9.80 14.01
N ARG A 100 -21.70 -10.71 14.69
CA ARG A 100 -22.97 -11.25 14.17
C ARG A 100 -23.97 -10.17 13.87
N ALA A 101 -24.01 -9.16 14.73
CA ALA A 101 -24.95 -8.05 14.60
C ALA A 101 -24.53 -6.93 13.65
N ALA A 102 -23.34 -6.98 13.07
CA ALA A 102 -22.87 -5.88 12.24
C ALA A 102 -23.83 -5.65 11.06
N GLU A 103 -24.07 -4.37 10.71
CA GLU A 103 -24.91 -3.97 9.58
C GLU A 103 -24.10 -3.07 8.64
N PRO A 104 -23.93 -3.45 7.39
CA PRO A 104 -24.47 -4.67 6.82
C PRO A 104 -23.79 -5.86 7.40
N GLY A 105 -24.48 -6.97 7.34
CA GLY A 105 -23.96 -8.17 7.89
C GLY A 105 -22.77 -8.67 7.15
N LEU A 106 -22.02 -9.52 7.82
CA LEU A 106 -20.90 -10.19 7.27
C LEU A 106 -21.62 -11.37 6.69
N PRO A 107 -20.98 -12.12 5.81
CA PRO A 107 -21.67 -13.28 5.27
C PRO A 107 -22.20 -14.24 6.36
N ASP A 108 -23.42 -14.72 6.15
CA ASP A 108 -24.07 -15.65 7.08
C ASP A 108 -23.26 -16.93 7.32
N ASP A 109 -22.53 -17.36 6.30
CA ASP A 109 -21.71 -18.59 6.36
C ASP A 109 -20.29 -18.45 7.01
N VAL A 110 -19.91 -17.27 7.50
CA VAL A 110 -18.62 -17.18 8.20
C VAL A 110 -18.79 -17.72 9.59
N ARG A 111 -17.83 -18.51 10.01
CA ARG A 111 -17.80 -19.07 11.35
C ARG A 111 -17.13 -18.04 12.25
N ILE A 112 -17.74 -17.84 13.41
CA ILE A 112 -17.24 -16.89 14.46
C ILE A 112 -17.05 -17.63 15.73
N MET A 113 -15.81 -17.68 16.21
CA MET A 113 -15.49 -18.41 17.41
C MET A 113 -15.13 -17.45 18.55
N CYS A 114 -15.53 -17.77 19.79
CA CYS A 114 -15.09 -17.03 20.99
C CYS A 114 -14.73 -17.99 22.09
N TRP A 115 -13.78 -17.58 22.89
CA TRP A 115 -13.23 -18.46 23.86
C TRP A 115 -13.08 -18.02 25.28
N LEU A 116 -13.23 -16.75 25.58
CA LEU A 116 -13.02 -16.24 26.96
C LEU A 116 -14.37 -16.10 27.68
N TRP A 117 -14.73 -17.17 28.34
CA TRP A 117 -16.06 -17.30 29.00
C TRP A 117 -15.89 -17.35 30.50
N THR A 118 -16.89 -16.83 31.21
CA THR A 118 -16.97 -16.99 32.66
C THR A 118 -18.41 -17.49 33.06
N PRO A 119 -18.50 -18.04 34.26
CA PRO A 119 -19.80 -18.58 34.73
C PRO A 119 -20.95 -17.61 34.63
N GLY A 120 -21.98 -18.03 33.94
CA GLY A 120 -23.19 -17.20 33.79
C GLY A 120 -23.20 -16.30 32.61
N GLY A 121 -22.18 -16.38 31.74
CA GLY A 121 -22.14 -15.58 30.51
C GLY A 121 -23.23 -15.98 29.53
N PRO A 122 -23.39 -15.21 28.44
CA PRO A 122 -24.54 -15.33 27.58
C PRO A 122 -24.47 -16.57 26.61
N TRP A 123 -24.36 -17.75 27.20
CA TRP A 123 -24.25 -18.98 26.45
C TRP A 123 -25.45 -19.16 25.51
N ARG A 124 -26.66 -18.87 25.99
CA ARG A 124 -27.85 -19.06 25.17
C ARG A 124 -27.86 -18.14 23.96
N GLU A 125 -27.54 -16.88 24.16
CA GLU A 125 -27.42 -15.92 23.04
CA GLU A 125 -27.43 -15.92 23.06
C GLU A 125 -26.36 -16.35 22.02
N ALA A 126 -25.28 -16.95 22.49
CA ALA A 126 -24.20 -17.40 21.61
C ALA A 126 -24.66 -18.60 20.77
N VAL A 127 -25.38 -19.53 21.41
CA VAL A 127 -25.96 -20.70 20.72
C VAL A 127 -26.98 -20.25 19.67
N GLU A 128 -27.86 -19.34 20.05
CA GLU A 128 -28.86 -18.82 19.11
C GLU A 128 -28.21 -18.03 17.96
N ALA A 129 -27.08 -17.35 18.23
CA ALA A 129 -26.29 -16.68 17.18
C ALA A 129 -25.33 -17.59 16.33
N ARG A 130 -25.35 -18.90 16.59
CA ARG A 130 -24.55 -19.89 15.86
C ARG A 130 -23.01 -19.69 16.00
N LEU A 131 -22.56 -19.33 17.17
CA LEU A 131 -21.17 -19.13 17.33
C LEU A 131 -20.51 -20.39 17.73
N ASP A 132 -19.29 -20.60 17.29
CA ASP A 132 -18.50 -21.62 17.91
C ASP A 132 -18.02 -21.14 19.27
N VAL A 133 -18.20 -21.94 20.33
CA VAL A 133 -17.84 -21.49 21.67
C VAL A 133 -16.86 -22.47 22.20
N SER A 134 -15.79 -21.98 22.74
CA SER A 134 -14.82 -22.84 23.36
C SER A 134 -15.25 -23.28 24.77
N VAL A 135 -14.85 -24.49 25.16
CA VAL A 135 -15.10 -25.07 26.46
C VAL A 135 -13.84 -25.73 26.89
N SER A 136 -13.37 -25.45 28.09
CA SER A 136 -12.16 -26.03 28.64
C SER A 136 -12.44 -26.79 29.94
N ALA A 137 -13.72 -26.82 30.38
CA ALA A 137 -14.03 -27.22 31.73
C ALA A 137 -15.44 -27.64 31.88
N MET A 138 -15.64 -28.49 32.90
CA MET A 138 -16.96 -29.06 33.12
C MET A 138 -18.04 -28.05 33.40
N TRP A 139 -17.71 -27.00 34.16
CA TRP A 139 -18.70 -25.94 34.45
C TRP A 139 -19.28 -25.42 33.19
N ALA A 140 -18.40 -25.19 32.23
CA ALA A 140 -18.78 -24.57 30.97
C ALA A 140 -19.52 -25.55 30.09
N MET A 141 -19.04 -26.79 30.11
CA MET A 141 -19.78 -27.89 29.44
C MET A 141 -21.24 -27.96 29.93
N GLU A 142 -21.40 -27.93 31.27
CA GLU A 142 -22.78 -27.92 31.88
C GLU A 142 -23.56 -26.71 31.44
N GLU A 143 -22.93 -25.53 31.43
CA GLU A 143 -23.71 -24.32 31.10
C GLU A 143 -24.15 -24.24 29.66
N VAL A 144 -23.27 -24.64 28.75
CA VAL A 144 -23.62 -24.53 27.31
C VAL A 144 -24.69 -25.61 26.94
N THR A 145 -24.57 -26.79 27.55
CA THR A 145 -25.57 -27.90 27.35
C THR A 145 -26.94 -27.47 27.91
N GLY A 146 -26.96 -26.88 29.09
CA GLY A 146 -28.16 -26.22 29.64
C GLY A 146 -28.75 -25.19 28.72
N ALA A 147 -27.89 -24.35 28.12
CA ALA A 147 -28.35 -23.30 27.24
C ALA A 147 -28.88 -23.86 25.93
N ALA A 148 -28.21 -24.88 25.42
CA ALA A 148 -28.67 -25.53 24.18
C ALA A 148 -30.05 -26.18 24.44
N ARG A 149 -30.13 -26.92 25.57
CA ARG A 149 -31.43 -27.50 26.05
C ARG A 149 -32.52 -26.42 26.12
N ALA A 150 -32.28 -25.29 26.78
CA ALA A 150 -33.29 -24.21 26.82
C ALA A 150 -33.58 -23.54 25.48
N ALA A 151 -32.58 -23.41 24.61
CA ALA A 151 -32.79 -22.73 23.30
C ALA A 151 -33.54 -23.61 22.30
N GLY A 152 -33.45 -24.93 22.49
CA GLY A 152 -33.99 -25.90 21.55
C GLY A 152 -33.21 -25.96 20.25
N VAL A 153 -31.94 -25.48 20.26
CA VAL A 153 -31.05 -25.60 19.08
C VAL A 153 -29.69 -26.04 19.56
N PRO A 154 -29.00 -26.87 18.77
CA PRO A 154 -27.73 -27.42 19.26
C PRO A 154 -26.59 -26.37 19.18
N ALA A 155 -25.62 -26.53 20.08
CA ALA A 155 -24.48 -25.64 20.20
C ALA A 155 -23.35 -26.20 19.32
N ARG A 156 -22.44 -25.31 18.91
CA ARG A 156 -21.17 -25.69 18.23
C ARG A 156 -20.06 -25.45 19.22
N VAL A 157 -19.38 -26.48 19.65
CA VAL A 157 -18.50 -26.40 20.78
C VAL A 157 -17.14 -26.81 20.31
N GLN A 158 -16.11 -26.05 20.73
CA GLN A 158 -14.71 -26.44 20.52
C GLN A 158 -14.06 -26.75 21.81
N LEU A 159 -13.42 -27.91 21.93
CA LEU A 159 -12.81 -28.26 23.20
C LEU A 159 -11.40 -27.78 23.18
N KCX A 160 -10.97 -27.04 24.20
CA KCX A 160 -9.62 -26.56 24.25
CB KCX A 160 -9.49 -25.14 24.77
CG KCX A 160 -8.11 -24.53 24.52
CD KCX A 160 -7.87 -23.12 25.09
CE KCX A 160 -6.51 -22.59 24.58
NZ KCX A 160 -5.82 -21.71 25.52
C KCX A 160 -8.80 -27.43 25.09
O KCX A 160 -9.16 -27.73 26.26
CX KCX A 160 -6.28 -20.47 25.77
OQ1 KCX A 160 -7.29 -19.95 25.31
OQ2 KCX A 160 -5.67 -19.73 26.63
N ALA A 161 -7.65 -27.85 24.52
CA ALA A 161 -6.69 -28.70 25.24
C ALA A 161 -5.56 -27.89 25.78
N ASP A 162 -5.16 -28.11 27.04
CA ASP A 162 -3.98 -27.52 27.58
C ASP A 162 -2.82 -28.46 27.28
N THR A 163 -2.10 -28.12 26.23
CA THR A 163 -1.02 -28.93 25.74
C THR A 163 0.30 -28.50 26.29
N GLY A 164 0.35 -27.51 27.19
CA GLY A 164 1.62 -27.03 27.75
C GLY A 164 1.68 -25.52 28.13
N LEU A 165 0.70 -24.76 27.64
CA LEU A 165 0.65 -23.31 27.87
C LEU A 165 0.21 -22.96 29.28
N GLY A 166 -0.62 -23.83 29.86
CA GLY A 166 -0.98 -23.70 31.28
C GLY A 166 -1.87 -22.52 31.52
N ARG A 167 -2.68 -22.22 30.53
CA ARG A 167 -3.55 -21.06 30.56
CA ARG A 167 -3.55 -21.06 30.56
C ARG A 167 -4.98 -21.54 30.49
N GLY A 168 -5.69 -21.29 29.41
CA GLY A 168 -7.13 -21.59 29.36
C GLY A 168 -7.59 -23.02 29.08
N GLY A 169 -6.71 -23.93 28.67
CA GLY A 169 -7.24 -25.28 28.22
C GLY A 169 -7.55 -26.31 29.33
N CYS A 170 -8.17 -27.42 28.90
CA CYS A 170 -8.35 -28.64 29.71
C CYS A 170 -7.09 -29.47 29.84
N GLN A 171 -6.67 -29.84 31.05
CA GLN A 171 -5.48 -30.70 31.22
C GLN A 171 -5.67 -32.08 30.56
N PRO A 172 -4.57 -32.68 30.08
CA PRO A 172 -4.62 -34.11 29.73
C PRO A 172 -4.89 -35.01 30.94
N GLY A 173 -5.22 -36.27 30.65
CA GLY A 173 -5.51 -37.25 31.68
C GLY A 173 -6.97 -37.17 32.03
N ALA A 174 -7.24 -37.30 33.33
CA ALA A 174 -8.63 -37.46 33.78
C ALA A 174 -9.57 -36.32 33.38
N ASP A 175 -9.07 -35.06 33.50
CA ASP A 175 -9.89 -33.90 33.10
C ASP A 175 -10.36 -34.03 31.66
N TRP A 176 -9.44 -34.36 30.76
CA TRP A 176 -9.79 -34.49 29.32
C TRP A 176 -10.72 -35.68 29.07
N GLU A 177 -10.39 -36.80 29.75
CA GLU A 177 -11.24 -38.00 29.62
C GLU A 177 -12.68 -37.63 30.00
N ARG A 178 -12.83 -36.92 31.12
CA ARG A 178 -14.15 -36.55 31.60
C ARG A 178 -14.84 -35.55 30.68
N LEU A 179 -14.05 -34.58 30.18
CA LEU A 179 -14.64 -33.58 29.26
C LEU A 179 -15.09 -34.14 27.93
N VAL A 180 -14.26 -34.99 27.35
CA VAL A 180 -14.62 -35.71 26.11
C VAL A 180 -15.86 -36.60 26.32
N GLY A 181 -15.86 -37.29 27.46
CA GLY A 181 -17.02 -38.10 27.87
C GLY A 181 -18.30 -37.29 27.94
N ALA A 182 -18.25 -36.11 28.56
CA ALA A 182 -19.48 -35.29 28.70
C ALA A 182 -19.94 -34.76 27.41
N ALA A 183 -18.98 -34.42 26.55
CA ALA A 183 -19.27 -33.94 25.21
C ALA A 183 -20.01 -34.99 24.35
N LEU A 184 -19.52 -36.22 24.40
CA LEU A 184 -20.18 -37.39 23.69
C LEU A 184 -21.62 -37.61 24.15
N ARG A 185 -21.83 -37.54 25.45
CA ARG A 185 -23.19 -37.66 25.99
CA ARG A 185 -23.17 -37.64 26.07
CA ARG A 185 -23.19 -37.66 25.99
C ARG A 185 -24.08 -36.55 25.49
N ALA A 186 -23.55 -35.31 25.46
CA ALA A 186 -24.33 -34.18 24.94
C ALA A 186 -24.61 -34.31 23.47
N GLU A 187 -23.67 -34.89 22.73
CA GLU A 187 -23.87 -35.23 21.31
C GLU A 187 -24.99 -36.26 21.17
N GLU A 188 -24.88 -37.31 21.97
CA GLU A 188 -25.94 -38.38 22.02
C GLU A 188 -27.33 -37.77 22.26
N GLU A 189 -27.44 -36.81 23.18
CA GLU A 189 -28.73 -36.13 23.41
C GLU A 189 -29.08 -35.09 22.36
N GLY A 190 -28.24 -34.86 21.35
CA GLY A 190 -28.55 -33.83 20.29
C GLY A 190 -28.41 -32.36 20.76
N LEU A 191 -27.64 -32.14 21.81
CA LEU A 191 -27.54 -30.80 22.42
C LEU A 191 -26.38 -30.00 21.85
N LEU A 192 -25.40 -30.71 21.32
CA LEU A 192 -24.23 -30.01 20.70
C LEU A 192 -23.53 -30.90 19.71
N ARG A 193 -22.59 -30.31 18.99
CA ARG A 193 -21.64 -31.01 18.18
C ARG A 193 -20.31 -30.40 18.49
N VAL A 194 -19.33 -31.25 18.75
CA VAL A 194 -17.98 -30.78 18.94
C VAL A 194 -17.44 -30.47 17.53
N THR A 195 -17.37 -29.19 17.20
CA THR A 195 -16.94 -28.72 15.87
C THR A 195 -15.43 -28.57 15.77
N GLY A 196 -14.71 -28.47 16.88
CA GLY A 196 -13.26 -28.37 16.88
C GLY A 196 -12.55 -28.81 18.13
N LEU A 197 -11.28 -29.12 17.96
CA LEU A 197 -10.41 -29.45 19.02
C LEU A 197 -9.22 -28.52 18.81
N TRP A 198 -8.82 -27.79 19.84
CA TRP A 198 -7.77 -26.76 19.66
C TRP A 198 -6.89 -26.53 20.82
N SER A 199 -5.77 -25.86 20.58
CA SER A 199 -4.91 -25.46 21.65
C SER A 199 -4.12 -24.20 21.22
N HIS A 200 -3.11 -23.86 21.99
CA HIS A 200 -2.32 -22.62 21.74
C HIS A 200 -0.95 -22.80 22.29
N PHE A 201 0.06 -22.30 21.56
CA PHE A 201 1.46 -22.47 21.92
C PHE A 201 2.00 -21.44 22.87
N ALA A 202 2.93 -21.87 23.72
CA ALA A 202 3.63 -21.00 24.63
C ALA A 202 4.83 -20.27 24.05
N CYS A 203 5.60 -20.96 23.20
CA CYS A 203 6.91 -20.45 22.78
C CYS A 203 7.19 -20.51 21.29
N ALA A 204 6.13 -20.52 20.49
CA ALA A 204 6.28 -20.65 19.05
C ALA A 204 7.06 -19.48 18.41
N ASP A 205 7.11 -18.37 19.13
CA ASP A 205 7.93 -17.22 18.69
C ASP A 205 9.45 -17.42 18.86
N GLU A 206 9.88 -18.54 19.49
CA GLU A 206 11.29 -18.90 19.65
C GLU A 206 11.52 -20.20 18.85
N PRO A 207 11.93 -20.10 17.60
CA PRO A 207 11.95 -21.31 16.77
C PRO A 207 12.95 -22.36 17.31
N GLY A 208 12.56 -23.63 17.28
CA GLY A 208 13.31 -24.71 17.94
C GLY A 208 13.18 -24.86 19.45
N HIS A 209 12.41 -23.99 20.15
CA HIS A 209 12.23 -24.15 21.61
C HIS A 209 11.57 -25.56 21.84
N PRO A 210 12.11 -26.35 22.77
CA PRO A 210 11.67 -27.76 22.89
C PRO A 210 10.16 -27.91 23.29
N SER A 211 9.56 -26.91 23.95
CA SER A 211 8.10 -26.91 24.28
C SER A 211 7.23 -26.96 23.06
N ILE A 212 7.72 -26.50 21.90
CA ILE A 212 6.90 -26.49 20.69
C ILE A 212 6.57 -27.93 20.29
N ALA A 213 7.63 -28.71 20.09
CA ALA A 213 7.45 -30.15 19.75
C ALA A 213 6.63 -30.84 20.84
N ALA A 214 6.91 -30.54 22.09
CA ALA A 214 6.21 -31.18 23.21
C ALA A 214 4.73 -30.90 23.13
N GLN A 215 4.37 -29.64 22.81
CA GLN A 215 2.95 -29.32 22.70
C GLN A 215 2.31 -29.94 21.53
N LEU A 216 3.02 -30.03 20.39
CA LEU A 216 2.44 -30.63 19.18
C LEU A 216 2.16 -32.14 19.44
N THR A 217 3.12 -32.78 20.09
CA THR A 217 2.99 -34.23 20.44
C THR A 217 1.79 -34.44 21.36
N ARG A 218 1.69 -33.61 22.39
CA ARG A 218 0.55 -33.68 23.29
C ARG A 218 -0.79 -33.33 22.58
N PHE A 219 -0.79 -32.33 21.70
CA PHE A 219 -1.95 -32.02 20.89
C PHE A 219 -2.40 -33.21 20.06
N ARG A 220 -1.44 -33.85 19.38
CA ARG A 220 -1.74 -35.06 18.57
CA ARG A 220 -1.74 -35.06 18.57
C ARG A 220 -2.35 -36.19 19.41
N GLU A 221 -1.75 -36.45 20.55
CA GLU A 221 -2.28 -37.47 21.47
C GLU A 221 -3.71 -37.10 22.00
N MET A 222 -3.91 -35.87 22.49
CA MET A 222 -5.20 -35.52 23.06
C MET A 222 -6.29 -35.50 22.00
N THR A 223 -5.95 -35.07 20.78
CA THR A 223 -6.94 -35.07 19.69
C THR A 223 -7.22 -36.51 19.16
N ALA A 224 -6.16 -37.31 19.05
CA ALA A 224 -6.30 -38.75 18.65
C ALA A 224 -7.27 -39.42 19.65
N TYR A 225 -6.98 -39.22 20.94
CA TYR A 225 -7.84 -39.76 21.99
C TYR A 225 -9.29 -39.36 21.85
N ALA A 226 -9.55 -38.09 21.56
CA ALA A 226 -10.92 -37.64 21.44
C ALA A 226 -11.67 -38.21 20.24
N GLU A 227 -10.97 -38.34 19.14
CA GLU A 227 -11.55 -38.88 17.91
C GLU A 227 -11.84 -40.40 18.04
N GLN A 228 -10.92 -41.12 18.66
CA GLN A 228 -11.06 -42.56 18.94
C GLN A 228 -12.24 -42.82 19.91
N ARG A 229 -12.55 -41.87 20.79
CA ARG A 229 -13.72 -41.98 21.66
C ARG A 229 -15.01 -41.68 20.87
N GLY A 230 -14.92 -41.05 19.72
CA GLY A 230 -16.09 -40.82 18.84
C GLY A 230 -16.30 -39.39 18.36
N LEU A 231 -15.53 -38.44 18.88
CA LEU A 231 -15.68 -37.05 18.45
C LEU A 231 -15.18 -36.85 17.01
N ARG A 232 -15.93 -36.07 16.24
CA ARG A 232 -15.68 -35.85 14.83
C ARG A 232 -15.66 -34.31 14.52
N PRO A 233 -14.56 -33.66 14.93
CA PRO A 233 -14.46 -32.20 14.71
C PRO A 233 -14.26 -31.80 13.25
N GLU A 234 -14.86 -30.70 12.84
CA GLU A 234 -14.60 -30.10 11.50
C GLU A 234 -13.18 -29.56 11.45
N VAL A 235 -12.67 -29.01 12.55
CA VAL A 235 -11.31 -28.44 12.53
C VAL A 235 -10.50 -28.80 13.75
N ARG A 236 -9.22 -29.04 13.51
CA ARG A 236 -8.20 -29.09 14.53
CA ARG A 236 -8.20 -29.09 14.53
C ARG A 236 -7.27 -27.92 14.29
N HIS A 237 -6.92 -27.20 15.36
CA HIS A 237 -6.06 -25.99 15.22
C HIS A 237 -5.26 -25.66 16.47
N ILE A 238 -4.01 -25.28 16.23
CA ILE A 238 -3.10 -24.87 17.24
C ILE A 238 -2.24 -23.61 16.90
N ALA A 239 -2.20 -23.26 15.65
CA ALA A 239 -1.30 -22.22 15.24
C ALA A 239 -1.67 -20.78 15.34
N ASN A 240 -0.83 -20.06 16.05
CA ASN A 240 -0.89 -18.58 16.09
C ASN A 240 -0.01 -18.03 14.95
N SER A 241 0.33 -16.72 15.01
CA SER A 241 1.16 -16.16 13.95
C SER A 241 2.55 -16.80 13.87
N PRO A 242 3.29 -16.85 14.95
CA PRO A 242 4.65 -17.36 14.72
C PRO A 242 4.69 -18.84 14.25
N ALA A 243 3.74 -19.68 14.74
CA ALA A 243 3.60 -21.05 14.21
C ALA A 243 3.15 -21.06 12.75
N THR A 244 2.25 -20.18 12.36
CA THR A 244 1.79 -20.15 11.03
C THR A 244 2.97 -19.86 10.08
N LEU A 245 3.81 -18.94 10.50
CA LEU A 245 4.92 -18.46 9.68
C LEU A 245 6.08 -19.45 9.58
N THR A 246 6.28 -20.28 10.59
CA THR A 246 7.47 -21.11 10.70
C THR A 246 7.25 -22.62 10.83
N LEU A 247 6.00 -23.08 11.00
CA LEU A 247 5.73 -24.53 11.34
C LEU A 247 4.58 -25.06 10.56
N PRO A 248 4.85 -25.46 9.31
CA PRO A 248 3.83 -26.09 8.49
C PRO A 248 3.19 -27.32 9.10
N ASP A 249 3.91 -28.08 9.91
CA ASP A 249 3.33 -29.27 10.64
C ASP A 249 2.26 -28.91 11.67
N ALA A 250 2.25 -27.66 12.09
CA ALA A 250 1.25 -27.14 13.02
C ALA A 250 0.06 -26.48 12.36
N HIS A 251 -0.05 -26.51 11.05
CA HIS A 251 -1.20 -25.87 10.40
C HIS A 251 -2.53 -26.56 10.53
N PHE A 252 -2.53 -27.91 10.49
CA PHE A 252 -3.75 -28.68 10.59
C PHE A 252 -4.82 -28.16 9.69
N ASP A 253 -6.05 -27.99 10.16
CA ASP A 253 -7.15 -27.57 9.28
C ASP A 253 -7.41 -26.09 9.31
N LEU A 254 -6.76 -25.39 10.23
CA LEU A 254 -7.09 -23.96 10.52
C LEU A 254 -5.92 -23.29 11.20
N VAL A 255 -5.58 -22.09 10.75
CA VAL A 255 -4.54 -21.25 11.38
C VAL A 255 -5.14 -19.95 11.93
N ARG A 256 -4.54 -19.41 12.97
CA ARG A 256 -5.07 -18.21 13.67
C ARG A 256 -3.95 -17.12 13.77
N PRO A 257 -3.51 -16.57 12.64
CA PRO A 257 -2.37 -15.64 12.66
C PRO A 257 -2.81 -14.16 12.96
N GLY A 258 -3.02 -13.83 14.23
CA GLY A 258 -3.52 -12.51 14.62
C GLY A 258 -2.57 -11.36 14.29
N ILE A 259 -1.45 -11.26 15.00
CA ILE A 259 -0.56 -10.11 14.87
C ILE A 259 -0.04 -9.96 13.41
N ALA A 260 0.25 -11.08 12.76
CA ALA A 260 0.70 -11.09 11.38
C ALA A 260 -0.32 -10.53 10.44
N MET A 261 -1.63 -10.73 10.71
CA MET A 261 -2.65 -10.13 9.87
C MET A 261 -2.56 -8.60 9.87
N TYR A 262 -2.13 -8.03 11.00
CA TYR A 262 -1.97 -6.57 11.17
C TYR A 262 -0.58 -6.12 10.70
N GLY A 263 0.13 -7.03 10.06
CA GLY A 263 1.43 -6.74 9.44
C GLY A 263 2.58 -6.62 10.32
N VAL A 264 2.44 -7.08 11.55
CA VAL A 264 3.47 -6.92 12.56
C VAL A 264 4.07 -8.30 12.85
N SER A 265 5.40 -8.40 12.89
CA SER A 265 6.02 -9.69 13.18
C SER A 265 5.89 -10.07 14.67
N PRO A 266 5.65 -11.35 14.98
CA PRO A 266 5.49 -11.75 16.35
C PRO A 266 6.75 -11.56 17.20
N SER A 267 7.94 -11.63 16.59
CA SER A 267 9.18 -11.24 17.25
C SER A 267 10.30 -11.02 16.22
N PRO A 268 11.32 -10.22 16.58
CA PRO A 268 12.49 -10.08 15.67
C PRO A 268 13.21 -11.43 15.44
N GLU A 269 13.11 -12.34 16.41
CA GLU A 269 13.64 -13.72 16.31
C GLU A 269 12.98 -14.53 15.12
N ILE A 270 11.67 -14.34 14.94
CA ILE A 270 10.93 -14.85 13.80
C ILE A 270 11.32 -14.11 12.50
N GLY A 271 11.46 -12.78 12.58
CA GLY A 271 11.88 -11.94 11.45
C GLY A 271 11.16 -10.58 11.38
N THR A 272 11.28 -9.93 10.23
CA THR A 272 10.62 -8.69 9.96
C THR A 272 9.37 -8.92 9.17
N PRO A 273 8.46 -7.92 9.14
CA PRO A 273 7.31 -8.12 8.27
C PRO A 273 7.69 -8.42 6.84
N ALA A 274 8.67 -7.69 6.31
CA ALA A 274 9.08 -7.85 4.92
C ALA A 274 9.54 -9.30 4.65
N ASP A 275 10.18 -9.94 5.61
CA ASP A 275 10.56 -11.37 5.46
C ASP A 275 9.41 -12.27 5.12
N PHE A 276 8.16 -11.90 5.49
CA PHE A 276 6.99 -12.72 5.24
C PHE A 276 6.00 -12.14 4.27
N GLY A 277 6.38 -11.10 3.56
CA GLY A 277 5.45 -10.53 2.56
C GLY A 277 4.33 -9.74 3.30
N LEU A 278 4.66 -9.27 4.49
CA LEU A 278 3.67 -8.51 5.36
C LEU A 278 3.94 -7.03 5.39
N ARG A 279 2.89 -6.25 5.60
CA ARG A 279 3.01 -4.77 5.70
C ARG A 279 2.18 -4.29 6.93
N PRO A 280 2.80 -3.59 7.88
CA PRO A 280 2.07 -2.98 8.99
C PRO A 280 0.89 -2.20 8.54
N VAL A 281 -0.23 -2.45 9.22
CA VAL A 281 -1.53 -1.91 8.81
C VAL A 281 -1.79 -0.55 9.43
N MET A 282 -1.28 -0.33 10.63
CA MET A 282 -1.50 0.91 11.38
C MET A 282 -0.38 1.94 11.23
N THR A 283 -0.78 3.20 10.99
CA THR A 283 0.14 4.33 11.07
C THR A 283 -0.39 5.28 12.10
N LEU A 284 0.45 5.62 13.07
CA LEU A 284 0.07 6.53 14.18
C LEU A 284 0.82 7.86 13.98
N ALA A 285 0.04 8.94 13.86
CA ALA A 285 0.60 10.27 13.58
C ALA A 285 -0.16 11.35 14.35
N ALA A 286 0.54 12.45 14.61
CA ALA A 286 -0.06 13.60 15.27
C ALA A 286 0.46 14.91 14.66
N SER A 287 -0.23 16.00 15.04
CA SER A 287 0.10 17.35 14.54
C SER A 287 0.74 18.11 15.64
N LEU A 288 1.88 18.73 15.39
CA LEU A 288 2.59 19.42 16.45
C LEU A 288 1.72 20.56 17.04
N ALA A 289 1.66 20.63 18.36
CA ALA A 289 0.82 21.61 19.05
C ALA A 289 1.62 22.88 19.34
N LEU A 290 2.94 22.80 19.39
CA LEU A 290 3.74 23.95 19.75
C LEU A 290 5.16 23.72 19.28
N VAL A 291 5.79 24.78 18.77
CA VAL A 291 7.25 24.76 18.47
C VAL A 291 7.84 26.01 19.11
N LYS A 292 8.81 25.88 19.99
CA LYS A 292 9.27 27.04 20.71
C LYS A 292 10.75 26.97 21.00
N GLN A 293 11.35 28.15 21.07
CA GLN A 293 12.79 28.26 21.40
C GLN A 293 12.98 28.33 22.89
N VAL A 294 13.99 27.66 23.43
CA VAL A 294 14.28 27.66 24.83
C VAL A 294 15.80 27.76 25.04
N PRO A 295 16.19 28.40 26.15
CA PRO A 295 17.63 28.40 26.47
C PRO A 295 18.19 27.03 26.85
N GLY A 296 19.53 26.96 26.96
CA GLY A 296 20.21 25.85 27.58
C GLY A 296 19.92 25.81 29.07
N GLY A 297 20.22 24.67 29.71
CA GLY A 297 19.92 24.43 31.10
C GLY A 297 18.43 24.40 31.50
N HIS A 298 17.53 24.27 30.53
CA HIS A 298 16.06 24.25 30.79
C HIS A 298 15.65 22.79 30.96
N GLY A 299 15.09 22.46 32.13
CA GLY A 299 14.46 21.12 32.35
C GLY A 299 13.29 20.85 31.40
N VAL A 300 13.07 19.58 31.05
CA VAL A 300 11.95 19.23 30.15
C VAL A 300 11.13 18.11 30.78
N SER A 301 9.85 18.43 31.01
CA SER A 301 8.82 17.46 31.52
C SER A 301 9.06 16.96 32.93
N TYR A 302 8.15 16.12 33.43
CA TYR A 302 8.12 15.78 34.84
C TYR A 302 9.44 15.16 35.35
N GLY A 303 9.85 15.58 36.54
CA GLY A 303 11.10 15.11 37.13
C GLY A 303 12.36 15.71 36.46
N HIS A 304 12.20 16.47 35.39
CA HIS A 304 13.33 17.05 34.65
C HIS A 304 14.40 16.01 34.31
N HIS A 305 13.97 14.91 33.70
CA HIS A 305 14.91 13.85 33.32
C HIS A 305 15.66 14.19 32.07
N TYR A 306 15.29 15.29 31.42
CA TYR A 306 16.04 15.87 30.32
C TYR A 306 16.23 17.36 30.56
N THR A 307 17.42 17.83 30.20
CA THR A 307 17.81 19.24 30.33
C THR A 307 18.45 19.67 29.03
N THR A 308 17.97 20.77 28.42
CA THR A 308 18.49 21.22 27.15
C THR A 308 20.02 21.49 27.32
N PRO A 309 20.87 20.98 26.39
CA PRO A 309 22.35 21.14 26.58
C PRO A 309 22.81 22.53 26.12
N GLY A 310 22.01 23.17 25.28
CA GLY A 310 22.20 24.57 24.92
C GLY A 310 20.91 25.09 24.32
N GLU A 311 20.96 26.29 23.73
CA GLU A 311 19.78 26.92 23.15
C GLU A 311 19.26 26.01 22.03
N THR A 312 17.94 25.84 21.96
CA THR A 312 17.34 24.84 21.05
C THR A 312 15.84 25.07 20.82
N THR A 313 15.21 24.23 19.99
CA THR A 313 13.79 24.30 19.80
C THR A 313 13.15 23.00 20.37
N LEU A 314 11.95 23.14 20.95
CA LEU A 314 11.21 21.99 21.49
C LEU A 314 9.92 21.91 20.72
N GLY A 315 9.48 20.68 20.47
CA GLY A 315 8.24 20.44 19.72
C GLY A 315 7.30 19.66 20.64
N LEU A 316 6.03 20.06 20.68
CA LEU A 316 5.01 19.39 21.55
C LEU A 316 4.14 18.49 20.76
N VAL A 317 4.25 17.16 21.05
CA VAL A 317 3.46 16.17 20.31
C VAL A 317 2.22 15.87 21.21
N PRO A 318 1.02 16.17 20.71
CA PRO A 318 -0.18 16.11 21.55
C PRO A 318 -0.77 14.71 21.72
N LEU A 319 0.09 13.79 22.11
CA LEU A 319 -0.32 12.42 22.41
C LEU A 319 0.41 12.07 23.69
N GLY A 320 -0.27 11.33 24.57
CA GLY A 320 0.34 10.89 25.87
C GLY A 320 -0.09 9.47 26.28
N TYR A 321 0.26 9.04 27.49
CA TYR A 321 -0.04 7.68 27.91
C TYR A 321 -1.61 7.42 27.92
N ALA A 322 -2.49 8.42 28.11
CA ALA A 322 -3.93 8.14 27.97
C ALA A 322 -4.32 7.77 26.54
N ASP A 323 -3.52 8.15 25.55
CA ASP A 323 -3.71 7.78 24.16
C ASP A 323 -2.99 6.48 23.78
N GLY A 324 -2.36 5.86 24.75
CA GLY A 324 -1.65 4.68 24.52
C GLY A 324 -0.12 4.84 24.19
N ILE A 325 0.44 6.05 24.42
CA ILE A 325 1.88 6.20 24.24
C ILE A 325 2.47 5.72 25.53
N PRO A 326 3.14 4.53 25.53
CA PRO A 326 3.54 4.00 26.86
C PRO A 326 4.46 4.88 27.64
N ARG A 327 4.18 5.04 28.91
CA ARG A 327 5.07 5.86 29.75
C ARG A 327 6.51 5.28 29.78
N HIS A 328 6.65 3.97 29.62
CA HIS A 328 7.95 3.34 29.58
C HIS A 328 8.84 3.79 28.45
N ALA A 329 8.30 4.39 27.37
CA ALA A 329 9.10 4.94 26.30
C ALA A 329 9.64 6.37 26.62
N SER A 330 9.44 6.86 27.85
CA SER A 330 9.99 8.15 28.32
C SER A 330 11.55 8.13 28.00
N SER A 331 12.08 9.24 27.53
CA SER A 331 13.49 9.35 27.06
C SER A 331 13.88 8.44 25.88
N SER A 332 12.97 7.63 25.28
CA SER A 332 13.43 6.74 24.18
C SER A 332 12.55 6.63 22.97
N GLY A 333 11.26 6.92 23.07
CA GLY A 333 10.36 6.73 21.92
C GLY A 333 10.73 7.51 20.68
N PRO A 334 10.72 6.89 19.50
CA PRO A 334 11.08 7.59 18.30
C PRO A 334 9.91 8.20 17.57
N VAL A 335 10.12 9.34 16.95
CA VAL A 335 9.13 9.96 16.13
C VAL A 335 9.76 10.74 14.97
N LEU A 336 9.20 10.57 13.78
CA LEU A 336 9.64 11.31 12.60
C LEU A 336 8.97 12.69 12.62
N VAL A 337 9.80 13.75 12.69
CA VAL A 337 9.30 15.13 12.65
C VAL A 337 10.24 15.94 11.71
N ASP A 338 9.66 16.63 10.74
CA ASP A 338 10.40 17.61 9.92
C ASP A 338 11.66 16.97 9.32
N GLY A 339 11.47 15.79 8.74
CA GLY A 339 12.55 15.08 8.08
C GLY A 339 13.57 14.28 8.85
N LYS A 340 13.54 14.27 10.17
CA LYS A 340 14.49 13.47 10.96
C LYS A 340 13.77 12.72 12.10
N TRP A 341 14.35 11.61 12.55
CA TRP A 341 13.90 10.97 13.80
C TRP A 341 14.27 11.77 14.98
N ARG A 342 13.28 12.04 15.83
CA ARG A 342 13.50 12.66 17.11
C ARG A 342 13.22 11.64 18.15
N THR A 343 13.70 11.86 19.35
CA THR A 343 13.32 10.98 20.42
C THR A 343 12.68 11.76 21.54
N VAL A 344 11.85 11.05 22.31
CA VAL A 344 11.16 11.65 23.43
C VAL A 344 12.16 12.27 24.37
N ALA A 345 11.96 13.56 24.69
CA ALA A 345 12.70 14.22 25.79
C ALA A 345 12.04 14.09 27.14
N GLY A 346 12.67 13.29 28.02
CA GLY A 346 12.18 13.08 29.37
C GLY A 346 10.85 12.32 29.40
N ARG A 347 10.04 12.67 30.39
CA ARG A 347 8.84 11.89 30.72
CA ARG A 347 8.84 11.89 30.72
C ARG A 347 7.66 12.15 29.78
N ILE A 348 7.01 11.06 29.37
CA ILE A 348 5.82 11.15 28.60
C ILE A 348 4.71 11.47 29.67
N ALA A 349 3.87 12.41 29.32
CA ALA A 349 2.79 12.83 30.21
C ALA A 349 1.50 12.17 29.74
N MET A 350 0.36 12.50 30.39
CA MET A 350 -0.88 11.78 30.08
C MET A 350 -1.40 12.11 28.68
N ASP A 351 -1.18 13.35 28.25
CA ASP A 351 -1.79 13.83 27.03
C ASP A 351 -0.80 14.35 25.97
N GLN A 352 0.47 14.35 26.31
CA GLN A 352 1.48 14.96 25.45
C GLN A 352 2.88 14.50 25.84
N PHE A 353 3.81 14.74 24.93
CA PHE A 353 5.22 14.65 25.22
C PHE A 353 5.98 15.69 24.34
N VAL A 354 7.23 15.86 24.74
CA VAL A 354 8.11 16.83 24.07
C VAL A 354 9.25 16.13 23.38
N VAL A 355 9.67 16.71 22.26
CA VAL A 355 10.92 16.29 21.59
C VAL A 355 11.83 17.54 21.44
N ASP A 356 13.13 17.33 21.61
CA ASP A 356 14.17 18.36 21.27
C ASP A 356 14.34 18.34 19.76
N LEU A 357 13.94 19.43 19.08
CA LEU A 357 14.04 19.52 17.64
C LEU A 357 15.47 20.08 17.16
N GLY A 358 16.41 20.24 18.06
CA GLY A 358 17.77 20.64 17.69
C GLY A 358 17.92 21.98 16.98
N GLY A 359 16.93 22.86 16.99
CA GLY A 359 17.01 24.15 16.31
C GLY A 359 16.07 24.23 15.16
N ASP A 360 15.51 23.11 14.72
CA ASP A 360 14.64 23.16 13.57
C ASP A 360 13.36 23.87 13.98
N ARG A 361 12.67 24.41 13.00
CA ARG A 361 11.50 25.21 13.22
C ARG A 361 10.42 24.79 12.27
N PRO A 362 9.91 23.54 12.44
CA PRO A 362 8.71 23.20 11.65
C PRO A 362 7.54 24.10 12.03
N GLU A 363 6.51 24.14 11.22
CA GLU A 363 5.31 24.91 11.56
C GLU A 363 4.50 24.17 12.63
N PRO A 364 3.79 24.92 13.51
CA PRO A 364 2.79 24.26 14.31
C PRO A 364 1.84 23.57 13.39
N GLY A 365 1.38 22.39 13.78
CA GLY A 365 0.52 21.62 12.92
C GLY A 365 1.25 20.65 12.02
N ALA A 366 2.59 20.70 11.99
CA ALA A 366 3.36 19.83 11.11
C ALA A 366 3.14 18.38 11.60
N GLU A 367 3.16 17.47 10.66
CA GLU A 367 3.00 16.00 10.96
C GLU A 367 4.18 15.39 11.77
N ALA A 368 3.85 14.64 12.83
CA ALA A 368 4.85 13.87 13.60
C ALA A 368 4.39 12.43 13.44
N VAL A 369 5.21 11.57 12.85
CA VAL A 369 4.76 10.20 12.54
C VAL A 369 5.45 9.31 13.58
N LEU A 370 4.65 8.71 14.45
CA LEU A 370 5.23 7.96 15.56
C LEU A 370 5.61 6.54 15.05
N PHE A 371 4.72 5.91 14.30
CA PHE A 371 5.00 4.63 13.66
C PHE A 371 4.14 4.35 12.51
N GLY A 372 4.62 3.43 11.68
CA GLY A 372 3.87 2.97 10.53
C GLY A 372 4.66 1.83 9.87
N PRO A 373 4.36 1.56 8.62
CA PRO A 373 5.03 0.43 7.91
C PRO A 373 6.52 0.64 7.72
N GLY A 374 6.96 1.89 7.71
CA GLY A 374 8.39 2.22 7.79
C GLY A 374 8.99 2.64 6.44
N ASP A 375 8.19 2.61 5.39
CA ASP A 375 8.73 2.89 4.07
C ASP A 375 8.89 4.41 3.79
N ARG A 376 8.36 5.30 4.64
CA ARG A 376 8.61 6.73 4.50
C ARG A 376 9.60 7.23 5.48
N GLY A 377 10.48 6.36 5.95
CA GLY A 377 11.47 6.78 6.92
C GLY A 377 10.93 6.93 8.35
N GLU A 378 9.70 6.48 8.60
CA GLU A 378 9.14 6.58 9.99
C GLU A 378 9.48 5.34 10.80
N PRO A 379 9.45 5.45 12.15
CA PRO A 379 9.61 4.23 12.97
C PRO A 379 8.47 3.24 12.80
N THR A 380 8.71 2.02 13.26
CA THR A 380 7.67 0.98 13.27
C THR A 380 7.17 0.75 14.71
N ALA A 381 6.06 0.04 14.82
CA ALA A 381 5.56 -0.37 16.14
C ALA A 381 6.61 -1.18 16.91
N GLU A 382 7.42 -1.99 16.19
CA GLU A 382 8.55 -2.73 16.83
C GLU A 382 9.58 -1.80 17.45
N ASP A 383 9.88 -0.68 16.80
CA ASP A 383 10.79 0.32 17.42
C ASP A 383 10.22 0.85 18.73
N TRP A 384 8.91 1.09 18.76
CA TRP A 384 8.27 1.51 20.01
C TRP A 384 8.28 0.45 21.09
N ALA A 385 7.98 -0.78 20.69
CA ALA A 385 8.09 -1.93 21.60
C ALA A 385 9.46 -1.95 22.27
N GLN A 386 10.52 -1.82 21.48
CA GLN A 386 11.87 -1.84 22.05
C GLN A 386 12.10 -0.66 22.96
N ALA A 387 11.65 0.52 22.55
CA ALA A 387 11.79 1.68 23.41
C ALA A 387 11.05 1.55 24.74
N ALA A 388 9.95 0.80 24.76
CA ALA A 388 9.12 0.71 25.93
C ALA A 388 9.33 -0.59 26.71
N GLY A 389 10.32 -1.40 26.33
CA GLY A 389 10.56 -2.66 26.97
C GLY A 389 9.38 -3.68 26.90
N THR A 390 8.69 -3.73 25.76
CA THR A 390 7.55 -4.58 25.60
C THR A 390 7.56 -5.23 24.24
N ILE A 391 6.40 -5.69 23.78
CA ILE A 391 6.25 -6.32 22.49
C ILE A 391 5.31 -5.50 21.63
N ALA A 392 5.48 -5.62 20.32
CA ALA A 392 4.74 -4.79 19.42
C ALA A 392 3.23 -5.05 19.54
N TYR A 393 2.86 -6.27 19.94
CA TYR A 393 1.42 -6.56 20.22
C TYR A 393 0.78 -5.51 21.16
N GLU A 394 1.49 -5.11 22.23
CA GLU A 394 0.98 -4.29 23.24
C GLU A 394 0.89 -2.87 22.73
N ILE A 395 1.88 -2.47 21.91
CA ILE A 395 1.87 -1.14 21.35
C ILE A 395 0.61 -0.86 20.51
N VAL A 396 0.34 -1.72 19.54
CA VAL A 396 -0.76 -1.46 18.64
C VAL A 396 -2.13 -1.65 19.37
N THR A 397 -2.20 -2.65 20.21
CA THR A 397 -3.44 -3.02 20.83
C THR A 397 -3.92 -1.94 21.77
N ARG A 398 -3.04 -1.21 22.40
CA ARG A 398 -3.47 -0.29 23.53
C ARG A 398 -3.54 1.19 23.09
N ILE A 399 -3.51 1.43 21.80
CA ILE A 399 -3.65 2.79 21.25
C ILE A 399 -5.09 3.15 21.71
N GLY A 400 -5.21 4.30 22.32
CA GLY A 400 -6.40 4.65 23.12
C GLY A 400 -7.58 5.07 22.27
N SER A 401 -8.77 4.92 22.83
CA SER A 401 -9.99 5.27 22.14
C SER A 401 -10.08 6.80 21.83
N ARG A 402 -9.28 7.61 22.50
CA ARG A 402 -9.26 9.03 22.21
C ARG A 402 -8.53 9.33 20.88
N VAL A 403 -7.85 8.34 20.30
CA VAL A 403 -7.24 8.49 19.01
C VAL A 403 -8.23 8.02 17.99
N PRO A 404 -8.69 8.90 17.12
CA PRO A 404 -9.59 8.36 16.08
C PRO A 404 -8.93 7.45 15.01
N ARG A 405 -9.64 6.43 14.56
CA ARG A 405 -9.17 5.59 13.50
C ARG A 405 -9.70 6.13 12.20
N VAL A 406 -8.83 6.18 11.20
CA VAL A 406 -9.20 6.56 9.83
C VAL A 406 -8.93 5.37 8.89
N TYR A 407 -9.94 4.86 8.17
CA TYR A 407 -9.86 3.65 7.35
C TYR A 407 -9.58 4.04 5.89
N VAL A 408 -8.48 3.53 5.33
CA VAL A 408 -8.17 3.77 3.93
C VAL A 408 -8.24 2.47 3.18
N ASN A 409 -8.65 2.56 1.90
CA ASN A 409 -8.81 1.42 1.02
C ASN A 409 -9.82 0.39 1.50
N GLU A 410 -10.91 0.87 2.10
CA GLU A 410 -12.08 0.03 2.36
C GLU A 410 -12.60 -0.59 1.07
N ALA B 29 -25.92 -4.96 31.01
CA ALA B 29 -24.70 -5.68 30.51
C ALA B 29 -24.27 -6.87 31.38
N ASP B 30 -24.33 -8.02 30.72
CA ASP B 30 -23.68 -9.25 31.25
C ASP B 30 -22.16 -9.25 31.00
N ALA B 31 -21.70 -8.16 30.41
CA ALA B 31 -20.27 -7.87 30.31
C ALA B 31 -19.63 -7.75 31.69
N VAL B 32 -20.40 -7.34 32.73
CA VAL B 32 -19.80 -7.23 34.07
C VAL B 32 -19.46 -8.57 34.69
N LEU B 33 -19.97 -9.66 34.15
CA LEU B 33 -19.66 -10.92 34.70
C LEU B 33 -18.23 -11.29 34.53
N ARG B 34 -17.59 -10.81 33.48
CA ARG B 34 -16.19 -11.14 33.26
C ARG B 34 -15.32 -10.25 34.16
N ALA B 35 -15.59 -8.96 34.13
CA ALA B 35 -14.79 -7.96 34.79
C ALA B 35 -15.47 -6.64 34.78
N ARG B 36 -15.11 -5.82 35.74
CA ARG B 36 -15.67 -4.52 35.81
C ARG B 36 -14.80 -3.54 36.58
N ALA B 37 -14.97 -2.28 36.29
CA ALA B 37 -14.36 -1.20 37.04
C ALA B 37 -15.45 -0.44 37.77
N GLU B 38 -15.53 -0.63 39.07
CA GLU B 38 -16.54 0.00 39.90
C GLU B 38 -16.05 1.38 40.26
N ILE B 39 -16.88 2.37 40.01
CA ILE B 39 -16.55 3.78 40.23
C ILE B 39 -17.48 4.34 41.34
N ASP B 40 -16.93 4.53 42.52
CA ASP B 40 -17.72 5.00 43.67
C ASP B 40 -17.72 6.53 43.73
N LEU B 41 -18.83 7.10 43.25
CA LEU B 41 -18.95 8.52 43.14
C LEU B 41 -19.07 9.17 44.52
N ALA B 42 -19.42 8.42 45.57
CA ALA B 42 -19.46 8.97 46.88
C ALA B 42 -18.03 9.17 47.39
N ALA B 43 -17.15 8.27 47.05
CA ALA B 43 -15.75 8.48 47.31
C ALA B 43 -15.14 9.65 46.60
N LEU B 44 -15.54 9.83 45.35
CA LEU B 44 -15.09 11.01 44.58
C LEU B 44 -15.56 12.32 45.22
N ARG B 45 -16.85 12.38 45.57
CA ARG B 45 -17.37 13.54 46.28
C ARG B 45 -16.64 13.79 47.59
N ALA B 46 -16.35 12.76 48.37
CA ALA B 46 -15.61 12.93 49.63
C ALA B 46 -14.20 13.46 49.38
N ASN B 47 -13.62 13.02 48.27
CA ASN B 47 -12.26 13.49 47.92
C ASN B 47 -12.29 14.99 47.60
N VAL B 48 -13.31 15.42 46.87
CA VAL B 48 -13.42 16.81 46.49
C VAL B 48 -13.60 17.65 47.74
N ARG B 49 -14.53 17.17 48.56
CA ARG B 49 -14.62 17.77 49.87
CA ARG B 49 -14.70 17.89 49.94
C ARG B 49 -13.30 18.03 50.76
N ALA B 50 -12.58 16.90 50.72
CA ALA B 50 -11.34 16.92 51.46
C ALA B 50 -10.31 17.90 50.81
N LEU B 51 -10.30 17.93 49.46
CA LEU B 51 -9.35 18.81 48.75
C LEU B 51 -9.79 20.26 48.93
N ARG B 52 -11.08 20.54 48.95
CA ARG B 52 -11.57 21.91 49.26
C ARG B 52 -11.16 22.41 50.66
N GLU B 53 -11.22 21.53 51.66
CA GLU B 53 -10.78 21.88 52.98
C GLU B 53 -9.29 22.17 52.95
N ARG B 54 -8.52 21.41 52.18
CA ARG B 54 -7.06 21.59 52.12
C ARG B 54 -6.62 22.85 51.36
N ALA B 55 -7.52 23.47 50.60
CA ALA B 55 -7.17 24.67 49.85
C ALA B 55 -8.24 25.72 50.02
N PRO B 56 -8.38 26.22 51.24
CA PRO B 56 -9.55 27.04 51.57
C PRO B 56 -9.58 28.40 50.85
N GLY B 57 -8.42 28.92 50.47
CA GLY B 57 -8.40 30.17 49.69
C GLY B 57 -8.79 30.11 48.20
N ALA B 58 -8.96 28.91 47.67
CA ALA B 58 -9.16 28.77 46.25
C ALA B 58 -10.32 27.97 45.75
N ALA B 59 -10.78 28.29 44.56
CA ALA B 59 -11.72 27.44 43.89
C ALA B 59 -11.02 26.11 43.55
N LEU B 60 -11.83 25.09 43.41
CA LEU B 60 -11.32 23.74 42.95
C LEU B 60 -11.75 23.45 41.53
N MET B 61 -10.77 23.07 40.67
CA MET B 61 -11.08 22.55 39.35
C MET B 61 -11.03 21.00 39.39
N ALA B 62 -12.09 20.38 38.87
CA ALA B 62 -12.16 18.94 38.70
C ALA B 62 -11.57 18.62 37.32
N VAL B 63 -10.38 18.04 37.31
CA VAL B 63 -9.74 17.70 36.08
C VAL B 63 -10.29 16.34 35.62
N VAL B 64 -11.04 16.35 34.52
CA VAL B 64 -11.76 15.22 33.98
C VAL B 64 -11.35 14.83 32.58
N LYS B 65 -10.13 15.25 32.18
CA LYS B 65 -9.54 14.84 30.92
C LYS B 65 -9.31 13.33 30.91
N ALA B 66 -9.13 12.81 29.71
CA ALA B 66 -8.82 11.41 29.52
C ALA B 66 -9.90 10.54 30.15
N ASP B 67 -11.14 10.88 29.82
CA ASP B 67 -12.33 10.14 30.31
C ASP B 67 -12.29 10.08 31.87
N ALA B 68 -12.03 11.22 32.50
CA ALA B 68 -11.86 11.37 33.94
C ALA B 68 -10.81 10.37 34.47
N TYR B 69 -9.61 10.38 33.83
CA TYR B 69 -8.53 9.49 34.24
C TYR B 69 -9.00 8.03 34.27
N GLY B 70 -9.78 7.66 33.28
CA GLY B 70 -10.35 6.33 33.14
C GLY B 70 -11.63 6.00 33.93
N HIS B 71 -12.10 6.95 34.72
CA HIS B 71 -13.23 6.75 35.58
C HIS B 71 -14.60 7.17 34.98
N GLY B 72 -14.61 7.90 33.87
CA GLY B 72 -15.85 8.25 33.12
C GLY B 72 -16.12 9.76 33.25
N ALA B 73 -15.96 10.49 32.14
CA ALA B 73 -15.88 11.97 32.23
C ALA B 73 -17.14 12.67 32.80
N ILE B 74 -18.30 12.36 32.23
CA ILE B 74 -19.55 13.02 32.63
C ILE B 74 -20.01 12.63 34.06
N PRO B 75 -20.01 11.32 34.42
CA PRO B 75 -20.46 11.01 35.77
C PRO B 75 -19.57 11.61 36.81
N CYS B 76 -18.23 11.63 36.57
CA CYS B 76 -17.31 12.18 37.55
C CYS B 76 -17.44 13.72 37.58
N ALA B 77 -17.61 14.35 36.42
CA ALA B 77 -17.84 15.83 36.36
C ALA B 77 -19.08 16.22 37.20
N ARG B 78 -20.15 15.47 37.04
CA ARG B 78 -21.40 15.80 37.83
C ARG B 78 -21.15 15.66 39.29
N ALA B 79 -20.55 14.54 39.68
CA ALA B 79 -20.26 14.35 41.10
C ALA B 79 -19.33 15.43 41.71
N ALA B 80 -18.27 15.81 40.96
CA ALA B 80 -17.35 16.81 41.43
C ALA B 80 -18.02 18.20 41.63
N VAL B 81 -18.89 18.55 40.69
CA VAL B 81 -19.60 19.80 40.76
C VAL B 81 -20.56 19.80 41.99
N ALA B 82 -21.27 18.69 42.18
CA ALA B 82 -22.16 18.49 43.34
C ALA B 82 -21.38 18.64 44.65
N ALA B 83 -20.10 18.24 44.68
CA ALA B 83 -19.27 18.37 45.87
C ALA B 83 -18.53 19.71 46.01
N GLY B 84 -18.78 20.63 45.12
CA GLY B 84 -18.25 22.00 45.24
C GLY B 84 -17.22 22.44 44.24
N ALA B 85 -16.85 21.59 43.26
CA ALA B 85 -15.98 22.07 42.17
C ALA B 85 -16.72 23.12 41.37
N THR B 86 -16.05 24.25 41.11
CA THR B 86 -16.64 25.28 40.27
C THR B 86 -16.01 25.41 38.87
N TRP B 87 -14.92 24.67 38.64
CA TRP B 87 -14.24 24.58 37.34
C TRP B 87 -14.13 23.09 36.95
N LEU B 88 -14.28 22.82 35.68
CA LEU B 88 -13.91 21.55 35.06
C LEU B 88 -12.75 21.76 34.09
N GLY B 89 -11.80 20.84 34.09
CA GLY B 89 -10.61 20.93 33.19
C GLY B 89 -10.58 19.73 32.27
N THR B 90 -10.36 19.96 30.97
CA THR B 90 -10.06 18.87 30.05
C THR B 90 -8.83 19.18 29.24
N ALA B 91 -8.33 18.17 28.53
CA ALA B 91 -7.16 18.43 27.62
C ALA B 91 -7.72 18.94 26.31
N THR B 92 -8.43 18.10 25.61
CA THR B 92 -8.86 18.45 24.26
C THR B 92 -10.15 19.30 24.25
N PRO B 93 -10.36 20.05 23.17
CA PRO B 93 -11.64 20.76 23.03
C PRO B 93 -12.81 19.84 22.89
N GLN B 94 -12.61 18.68 22.27
CA GLN B 94 -13.68 17.70 22.11
C GLN B 94 -14.18 17.21 23.47
N GLU B 95 -13.26 16.94 24.40
CA GLU B 95 -13.60 16.60 25.78
C GLU B 95 -14.45 17.73 26.46
N ALA B 96 -14.04 18.99 26.33
CA ALA B 96 -14.75 20.10 26.96
C ALA B 96 -16.12 20.30 26.33
N LEU B 97 -16.20 20.16 25.01
CA LEU B 97 -17.47 20.30 24.32
C LEU B 97 -18.46 19.19 24.68
N ALA B 98 -17.96 17.97 24.93
CA ALA B 98 -18.80 16.89 25.37
C ALA B 98 -19.42 17.18 26.74
N LEU B 99 -18.68 17.88 27.60
CA LEU B 99 -19.22 18.28 28.91
C LEU B 99 -20.31 19.33 28.75
N ARG B 100 -20.09 20.33 27.94
CA ARG B 100 -21.15 21.34 27.64
C ARG B 100 -22.41 20.74 27.06
N ALA B 101 -22.27 19.74 26.21
CA ALA B 101 -23.40 19.04 25.56
C ALA B 101 -24.07 17.98 26.42
N ALA B 102 -23.55 17.65 27.60
CA ALA B 102 -24.14 16.58 28.39
C ALA B 102 -25.64 16.89 28.68
N GLU B 103 -26.49 15.86 28.64
CA GLU B 103 -27.90 15.96 29.01
C GLU B 103 -28.24 14.94 30.10
N PRO B 104 -28.85 15.37 31.20
CA PRO B 104 -29.17 16.77 31.44
C PRO B 104 -27.92 17.59 31.68
N GLY B 105 -28.07 18.89 31.49
CA GLY B 105 -26.95 19.75 31.60
C GLY B 105 -26.34 19.94 32.96
N LEU B 106 -25.05 20.18 32.93
CA LEU B 106 -24.31 20.49 34.09
C LEU B 106 -24.78 21.92 34.30
N PRO B 107 -24.55 22.51 35.45
CA PRO B 107 -24.97 23.89 35.63
C PRO B 107 -24.35 24.83 34.60
N ASP B 108 -25.16 25.76 34.09
CA ASP B 108 -24.70 26.73 33.08
C ASP B 108 -23.54 27.59 33.55
N ASP B 109 -23.49 27.84 34.86
CA ASP B 109 -22.44 28.66 35.46
C ASP B 109 -21.08 27.94 35.76
N VAL B 110 -20.95 26.63 35.51
CA VAL B 110 -19.66 25.94 35.77
C VAL B 110 -18.72 26.36 34.62
N ARG B 111 -17.50 26.74 34.98
CA ARG B 111 -16.48 27.07 34.02
C ARG B 111 -15.76 25.81 33.57
N ILE B 112 -15.57 25.69 32.25
CA ILE B 112 -14.94 24.53 31.65
C ILE B 112 -13.75 25.03 30.86
N MET B 113 -12.54 24.58 31.25
CA MET B 113 -11.32 24.97 30.56
C MET B 113 -10.71 23.79 29.76
N CYS B 114 -10.12 24.08 28.59
CA CYS B 114 -9.35 23.09 27.81
C CYS B 114 -8.07 23.75 27.31
N TRP B 115 -7.04 22.94 27.16
CA TRP B 115 -5.76 23.47 26.91
C TRP B 115 -4.94 22.83 25.81
N LEU B 116 -5.35 21.66 25.27
CA LEU B 116 -4.51 20.94 24.25
C LEU B 116 -5.09 21.19 22.90
N TRP B 117 -4.55 22.23 22.27
CA TRP B 117 -5.04 22.74 20.98
C TRP B 117 -3.97 22.60 19.88
N THR B 118 -4.43 22.36 18.69
CA THR B 118 -3.59 22.42 17.50
C THR B 118 -4.20 23.33 16.42
N PRO B 119 -3.38 23.73 15.43
CA PRO B 119 -3.89 24.66 14.41
C PRO B 119 -5.10 24.15 13.65
N GLY B 120 -6.10 24.99 13.57
CA GLY B 120 -7.30 24.63 12.86
C GLY B 120 -8.36 23.94 13.69
N GLY B 121 -8.15 23.82 15.00
CA GLY B 121 -9.13 23.17 15.90
C GLY B 121 -10.38 24.01 16.06
N PRO B 122 -11.40 23.50 16.76
CA PRO B 122 -12.74 24.07 16.73
C PRO B 122 -12.87 25.29 17.63
N TRP B 123 -12.02 26.31 17.40
CA TRP B 123 -12.00 27.50 18.23
C TRP B 123 -13.38 28.22 18.30
N ARG B 124 -14.07 28.27 17.17
CA ARG B 124 -15.32 28.97 17.14
C ARG B 124 -16.37 28.24 17.97
N GLU B 125 -16.48 26.92 17.80
CA GLU B 125 -17.38 26.14 18.63
C GLU B 125 -17.07 26.30 20.13
N ALA B 126 -15.80 26.41 20.48
CA ALA B 126 -15.39 26.56 21.87
C ALA B 126 -15.85 27.94 22.42
N VAL B 127 -15.67 28.99 21.63
CA VAL B 127 -16.09 30.34 22.00
C VAL B 127 -17.61 30.37 22.16
N GLU B 128 -18.34 29.81 21.21
CA GLU B 128 -19.80 29.79 21.27
C GLU B 128 -20.29 28.98 22.45
N ALA B 129 -19.56 27.92 22.81
CA ALA B 129 -19.82 27.12 24.02
C ALA B 129 -19.29 27.73 25.35
N ARG B 130 -18.72 28.95 25.32
CA ARG B 130 -18.26 29.67 26.50
C ARG B 130 -17.18 28.90 27.31
N LEU B 131 -16.28 28.23 26.60
CA LEU B 131 -15.17 27.51 27.24
C LEU B 131 -14.05 28.47 27.55
N ASP B 132 -13.34 28.29 28.66
CA ASP B 132 -12.07 28.95 28.86
C ASP B 132 -11.05 28.17 28.00
N VAL B 133 -10.34 28.84 27.11
CA VAL B 133 -9.39 28.16 26.20
C VAL B 133 -8.02 28.66 26.53
N SER B 134 -7.07 27.73 26.71
CA SER B 134 -5.67 28.10 26.98
C SER B 134 -5.02 28.49 25.62
N VAL B 135 -4.13 29.44 25.73
CA VAL B 135 -3.33 30.01 24.59
C VAL B 135 -1.89 30.11 25.13
N SER B 136 -0.94 29.50 24.42
CA SER B 136 0.48 29.54 24.79
C SER B 136 1.31 30.19 23.66
N ALA B 137 0.66 30.58 22.57
CA ALA B 137 1.40 31.01 21.37
C ALA B 137 0.61 31.88 20.46
N MET B 138 1.35 32.66 19.65
CA MET B 138 0.73 33.65 18.78
CA MET B 138 0.76 33.65 18.80
C MET B 138 -0.21 33.04 17.80
N TRP B 139 0.13 31.85 17.27
CA TRP B 139 -0.72 31.22 16.24
C TRP B 139 -2.13 31.04 16.84
N ALA B 140 -2.17 30.63 18.10
CA ALA B 140 -3.43 30.25 18.78
C ALA B 140 -4.15 31.52 19.17
N MET B 141 -3.38 32.51 19.60
CA MET B 141 -3.95 33.91 19.80
C MET B 141 -4.64 34.41 18.52
N GLU B 142 -3.98 34.29 17.37
CA GLU B 142 -4.61 34.66 16.12
C GLU B 142 -5.85 33.87 15.80
N GLU B 143 -5.81 32.53 16.01
CA GLU B 143 -6.94 31.75 15.60
C GLU B 143 -8.16 32.00 16.49
N VAL B 144 -7.93 32.14 17.78
CA VAL B 144 -9.09 32.35 18.70
C VAL B 144 -9.72 33.74 18.50
N THR B 145 -8.88 34.73 18.23
CA THR B 145 -9.36 36.11 17.93
C THR B 145 -10.19 36.12 16.65
N GLY B 146 -9.71 35.44 15.61
CA GLY B 146 -10.44 35.24 14.37
C GLY B 146 -11.77 34.56 14.57
N ALA B 147 -11.77 33.52 15.43
CA ALA B 147 -13.00 32.80 15.75
C ALA B 147 -14.00 33.68 16.56
N ALA B 148 -13.48 34.45 17.48
CA ALA B 148 -14.32 35.35 18.29
C ALA B 148 -14.96 36.39 17.36
N ARG B 149 -14.12 36.96 16.49
CA ARG B 149 -14.58 37.91 15.46
C ARG B 149 -15.69 37.28 14.64
N ALA B 150 -15.50 36.07 14.13
CA ALA B 150 -16.55 35.45 13.30
C ALA B 150 -17.81 35.05 14.09
N ALA B 151 -17.65 34.68 15.35
CA ALA B 151 -18.81 34.27 16.18
C ALA B 151 -19.66 35.47 16.65
N GLY B 152 -19.03 36.65 16.73
CA GLY B 152 -19.67 37.84 17.26
C GLY B 152 -19.87 37.77 18.76
N VAL B 153 -19.11 36.89 19.45
CA VAL B 153 -19.08 36.85 20.93
C VAL B 153 -17.63 36.74 21.41
N PRO B 154 -17.31 37.36 22.53
CA PRO B 154 -15.94 37.36 22.98
C PRO B 154 -15.53 35.99 23.57
N ALA B 155 -14.23 35.72 23.48
CA ALA B 155 -13.66 34.49 23.98
C ALA B 155 -13.22 34.71 25.42
N ARG B 156 -13.11 33.61 26.18
CA ARG B 156 -12.46 33.61 27.47
C ARG B 156 -11.13 32.90 27.30
N VAL B 157 -10.04 33.58 27.55
CA VAL B 157 -8.72 33.06 27.25
C VAL B 157 -7.86 33.00 28.46
N GLN B 158 -7.17 31.87 28.68
CA GLN B 158 -6.17 31.78 29.70
C GLN B 158 -4.78 31.71 29.08
N LEU B 159 -3.83 32.50 29.56
CA LEU B 159 -2.50 32.48 28.99
C LEU B 159 -1.69 31.54 29.76
N KCX B 160 -1.04 30.59 29.12
CA KCX B 160 -0.16 29.66 29.86
CB KCX B 160 -0.25 28.22 29.33
CG KCX B 160 0.39 27.22 30.32
CD KCX B 160 0.44 25.74 29.83
CE KCX B 160 0.92 24.84 31.00
NZ KCX B 160 1.66 23.67 30.55
C KCX B 160 1.26 30.12 29.82
O KCX B 160 1.77 30.34 28.70
CX KCX B 160 1.04 22.66 29.88
OQ1 KCX B 160 1.74 21.62 29.48
OQ2 KCX B 160 -0.15 22.58 29.57
N ALA B 161 1.90 30.15 31.00
CA ALA B 161 3.28 30.52 31.16
C ALA B 161 4.15 29.31 31.35
N ASP B 162 5.24 29.21 30.57
CA ASP B 162 6.21 28.15 30.78
C ASP B 162 7.16 28.67 31.82
N THR B 163 6.95 28.22 33.04
CA THR B 163 7.72 28.60 34.21
C THR B 163 8.85 27.65 34.55
N GLY B 164 9.13 26.66 33.71
CA GLY B 164 10.20 25.67 34.04
C GLY B 164 9.93 24.21 33.61
N LEU B 165 8.67 23.90 33.27
CA LEU B 165 8.29 22.51 32.84
C LEU B 165 8.78 22.20 31.45
N GLY B 166 8.81 23.21 30.59
CA GLY B 166 9.33 23.06 29.24
C GLY B 166 8.41 22.25 28.36
N ARG B 167 7.08 22.40 28.58
CA ARG B 167 6.06 21.65 27.86
C ARG B 167 5.19 22.62 27.11
N GLY B 168 3.94 22.82 27.53
CA GLY B 168 2.99 23.60 26.72
C GLY B 168 2.99 25.13 26.84
N GLY B 169 3.66 25.69 27.81
CA GLY B 169 3.52 27.14 28.06
C GLY B 169 4.31 28.09 27.14
N CYS B 170 3.97 29.38 27.21
CA CYS B 170 4.75 30.47 26.58
C CYS B 170 6.02 30.75 27.40
N GLN B 171 7.17 30.80 26.73
CA GLN B 171 8.44 31.18 27.42
C GLN B 171 8.45 32.64 27.95
N PRO B 172 9.18 32.85 29.05
CA PRO B 172 9.38 34.24 29.55
C PRO B 172 10.24 35.05 28.55
N GLY B 173 10.24 36.38 28.73
CA GLY B 173 10.96 37.29 27.90
C GLY B 173 10.11 37.68 26.75
N ALA B 174 10.71 37.71 25.57
CA ALA B 174 10.06 38.33 24.41
C ALA B 174 8.74 37.66 24.03
N ASP B 175 8.74 36.30 24.09
CA ASP B 175 7.53 35.55 23.72
C ASP B 175 6.33 35.99 24.58
N TRP B 176 6.56 36.07 25.87
CA TRP B 176 5.52 36.49 26.84
C TRP B 176 5.11 37.96 26.64
N GLU B 177 6.12 38.79 26.43
CA GLU B 177 5.86 40.21 26.13
C GLU B 177 4.93 40.35 24.96
N ARG B 178 5.25 39.65 23.87
CA ARG B 178 4.46 39.72 22.63
CA ARG B 178 4.49 39.74 22.65
C ARG B 178 3.05 39.17 22.86
N LEU B 179 2.97 38.03 23.57
CA LEU B 179 1.69 37.40 23.77
C LEU B 179 0.73 38.26 24.63
N VAL B 180 1.26 38.78 25.72
CA VAL B 180 0.53 39.73 26.60
C VAL B 180 0.04 40.97 25.79
N GLY B 181 0.94 41.48 24.93
CA GLY B 181 0.62 42.60 24.03
C GLY B 181 -0.54 42.28 23.12
N ALA B 182 -0.54 41.11 22.48
CA ALA B 182 -1.62 40.79 21.55
C ALA B 182 -2.94 40.57 22.25
N ALA B 183 -2.84 40.02 23.45
CA ALA B 183 -4.03 39.81 24.31
C ALA B 183 -4.72 41.18 24.69
N LEU B 184 -3.92 42.15 25.05
CA LEU B 184 -4.40 43.52 25.37
C LEU B 184 -5.07 44.20 24.20
N ARG B 185 -4.49 44.06 23.03
CA ARG B 185 -5.12 44.56 21.83
C ARG B 185 -6.47 43.89 21.54
N ALA B 186 -6.53 42.57 21.68
CA ALA B 186 -7.78 41.85 21.44
C ALA B 186 -8.83 42.25 22.48
N GLU B 187 -8.38 42.54 23.71
CA GLU B 187 -9.26 43.05 24.78
C GLU B 187 -9.81 44.40 24.38
N GLU B 188 -8.90 45.27 23.96
CA GLU B 188 -9.26 46.59 23.42
C GLU B 188 -10.33 46.49 22.35
N GLU B 189 -10.18 45.55 21.41
CA GLU B 189 -11.20 45.34 20.37
C GLU B 189 -12.48 44.62 20.85
N GLY B 190 -12.55 44.21 22.13
CA GLY B 190 -13.74 43.46 22.63
C GLY B 190 -13.87 42.02 22.09
N LEU B 191 -12.76 41.45 21.65
CA LEU B 191 -12.76 40.09 21.06
C LEU B 191 -12.54 39.00 22.10
N LEU B 192 -11.89 39.35 23.20
CA LEU B 192 -11.66 38.41 24.26
C LEU B 192 -11.43 39.09 25.55
N ARG B 193 -11.41 38.27 26.57
CA ARG B 193 -10.98 38.69 27.84
C ARG B 193 -10.03 37.63 28.38
N VAL B 194 -8.89 38.03 28.87
CA VAL B 194 -7.98 37.12 29.52
C VAL B 194 -8.55 36.83 30.91
N THR B 195 -9.08 35.62 31.05
CA THR B 195 -9.72 35.18 32.31
C THR B 195 -8.77 34.52 33.26
N GLY B 196 -7.59 34.04 32.80
CA GLY B 196 -6.61 33.51 33.67
C GLY B 196 -5.18 33.51 33.19
N LEU B 197 -4.28 33.39 34.15
CA LEU B 197 -2.85 33.23 33.88
C LEU B 197 -2.46 31.96 34.63
N TRP B 198 -1.82 30.99 33.97
CA TRP B 198 -1.55 29.70 34.62
C TRP B 198 -0.28 29.02 34.18
N SER B 199 0.16 28.06 34.98
CA SER B 199 1.30 27.23 34.64
C SER B 199 1.16 25.87 35.33
N HIS B 200 2.19 25.05 35.28
CA HIS B 200 2.15 23.68 35.78
C HIS B 200 3.56 23.32 36.21
N PHE B 201 3.68 22.58 37.28
CA PHE B 201 4.94 22.20 37.89
C PHE B 201 5.53 20.91 37.31
N ALA B 202 6.86 20.85 37.30
CA ALA B 202 7.62 19.68 36.90
C ALA B 202 7.86 18.66 37.97
N CYS B 203 8.15 19.09 39.19
CA CYS B 203 8.63 18.19 40.24
C CYS B 203 7.94 18.37 41.59
N ALA B 204 6.68 18.84 41.59
CA ALA B 204 5.96 19.05 42.83
C ALA B 204 5.70 17.77 43.64
N ASP B 205 5.74 16.63 42.96
CA ASP B 205 5.65 15.34 43.67
C ASP B 205 6.93 14.94 44.42
N GLU B 206 8.01 15.72 44.30
CA GLU B 206 9.24 15.55 45.12
C GLU B 206 9.38 16.75 46.05
N PRO B 207 8.88 16.65 47.29
CA PRO B 207 8.83 17.88 48.10
C PRO B 207 10.26 18.43 48.39
N GLY B 208 10.42 19.75 48.36
CA GLY B 208 11.72 20.38 48.46
C GLY B 208 12.60 20.37 47.22
N HIS B 209 12.16 19.80 46.10
CA HIS B 209 12.95 19.86 44.86
C HIS B 209 13.10 21.36 44.49
N PRO B 210 14.34 21.78 44.15
CA PRO B 210 14.58 23.25 43.97
C PRO B 210 13.83 23.89 42.81
N SER B 211 13.52 23.11 41.77
CA SER B 211 12.69 23.56 40.64
C SER B 211 11.28 24.10 41.09
N ILE B 212 10.76 23.62 42.22
CA ILE B 212 9.44 24.04 42.68
C ILE B 212 9.47 25.57 43.01
N ALA B 213 10.37 25.95 43.90
CA ALA B 213 10.56 27.38 44.24
C ALA B 213 10.91 28.22 43.02
N ALA B 214 11.76 27.67 42.14
CA ALA B 214 12.16 28.40 40.94
C ALA B 214 10.96 28.64 40.06
N GLN B 215 10.10 27.62 39.91
CA GLN B 215 8.92 27.84 39.08
C GLN B 215 7.94 28.84 39.72
N LEU B 216 7.78 28.78 41.01
CA LEU B 216 6.82 29.71 41.70
C LEU B 216 7.30 31.17 41.55
N THR B 217 8.60 31.35 41.73
CA THR B 217 9.24 32.69 41.51
C THR B 217 8.95 33.18 40.10
N ARG B 218 9.26 32.33 39.09
CA ARG B 218 9.03 32.71 37.73
C ARG B 218 7.54 32.94 37.44
N PHE B 219 6.65 32.11 38.03
CA PHE B 219 5.23 32.33 37.88
C PHE B 219 4.82 33.73 38.41
N ARG B 220 5.30 34.05 39.59
CA ARG B 220 5.02 35.39 40.20
C ARG B 220 5.50 36.56 39.32
N GLU B 221 6.73 36.45 38.79
CA GLU B 221 7.30 37.45 37.84
C GLU B 221 6.44 37.58 36.58
N MET B 222 6.16 36.43 35.93
CA MET B 222 5.46 36.49 34.69
C MET B 222 4.03 37.00 34.86
N THR B 223 3.37 36.63 35.97
CA THR B 223 2.00 37.11 36.21
C THR B 223 1.98 38.62 36.65
N ALA B 224 2.94 38.99 37.49
CA ALA B 224 3.13 40.43 37.85
C ALA B 224 3.27 41.27 36.59
N TYR B 225 4.17 40.84 35.70
CA TYR B 225 4.36 41.51 34.44
C TYR B 225 3.09 41.66 33.64
N ALA B 226 2.30 40.58 33.52
CA ALA B 226 1.07 40.65 32.73
C ALA B 226 0.01 41.61 33.30
N GLU B 227 -0.08 41.64 34.62
CA GLU B 227 -1.04 42.50 35.33
C GLU B 227 -0.66 44.01 35.28
N GLN B 228 0.63 44.26 35.43
CA GLN B 228 1.21 45.62 35.23
C GLN B 228 0.99 46.16 33.85
N ARG B 229 1.00 45.31 32.81
CA ARG B 229 0.64 45.73 31.45
C ARG B 229 -0.85 45.96 31.28
N GLY B 230 -1.69 45.52 32.21
CA GLY B 230 -3.12 45.79 32.18
C GLY B 230 -4.06 44.60 32.20
N LEU B 231 -3.50 43.38 32.12
CA LEU B 231 -4.39 42.18 32.17
C LEU B 231 -4.94 41.99 33.59
N ARG B 232 -6.22 41.60 33.63
CA ARG B 232 -6.98 41.46 34.90
C ARG B 232 -7.68 40.08 34.96
N PRO B 233 -6.88 39.04 35.21
CA PRO B 233 -7.45 37.69 35.16
C PRO B 233 -8.34 37.42 36.38
N GLU B 234 -9.39 36.64 36.19
CA GLU B 234 -10.22 36.15 37.31
C GLU B 234 -9.42 35.16 38.15
N VAL B 235 -8.55 34.34 37.53
CA VAL B 235 -7.82 33.33 38.24
C VAL B 235 -6.39 33.20 37.83
N ARG B 236 -5.53 33.05 38.84
CA ARG B 236 -4.17 32.61 38.66
C ARG B 236 -4.07 31.22 39.26
N HIS B 237 -3.39 30.30 38.56
CA HIS B 237 -3.28 28.94 39.07
C HIS B 237 -2.08 28.19 38.55
N ILE B 238 -1.46 27.45 39.45
CA ILE B 238 -0.34 26.58 39.13
C ILE B 238 -0.39 25.17 39.74
N ALA B 239 -1.22 25.01 40.74
CA ALA B 239 -1.20 23.78 41.43
C ALA B 239 -1.92 22.56 40.91
N ASN B 240 -1.15 21.48 40.73
CA ASN B 240 -1.70 20.11 40.49
C ASN B 240 -1.90 19.44 41.86
N SER B 241 -2.11 18.10 41.88
CA SER B 241 -2.40 17.44 43.15
C SER B 241 -1.29 17.53 44.14
N PRO B 242 -0.04 17.24 43.72
CA PRO B 242 0.95 17.22 44.83
C PRO B 242 1.21 18.64 45.42
N ALA B 243 1.15 19.67 44.57
CA ALA B 243 1.25 21.08 45.06
C ALA B 243 0.05 21.45 45.91
N THR B 244 -1.14 20.98 45.55
CA THR B 244 -2.32 21.27 46.36
C THR B 244 -2.23 20.69 47.74
N LEU B 245 -1.73 19.47 47.80
CA LEU B 245 -1.56 18.76 49.06
C LEU B 245 -0.41 19.22 49.97
N THR B 246 0.66 19.80 49.39
CA THR B 246 1.89 20.14 50.14
C THR B 246 2.37 21.62 50.08
N LEU B 247 1.77 22.47 49.24
CA LEU B 247 2.26 23.85 49.04
C LEU B 247 1.14 24.91 49.06
N PRO B 248 0.70 25.30 50.25
CA PRO B 248 -0.35 26.31 50.38
C PRO B 248 -0.02 27.63 49.68
N ASP B 249 1.26 28.00 49.61
CA ASP B 249 1.69 29.19 48.79
C ASP B 249 1.43 29.13 47.29
N ALA B 250 1.26 27.91 46.78
CA ALA B 250 0.95 27.69 45.38
C ALA B 250 -0.51 27.59 45.07
N HIS B 251 -1.39 27.77 46.06
CA HIS B 251 -2.85 27.66 45.78
C HIS B 251 -3.46 28.76 44.94
N PHE B 252 -3.00 30.02 45.14
CA PHE B 252 -3.54 31.17 44.42
C PHE B 252 -5.07 31.18 44.42
N ASP B 253 -5.72 31.34 43.29
CA ASP B 253 -7.16 31.48 43.24
C ASP B 253 -7.87 30.15 42.89
N LEU B 254 -7.10 29.14 42.48
CA LEU B 254 -7.63 27.93 41.83
C LEU B 254 -6.61 26.82 41.95
N VAL B 255 -7.06 25.64 42.37
CA VAL B 255 -6.24 24.42 42.40
C VAL B 255 -6.76 23.37 41.42
N ARG B 256 -5.86 22.53 40.89
CA ARG B 256 -6.27 21.54 39.86
C ARG B 256 -5.84 20.11 40.29
N PRO B 257 -6.40 19.60 41.38
CA PRO B 257 -5.92 18.35 41.96
C PRO B 257 -6.61 17.14 41.23
N GLY B 258 -6.12 16.74 40.07
CA GLY B 258 -6.66 15.65 39.29
C GLY B 258 -6.57 14.31 39.97
N ILE B 259 -5.37 13.75 40.13
CA ILE B 259 -5.22 12.36 40.60
C ILE B 259 -5.79 12.19 42.02
N ALA B 260 -5.60 13.24 42.87
CA ALA B 260 -6.13 13.21 44.20
C ALA B 260 -7.68 13.15 44.23
N MET B 261 -8.36 13.76 43.27
CA MET B 261 -9.81 13.70 43.24
C MET B 261 -10.28 12.23 43.06
N TYR B 262 -9.46 11.44 42.35
CA TYR B 262 -9.78 10.01 42.15
C TYR B 262 -9.25 9.17 43.27
N GLY B 263 -8.80 9.84 44.33
CA GLY B 263 -8.41 9.21 45.57
C GLY B 263 -7.07 8.54 45.60
N VAL B 264 -6.25 8.88 44.63
CA VAL B 264 -4.96 8.24 44.41
C VAL B 264 -3.87 9.28 44.73
N SER B 265 -2.91 8.90 45.55
CA SER B 265 -1.82 9.84 45.88
C SER B 265 -0.94 10.04 44.68
N PRO B 266 -0.48 11.27 44.46
CA PRO B 266 0.49 11.48 43.38
C PRO B 266 1.82 10.71 43.49
N SER B 267 2.32 10.47 44.70
CA SER B 267 3.47 9.60 44.92
C SER B 267 3.54 9.13 46.34
N PRO B 268 4.16 7.97 46.59
CA PRO B 268 4.39 7.56 47.99
C PRO B 268 5.20 8.59 48.79
N GLU B 269 6.05 9.34 48.10
CA GLU B 269 6.87 10.39 48.75
C GLU B 269 5.99 11.52 49.32
N ILE B 270 4.93 11.85 48.62
CA ILE B 270 3.88 12.75 49.11
C ILE B 270 3.05 12.13 50.24
N GLY B 271 2.67 10.85 50.08
CA GLY B 271 2.02 10.07 51.12
C GLY B 271 0.98 9.11 50.57
N THR B 272 0.18 8.60 51.45
CA THR B 272 -0.90 7.67 51.09
C THR B 272 -2.20 8.46 50.94
N PRO B 273 -3.21 7.88 50.24
CA PRO B 273 -4.51 8.52 50.26
C PRO B 273 -5.00 8.85 51.66
N ALA B 274 -4.86 7.94 52.63
CA ALA B 274 -5.37 8.14 53.96
C ALA B 274 -4.70 9.34 54.65
N ASP B 275 -3.43 9.60 54.35
CA ASP B 275 -2.73 10.79 54.90
C ASP B 275 -3.44 12.08 54.59
N PHE B 276 -4.23 12.11 53.49
CA PHE B 276 -4.94 13.32 53.09
C PHE B 276 -6.47 13.23 53.11
N GLY B 277 -6.99 12.22 53.76
CA GLY B 277 -8.45 12.09 53.87
C GLY B 277 -9.03 11.64 52.51
N LEU B 278 -8.22 10.96 51.68
CA LEU B 278 -8.63 10.56 50.34
C LEU B 278 -9.02 9.06 50.31
N ARG B 279 -9.88 8.69 49.38
CA ARG B 279 -10.28 7.26 49.18
C ARG B 279 -10.32 6.91 47.67
N PRO B 280 -9.51 5.95 47.21
CA PRO B 280 -9.55 5.55 45.80
C PRO B 280 -10.97 5.28 45.32
N VAL B 281 -11.25 5.82 44.17
CA VAL B 281 -12.55 5.78 43.55
C VAL B 281 -12.82 4.52 42.73
N MET B 282 -11.78 4.00 42.09
CA MET B 282 -11.92 2.84 41.21
C MET B 282 -11.56 1.53 41.92
N THR B 283 -12.42 0.55 41.74
CA THR B 283 -12.12 -0.83 42.09
C THR B 283 -12.18 -1.68 40.83
N LEU B 284 -11.13 -2.43 40.56
CA LEU B 284 -11.01 -3.28 39.32
C LEU B 284 -11.02 -4.73 39.77
N ALA B 285 -12.04 -5.44 39.28
CA ALA B 285 -12.29 -6.83 39.69
C ALA B 285 -12.72 -7.66 38.52
N ALA B 286 -12.45 -8.95 38.62
CA ALA B 286 -12.89 -9.92 37.62
C ALA B 286 -13.37 -11.21 38.27
N SER B 287 -13.99 -12.05 37.45
CA SER B 287 -14.44 -13.39 37.87
C SER B 287 -13.54 -14.47 37.29
N LEU B 288 -13.09 -15.42 38.12
CA LEU B 288 -12.21 -16.46 37.62
C LEU B 288 -12.88 -17.25 36.50
N ALA B 289 -12.16 -17.48 35.40
CA ALA B 289 -12.65 -18.22 34.28
C ALA B 289 -12.36 -19.73 34.39
N LEU B 290 -11.41 -20.12 35.21
CA LEU B 290 -10.98 -21.51 35.26
C LEU B 290 -10.13 -21.70 36.47
N VAL B 291 -10.34 -22.83 37.14
CA VAL B 291 -9.49 -23.25 38.26
C VAL B 291 -9.13 -24.71 38.00
N LYS B 292 -7.85 -25.02 37.98
CA LYS B 292 -7.46 -26.35 37.48
C LYS B 292 -6.22 -26.82 38.15
N GLN B 293 -6.15 -28.16 38.33
CA GLN B 293 -4.98 -28.74 38.94
C GLN B 293 -3.97 -29.02 37.85
N VAL B 294 -2.70 -28.78 38.13
CA VAL B 294 -1.64 -29.09 37.19
C VAL B 294 -0.45 -29.73 37.93
N PRO B 295 0.32 -30.58 37.21
CA PRO B 295 1.51 -31.17 37.84
C PRO B 295 2.59 -30.14 38.04
N GLY B 296 3.62 -30.52 38.80
CA GLY B 296 4.88 -29.79 38.85
C GLY B 296 5.54 -29.81 37.48
N GLY B 297 6.51 -28.92 37.29
CA GLY B 297 7.26 -28.80 36.01
C GLY B 297 6.43 -28.33 34.81
N HIS B 298 5.23 -27.77 35.03
CA HIS B 298 4.34 -27.32 33.93
C HIS B 298 4.60 -25.81 33.73
N GLY B 299 4.97 -25.45 32.51
CA GLY B 299 5.18 -24.02 32.13
C GLY B 299 3.86 -23.27 32.22
N VAL B 300 3.95 -21.97 32.49
CA VAL B 300 2.72 -21.15 32.55
C VAL B 300 2.90 -19.89 31.69
N SER B 301 2.02 -19.78 30.69
CA SER B 301 1.91 -18.61 29.80
C SER B 301 3.13 -18.43 28.86
N TYR B 302 3.10 -17.37 28.04
CA TYR B 302 4.10 -17.19 27.01
C TYR B 302 5.54 -17.14 27.48
N GLY B 303 6.39 -17.87 26.75
CA GLY B 303 7.80 -17.96 27.09
C GLY B 303 8.09 -18.89 28.27
N HIS B 304 7.05 -19.44 28.91
CA HIS B 304 7.23 -20.22 30.11
C HIS B 304 8.15 -19.58 31.08
N HIS B 305 7.90 -18.31 31.40
CA HIS B 305 8.65 -17.63 32.48
C HIS B 305 8.26 -17.98 33.90
N TYR B 306 7.21 -18.78 34.05
CA TYR B 306 6.92 -19.45 35.31
C TYR B 306 6.72 -20.92 35.03
N THR B 307 7.21 -21.71 35.97
CA THR B 307 7.06 -23.18 35.96
C THR B 307 6.58 -23.60 37.34
N THR B 308 5.50 -24.35 37.40
CA THR B 308 4.99 -24.82 38.67
C THR B 308 6.12 -25.59 39.40
N PRO B 309 6.38 -25.25 40.70
CA PRO B 309 7.44 -25.99 41.45
C PRO B 309 7.01 -27.40 41.91
N GLY B 310 5.71 -27.63 42.02
CA GLY B 310 5.17 -28.94 42.26
C GLY B 310 3.72 -28.93 41.87
N GLU B 311 3.01 -29.99 42.21
CA GLU B 311 1.58 -30.10 41.92
C GLU B 311 0.80 -28.95 42.61
N THR B 312 -0.15 -28.36 41.90
CA THR B 312 -0.78 -27.09 42.36
C THR B 312 -2.03 -26.76 41.61
N THR B 313 -2.68 -25.65 41.95
CA THR B 313 -3.85 -25.20 41.22
C THR B 313 -3.54 -23.83 40.55
N LEU B 314 -4.09 -23.64 39.35
CA LEU B 314 -3.92 -22.36 38.63
C LEU B 314 -5.31 -21.78 38.49
N GLY B 315 -5.37 -20.45 38.56
CA GLY B 315 -6.59 -19.68 38.38
C GLY B 315 -6.42 -18.75 37.18
N LEU B 316 -7.42 -18.72 36.30
CA LEU B 316 -7.38 -17.86 35.11
C LEU B 316 -8.19 -16.56 35.34
N VAL B 317 -7.49 -15.42 35.32
CA VAL B 317 -8.16 -14.12 35.50
C VAL B 317 -8.40 -13.53 34.11
N PRO B 318 -9.66 -13.29 33.69
CA PRO B 318 -9.96 -12.96 32.35
C PRO B 318 -9.80 -11.46 32.03
N LEU B 319 -8.62 -10.93 32.33
CA LEU B 319 -8.24 -9.55 31.99
C LEU B 319 -6.81 -9.63 31.52
N GLY B 320 -6.50 -8.86 30.49
CA GLY B 320 -5.12 -8.82 29.91
C GLY B 320 -4.73 -7.40 29.51
N TYR B 321 -3.58 -7.27 28.83
CA TYR B 321 -3.08 -5.94 28.49
C TYR B 321 -4.03 -5.15 27.57
N ALA B 322 -4.86 -5.79 26.78
CA ALA B 322 -5.91 -5.02 25.99
C ALA B 322 -6.91 -4.33 26.93
N ASP B 323 -7.08 -4.88 28.11
CA ASP B 323 -7.95 -4.31 29.14
C ASP B 323 -7.22 -3.30 30.00
N GLY B 324 -5.93 -3.05 29.76
CA GLY B 324 -5.14 -2.19 30.55
C GLY B 324 -4.37 -2.81 31.71
N ILE B 325 -4.24 -4.14 31.76
CA ILE B 325 -3.41 -4.76 32.75
C ILE B 325 -1.97 -4.70 32.14
N PRO B 326 -1.11 -3.85 32.66
CA PRO B 326 0.20 -3.64 31.96
C PRO B 326 1.02 -4.88 31.84
N ARG B 327 1.52 -5.13 30.65
CA ARG B 327 2.41 -6.29 30.42
C ARG B 327 3.67 -6.25 31.32
N HIS B 328 4.13 -5.06 31.67
CA HIS B 328 5.22 -4.91 32.62
C HIS B 328 4.97 -5.50 33.99
N ALA B 329 3.71 -5.77 34.40
CA ALA B 329 3.41 -6.42 35.66
C ALA B 329 3.43 -7.97 35.58
N SER B 330 3.91 -8.51 34.46
CA SER B 330 4.15 -9.97 34.28
C SER B 330 5.02 -10.44 35.50
N SER B 331 4.66 -11.59 36.08
CA SER B 331 5.31 -12.15 37.27
C SER B 331 5.18 -11.32 38.55
N SER B 332 4.46 -10.18 38.56
CA SER B 332 4.47 -9.35 39.75
C SER B 332 3.16 -8.73 40.19
N GLY B 333 2.22 -8.54 39.29
CA GLY B 333 0.97 -7.92 39.66
C GLY B 333 0.23 -8.65 40.78
N PRO B 334 -0.28 -7.92 41.78
CA PRO B 334 -1.00 -8.54 42.85
C PRO B 334 -2.52 -8.60 42.61
N VAL B 335 -3.16 -9.65 43.10
CA VAL B 335 -4.56 -9.79 43.03
C VAL B 335 -5.07 -10.58 44.21
N LEU B 336 -6.12 -10.08 44.83
CA LEU B 336 -6.79 -10.77 45.91
C LEU B 336 -7.70 -11.82 45.32
N VAL B 337 -7.43 -13.10 45.64
CA VAL B 337 -8.31 -14.19 45.22
C VAL B 337 -8.50 -15.16 46.42
N ASP B 338 -9.74 -15.48 46.76
CA ASP B 338 -10.04 -16.55 47.74
C ASP B 338 -9.27 -16.31 49.05
N GLY B 339 -9.36 -15.09 49.54
CA GLY B 339 -8.76 -14.71 50.80
C GLY B 339 -7.28 -14.37 50.91
N LYS B 340 -6.50 -14.51 49.83
CA LYS B 340 -5.08 -14.21 49.90
C LYS B 340 -4.65 -13.41 48.67
N TRP B 341 -3.59 -12.63 48.82
CA TRP B 341 -2.92 -12.05 47.67
C TRP B 341 -2.23 -13.11 46.88
N ARG B 342 -2.47 -13.10 45.58
CA ARG B 342 -1.74 -13.90 44.63
C ARG B 342 -0.93 -13.00 43.79
N THR B 343 0.03 -13.53 43.07
CA THR B 343 0.68 -12.72 42.10
C THR B 343 0.57 -13.34 40.73
N VAL B 344 0.68 -12.50 39.70
CA VAL B 344 0.71 -12.96 38.36
C VAL B 344 1.82 -14.06 38.19
N ALA B 345 1.43 -15.19 37.62
CA ALA B 345 2.35 -16.23 37.12
C ALA B 345 2.75 -16.07 35.67
N GLY B 346 3.99 -15.62 35.46
CA GLY B 346 4.55 -15.45 34.14
C GLY B 346 3.89 -14.30 33.38
N ARG B 347 3.84 -14.43 32.08
CA ARG B 347 3.50 -13.31 31.19
C ARG B 347 1.99 -13.02 31.20
N ILE B 348 1.67 -11.75 31.22
CA ILE B 348 0.32 -11.30 31.03
C ILE B 348 0.09 -11.38 29.53
N ALA B 349 -1.05 -11.89 29.14
CA ALA B 349 -1.45 -12.04 27.77
C ALA B 349 -2.43 -10.91 27.40
N MET B 350 -2.92 -10.88 26.20
CA MET B 350 -3.73 -9.75 25.75
C MET B 350 -5.07 -9.68 26.53
N ASP B 351 -5.63 -10.86 26.83
CA ASP B 351 -6.96 -11.00 27.34
C ASP B 351 -7.09 -11.67 28.69
N GLN B 352 -5.97 -12.14 29.25
CA GLN B 352 -5.99 -12.95 30.44
C GLN B 352 -4.65 -13.07 31.04
N PHE B 353 -4.62 -13.50 32.27
CA PHE B 353 -3.42 -13.93 32.94
C PHE B 353 -3.75 -15.01 33.95
N VAL B 354 -2.70 -15.63 34.42
CA VAL B 354 -2.81 -16.79 35.32
C VAL B 354 -2.21 -16.43 36.64
N VAL B 355 -2.81 -16.95 37.72
CA VAL B 355 -2.19 -16.94 39.04
C VAL B 355 -2.03 -18.41 39.57
N ASP B 356 -0.94 -18.68 40.25
CA ASP B 356 -0.72 -19.95 41.01
C ASP B 356 -1.48 -19.82 42.32
N LEU B 357 -2.52 -20.64 42.47
CA LEU B 357 -3.35 -20.59 43.67
C LEU B 357 -2.83 -21.55 44.79
N GLY B 358 -1.65 -22.17 44.62
CA GLY B 358 -1.01 -22.92 45.73
C GLY B 358 -1.77 -24.12 46.23
N GLY B 359 -2.75 -24.63 45.49
CA GLY B 359 -3.58 -25.70 45.95
C GLY B 359 -5.00 -25.28 46.31
N ASP B 360 -5.29 -23.98 46.43
CA ASP B 360 -6.64 -23.58 46.81
C ASP B 360 -7.52 -23.85 45.65
N ARG B 361 -8.80 -23.99 45.93
CA ARG B 361 -9.78 -24.37 44.94
C ARG B 361 -11.01 -23.52 45.07
N PRO B 362 -10.85 -22.21 44.79
CA PRO B 362 -12.05 -21.40 44.67
C PRO B 362 -12.92 -21.87 43.54
N GLU B 363 -14.18 -21.50 43.57
CA GLU B 363 -15.08 -21.88 42.48
C GLU B 363 -14.74 -21.04 41.23
N PRO B 364 -14.97 -21.60 40.04
CA PRO B 364 -15.01 -20.73 38.87
C PRO B 364 -16.02 -19.64 39.11
N GLY B 365 -15.71 -18.46 38.63
CA GLY B 365 -16.58 -17.30 38.90
C GLY B 365 -16.31 -16.57 40.17
N ALA B 366 -15.37 -17.05 41.01
CA ALA B 366 -15.03 -16.40 42.24
C ALA B 366 -14.34 -15.05 41.93
N GLU B 367 -14.58 -14.09 42.80
CA GLU B 367 -14.07 -12.72 42.58
C GLU B 367 -12.55 -12.62 42.73
N ALA B 368 -11.91 -11.95 41.78
CA ALA B 368 -10.50 -11.63 41.87
C ALA B 368 -10.43 -10.09 41.90
N VAL B 369 -9.94 -9.52 42.97
CA VAL B 369 -9.94 -8.05 43.11
C VAL B 369 -8.51 -7.56 42.83
N LEU B 370 -8.33 -6.85 41.70
CA LEU B 370 -6.97 -6.46 41.29
C LEU B 370 -6.54 -5.24 42.10
N PHE B 371 -7.43 -4.25 42.21
CA PHE B 371 -7.17 -3.06 43.04
C PHE B 371 -8.43 -2.34 43.43
N GLY B 372 -8.30 -1.59 44.50
CA GLY B 372 -9.35 -0.76 45.02
C GLY B 372 -8.81 0.14 46.16
N PRO B 373 -9.71 0.67 46.99
CA PRO B 373 -9.33 1.50 48.10
C PRO B 373 -8.46 0.80 49.14
N GLY B 374 -8.57 -0.52 49.25
CA GLY B 374 -7.63 -1.32 50.04
C GLY B 374 -8.21 -1.78 51.37
N ASP B 375 -9.42 -1.37 51.70
CA ASP B 375 -9.95 -1.63 53.03
C ASP B 375 -10.55 -3.05 53.13
N ARG B 376 -10.67 -3.80 52.04
CA ARG B 376 -11.03 -5.22 52.12
C ARG B 376 -9.87 -6.15 51.94
N GLY B 377 -8.65 -5.69 52.24
CA GLY B 377 -7.48 -6.51 51.99
C GLY B 377 -7.00 -6.61 50.55
N GLU B 378 -7.56 -5.83 49.63
CA GLU B 378 -7.14 -5.89 48.23
C GLU B 378 -5.96 -4.96 47.97
N PRO B 379 -5.21 -5.19 46.89
CA PRO B 379 -4.18 -4.23 46.53
C PRO B 379 -4.78 -2.86 46.10
N THR B 380 -3.93 -1.86 45.99
CA THR B 380 -4.28 -0.59 45.47
C THR B 380 -3.64 -0.34 44.11
N ALA B 381 -4.11 0.70 43.42
CA ALA B 381 -3.55 1.03 42.16
C ALA B 381 -2.03 1.33 42.27
N GLU B 382 -1.62 1.90 43.40
CA GLU B 382 -0.20 2.15 43.67
C GLU B 382 0.61 0.82 43.72
N ASP B 383 0.05 -0.23 44.29
CA ASP B 383 0.71 -1.56 44.21
C ASP B 383 0.92 -2.01 42.77
N TRP B 384 -0.08 -1.79 41.91
CA TRP B 384 0.10 -2.10 40.50
C TRP B 384 1.16 -1.27 39.79
N ALA B 385 1.16 0.02 40.09
CA ALA B 385 2.18 0.92 39.61
C ALA B 385 3.58 0.40 39.93
N GLN B 386 3.80 -0.05 41.17
CA GLN B 386 5.08 -0.58 41.60
C GLN B 386 5.40 -1.83 40.90
N ALA B 387 4.42 -2.71 40.77
CA ALA B 387 4.65 -3.93 40.02
C ALA B 387 4.96 -3.73 38.52
N ALA B 388 4.46 -2.66 37.92
CA ALA B 388 4.64 -2.40 36.53
C ALA B 388 5.70 -1.33 36.24
N GLY B 389 6.45 -0.87 37.24
CA GLY B 389 7.48 0.12 37.05
C GLY B 389 6.93 1.45 36.47
N THR B 390 5.77 1.89 36.95
CA THR B 390 5.16 3.10 36.45
C THR B 390 4.54 3.84 37.64
N ILE B 391 3.64 4.77 37.34
CA ILE B 391 2.95 5.53 38.37
C ILE B 391 1.45 5.20 38.34
N ALA B 392 0.78 5.43 39.46
CA ALA B 392 -0.63 5.03 39.63
C ALA B 392 -1.55 5.81 38.63
N TYR B 393 -1.17 7.02 38.29
CA TYR B 393 -1.86 7.76 37.19
C TYR B 393 -2.05 6.92 35.92
N GLU B 394 -1.01 6.19 35.48
CA GLU B 394 -1.07 5.43 34.28
C GLU B 394 -1.97 4.21 34.46
N ILE B 395 -1.90 3.61 35.63
CA ILE B 395 -2.63 2.38 35.89
C ILE B 395 -4.16 2.67 35.73
N VAL B 396 -4.65 3.68 36.42
CA VAL B 396 -6.11 3.92 36.40
C VAL B 396 -6.56 4.51 35.03
N THR B 397 -5.72 5.37 34.45
CA THR B 397 -6.11 6.07 33.27
C THR B 397 -6.21 5.12 32.08
N ARG B 398 -5.39 4.06 32.01
CA ARG B 398 -5.37 3.19 30.83
C ARG B 398 -6.21 1.87 30.94
N ILE B 399 -7.09 1.77 31.92
CA ILE B 399 -8.01 0.67 31.98
C ILE B 399 -8.87 0.75 30.76
N GLY B 400 -8.89 -0.33 30.01
CA GLY B 400 -9.41 -0.31 28.65
C GLY B 400 -10.93 -0.14 28.55
N SER B 401 -11.39 0.26 27.37
CA SER B 401 -12.83 0.39 27.11
C SER B 401 -13.58 -0.95 27.10
N ARG B 402 -12.87 -2.05 26.96
CA ARG B 402 -13.48 -3.33 27.07
C ARG B 402 -13.90 -3.70 28.50
N VAL B 403 -13.45 -2.96 29.50
CA VAL B 403 -13.84 -3.21 30.86
C VAL B 403 -15.00 -2.29 31.13
N PRO B 404 -16.16 -2.86 31.43
CA PRO B 404 -17.30 -1.92 31.74
C PRO B 404 -17.15 -1.19 33.04
N ARG B 405 -17.57 0.05 33.07
CA ARG B 405 -17.64 0.82 34.28
C ARG B 405 -19.06 0.70 34.92
N VAL B 406 -19.06 0.44 36.22
CA VAL B 406 -20.29 0.32 37.02
C VAL B 406 -20.24 1.48 38.02
N TYR B 407 -21.17 2.40 37.96
CA TYR B 407 -21.19 3.62 38.83
C TYR B 407 -22.02 3.30 40.08
N VAL B 408 -21.44 3.49 41.25
CA VAL B 408 -22.17 3.38 42.49
C VAL B 408 -22.27 4.72 43.19
N ASN B 409 -23.39 4.91 43.90
CA ASN B 409 -23.64 6.12 44.69
C ASN B 409 -23.71 7.39 43.86
N GLU B 410 -24.23 7.24 42.64
CA GLU B 410 -24.49 8.29 41.71
C GLU B 410 -25.43 9.37 42.25
N ALA C 29 15.28 3.36 -9.43
CA ALA C 29 15.14 3.99 -8.08
C ALA C 29 14.55 5.40 -8.19
N ASP C 30 15.06 6.21 -9.12
CA ASP C 30 14.51 7.55 -9.43
C ASP C 30 13.65 7.52 -10.70
N ALA C 31 13.85 6.54 -11.60
CA ALA C 31 12.92 6.36 -12.75
C ALA C 31 11.51 6.02 -12.28
N VAL C 32 11.40 5.34 -11.12
CA VAL C 32 10.06 4.98 -10.61
C VAL C 32 9.26 6.19 -10.18
N LEU C 33 9.92 7.35 -10.00
CA LEU C 33 9.17 8.54 -9.62
C LEU C 33 8.24 9.00 -10.65
N ARG C 34 8.55 8.78 -11.92
CA ARG C 34 7.62 9.20 -12.97
C ARG C 34 6.45 8.16 -13.08
N ALA C 35 6.82 6.89 -13.18
CA ALA C 35 5.84 5.81 -13.44
C ALA C 35 6.46 4.51 -13.18
N ARG C 36 5.62 3.52 -12.90
CA ARG C 36 6.11 2.24 -12.67
C ARG C 36 5.03 1.22 -12.91
N ALA C 37 5.50 0.02 -13.20
CA ALA C 37 4.63 -1.11 -13.26
C ALA C 37 5.00 -2.00 -12.13
N GLU C 38 4.07 -2.10 -11.15
CA GLU C 38 4.27 -2.99 -10.01
C GLU C 38 3.84 -4.37 -10.31
N ILE C 39 4.69 -5.30 -10.04
CA ILE C 39 4.49 -6.69 -10.32
C ILE C 39 4.42 -7.44 -9.02
N ASP C 40 3.21 -7.84 -8.62
CA ASP C 40 3.05 -8.62 -7.40
C ASP C 40 3.21 -10.08 -7.63
N LEU C 41 4.38 -10.58 -7.27
CA LEU C 41 4.67 -11.98 -7.48
C LEU C 41 3.89 -12.88 -6.55
N ALA C 42 3.39 -12.35 -5.43
CA ALA C 42 2.56 -13.18 -4.55
C ALA C 42 1.21 -13.41 -5.23
N ALA C 43 0.68 -12.41 -5.91
CA ALA C 43 -0.50 -12.61 -6.72
C ALA C 43 -0.28 -13.67 -7.79
N LEU C 44 0.91 -13.63 -8.42
CA LEU C 44 1.20 -14.56 -9.49
C LEU C 44 1.26 -15.97 -8.95
N ARG C 45 1.93 -16.16 -7.80
CA ARG C 45 1.95 -17.46 -7.14
C ARG C 45 0.56 -17.96 -6.76
N ALA C 46 -0.26 -17.08 -6.25
CA ALA C 46 -1.65 -17.45 -5.91
C ALA C 46 -2.46 -17.84 -7.14
N ASN C 47 -2.21 -17.17 -8.26
CA ASN C 47 -2.85 -17.52 -9.53
C ASN C 47 -2.43 -18.89 -10.03
N VAL C 48 -1.14 -19.25 -9.91
CA VAL C 48 -0.64 -20.54 -10.32
C VAL C 48 -1.26 -21.63 -9.46
N ARG C 49 -1.30 -21.41 -8.12
CA ARG C 49 -1.99 -22.36 -7.21
C ARG C 49 -3.47 -22.55 -7.61
N ALA C 50 -4.14 -21.46 -7.89
CA ALA C 50 -5.56 -21.55 -8.25
C ALA C 50 -5.73 -22.31 -9.59
N LEU C 51 -4.81 -22.08 -10.53
CA LEU C 51 -4.90 -22.79 -11.82
C LEU C 51 -4.56 -24.28 -11.71
N ARG C 52 -3.57 -24.62 -10.90
CA ARG C 52 -3.30 -26.02 -10.60
C ARG C 52 -4.51 -26.74 -9.99
N GLU C 53 -5.23 -26.06 -9.08
CA GLU C 53 -6.44 -26.66 -8.51
C GLU C 53 -7.47 -26.89 -9.58
N ARG C 54 -7.57 -25.96 -10.54
CA ARG C 54 -8.56 -26.07 -11.61
CA ARG C 54 -8.56 -26.07 -11.61
CA ARG C 54 -8.57 -26.05 -11.61
C ARG C 54 -8.24 -27.15 -12.63
N ALA C 55 -7.00 -27.64 -12.66
CA ALA C 55 -6.58 -28.65 -13.63
C ALA C 55 -5.78 -29.73 -12.90
N PRO C 56 -6.46 -30.46 -12.00
CA PRO C 56 -5.76 -31.39 -11.11
C PRO C 56 -5.09 -32.56 -11.82
N GLY C 57 -5.61 -32.97 -12.98
CA GLY C 57 -4.99 -34.07 -13.74
C GLY C 57 -3.71 -33.76 -14.52
N ALA C 58 -3.28 -32.49 -14.52
CA ALA C 58 -2.30 -31.99 -15.51
C ALA C 58 -1.18 -31.22 -14.85
N ALA C 59 0.00 -31.28 -15.43
CA ALA C 59 1.07 -30.37 -15.08
C ALA C 59 0.68 -29.00 -15.61
N LEU C 60 1.28 -27.97 -15.03
CA LEU C 60 1.02 -26.60 -15.44
C LEU C 60 2.29 -26.00 -16.06
N MET C 61 2.11 -25.41 -17.25
CA MET C 61 3.18 -24.67 -17.91
C MET C 61 2.96 -23.19 -17.64
N ALA C 62 4.00 -22.53 -17.14
CA ALA C 62 4.02 -21.10 -16.98
C ALA C 62 4.52 -20.46 -18.30
N VAL C 63 3.59 -19.83 -19.03
CA VAL C 63 3.90 -19.24 -20.31
C VAL C 63 4.47 -17.83 -20.02
N VAL C 64 5.77 -17.68 -20.22
CA VAL C 64 6.54 -16.50 -19.91
C VAL C 64 7.20 -15.84 -21.13
N LYS C 65 6.69 -16.14 -22.30
CA LYS C 65 7.06 -15.43 -23.53
C LYS C 65 6.73 -13.93 -23.45
N ALA C 66 7.35 -13.16 -24.34
CA ALA C 66 7.12 -11.75 -24.50
C ALA C 66 7.37 -11.05 -23.14
N ASP C 67 8.50 -11.42 -22.54
CA ASP C 67 8.92 -10.88 -21.24
C ASP C 67 7.80 -11.09 -20.18
N ALA C 68 7.28 -12.32 -20.15
CA ALA C 68 6.20 -12.73 -19.28
C ALA C 68 5.00 -11.81 -19.45
N TYR C 69 4.57 -11.66 -20.73
CA TYR C 69 3.41 -10.80 -21.07
C TYR C 69 3.58 -9.38 -20.48
N GLY C 70 4.80 -8.86 -20.60
CA GLY C 70 5.15 -7.57 -20.06
C GLY C 70 5.53 -7.47 -18.53
N HIS C 71 5.48 -8.56 -17.81
CA HIS C 71 5.65 -8.56 -16.36
C HIS C 71 7.07 -8.85 -15.92
N GLY C 72 7.92 -9.33 -16.84
CA GLY C 72 9.32 -9.69 -16.53
C GLY C 72 9.54 -11.21 -16.54
N ALA C 73 10.26 -11.72 -17.56
CA ALA C 73 10.38 -13.14 -17.77
C ALA C 73 10.95 -13.95 -16.61
N ILE C 74 12.13 -13.57 -16.14
CA ILE C 74 12.83 -14.40 -15.14
C ILE C 74 12.18 -14.34 -13.72
N PRO C 75 11.89 -13.16 -13.20
CA PRO C 75 11.14 -13.12 -11.95
C PRO C 75 9.79 -13.86 -11.94
N CYS C 76 9.02 -13.75 -13.03
CA CYS C 76 7.77 -14.48 -13.09
C CYS C 76 7.99 -15.99 -13.24
N ALA C 77 8.98 -16.39 -14.04
CA ALA C 77 9.37 -17.79 -14.15
C ALA C 77 9.72 -18.40 -12.77
N ARG C 78 10.55 -17.69 -12.02
CA ARG C 78 10.93 -18.18 -10.68
C ARG C 78 9.73 -18.33 -9.78
N ALA C 79 8.90 -17.31 -9.73
CA ALA C 79 7.70 -17.37 -8.92
C ALA C 79 6.78 -18.53 -9.32
N ALA C 80 6.59 -18.71 -10.63
CA ALA C 80 5.67 -19.75 -11.10
C ALA C 80 6.16 -21.13 -10.70
N VAL C 81 7.46 -21.36 -10.84
CA VAL C 81 8.07 -22.63 -10.51
C VAL C 81 7.94 -22.93 -9.00
N ALA C 82 8.18 -21.92 -8.17
CA ALA C 82 7.98 -21.97 -6.73
C ALA C 82 6.57 -22.38 -6.40
N ALA C 83 5.57 -21.90 -7.17
CA ALA C 83 4.17 -22.22 -6.93
C ALA C 83 3.70 -23.53 -7.57
N GLY C 84 4.59 -24.29 -8.19
CA GLY C 84 4.28 -25.61 -8.70
C GLY C 84 4.29 -25.80 -10.22
N ALA C 85 4.62 -24.75 -11.00
CA ALA C 85 4.76 -24.96 -12.45
C ALA C 85 5.95 -25.87 -12.69
N THR C 86 5.77 -26.90 -13.51
CA THR C 86 6.87 -27.80 -13.87
C THR C 86 7.40 -27.61 -15.30
N TRP C 87 6.67 -26.82 -16.10
CA TRP C 87 7.07 -26.46 -17.46
C TRP C 87 7.07 -24.93 -17.57
N LEU C 88 8.02 -24.42 -18.37
CA LEU C 88 8.07 -23.02 -18.80
C LEU C 88 7.95 -22.99 -20.30
N GLY C 89 7.17 -22.04 -20.80
CA GLY C 89 6.91 -21.89 -22.25
C GLY C 89 7.38 -20.52 -22.71
N THR C 90 8.13 -20.49 -23.82
CA THR C 90 8.47 -19.23 -24.48
C THR C 90 8.22 -19.34 -25.96
N ALA C 91 8.20 -18.21 -26.64
CA ALA C 91 8.05 -18.25 -28.08
C ALA C 91 9.43 -18.51 -28.66
N THR C 92 10.32 -17.56 -28.53
CA THR C 92 11.59 -17.63 -29.28
C THR C 92 12.64 -18.48 -28.51
N PRO C 93 13.65 -19.00 -29.23
CA PRO C 93 14.70 -19.75 -28.57
C PRO C 93 15.53 -18.87 -27.69
N GLN C 94 15.68 -17.60 -28.06
CA GLN C 94 16.42 -16.65 -27.26
C GLN C 94 15.78 -16.45 -25.87
N GLU C 95 14.44 -16.37 -25.82
CA GLU C 95 13.70 -16.34 -24.55
C GLU C 95 13.97 -17.58 -23.69
N ALA C 96 13.91 -18.76 -24.30
CA ALA C 96 14.09 -20.02 -23.59
C ALA C 96 15.54 -20.15 -23.10
N LEU C 97 16.49 -19.80 -23.96
CA LEU C 97 17.92 -19.82 -23.56
C LEU C 97 18.22 -18.85 -22.40
N ALA C 98 17.57 -17.68 -22.39
CA ALA C 98 17.75 -16.70 -21.31
C ALA C 98 17.27 -17.26 -19.97
N LEU C 99 16.21 -18.09 -20.01
CA LEU C 99 15.77 -18.77 -18.81
C LEU C 99 16.78 -19.82 -18.33
N ARG C 100 17.31 -20.64 -19.23
CA ARG C 100 18.37 -21.64 -18.87
C ARG C 100 19.59 -20.97 -18.29
N ALA C 101 19.94 -19.81 -18.80
CA ALA C 101 21.10 -19.03 -18.33
C ALA C 101 20.88 -18.15 -17.12
N ALA C 102 19.66 -18.07 -16.61
CA ALA C 102 19.43 -17.21 -15.44
C ALA C 102 20.33 -17.61 -14.26
N GLU C 103 20.84 -16.62 -13.53
CA GLU C 103 21.63 -16.83 -12.31
C GLU C 103 20.97 -16.08 -11.13
N PRO C 104 20.61 -16.75 -10.04
CA PRO C 104 20.79 -18.20 -9.83
C PRO C 104 19.90 -19.04 -10.73
N GLY C 105 20.29 -20.27 -10.93
CA GLY C 105 19.61 -21.17 -11.78
C GLY C 105 18.24 -21.57 -11.34
N LEU C 106 17.37 -21.77 -12.31
CA LEU C 106 16.06 -22.23 -12.04
C LEU C 106 16.41 -23.66 -11.87
N PRO C 107 15.56 -24.43 -11.25
CA PRO C 107 15.90 -25.83 -11.09
C PRO C 107 16.27 -26.52 -12.41
N ASP C 108 17.29 -27.35 -12.36
CA ASP C 108 17.75 -28.11 -13.53
C ASP C 108 16.68 -29.01 -14.16
N ASP C 109 15.79 -29.52 -13.32
CA ASP C 109 14.71 -30.39 -13.77
C ASP C 109 13.46 -29.70 -14.38
N VAL C 110 13.39 -28.36 -14.43
CA VAL C 110 12.21 -27.69 -15.02
C VAL C 110 12.36 -27.85 -16.55
N ARG C 111 11.26 -28.22 -17.20
CA ARG C 111 11.21 -28.33 -18.66
C ARG C 111 10.89 -26.95 -19.22
N ILE C 112 11.63 -26.58 -20.24
CA ILE C 112 11.47 -25.32 -20.95
C ILE C 112 11.21 -25.64 -22.38
N MET C 113 10.07 -25.18 -22.87
CA MET C 113 9.70 -25.35 -24.25
C MET C 113 9.67 -24.04 -25.03
N CYS C 114 10.11 -24.09 -26.30
CA CYS C 114 9.98 -22.94 -27.23
C CYS C 114 9.50 -23.39 -28.58
N TRP C 115 8.78 -22.50 -29.25
CA TRP C 115 8.08 -22.90 -30.43
C TRP C 115 8.20 -22.04 -31.68
N LEU C 116 8.75 -20.82 -31.59
CA LEU C 116 8.78 -19.90 -32.73
C LEU C 116 10.15 -19.94 -33.31
N TRP C 117 10.32 -20.79 -34.30
CA TRP C 117 11.59 -21.04 -34.93
C TRP C 117 11.60 -20.61 -36.39
N THR C 118 12.75 -20.16 -36.86
CA THR C 118 12.96 -19.90 -38.26
C THR C 118 14.29 -20.59 -38.76
N PRO C 119 14.44 -20.72 -40.09
CA PRO C 119 15.61 -21.43 -40.62
C PRO C 119 16.91 -20.81 -40.17
N GLY C 120 17.76 -21.66 -39.65
CA GLY C 120 19.09 -21.23 -39.24
C GLY C 120 19.17 -20.76 -37.81
N GLY C 121 18.07 -20.91 -37.06
CA GLY C 121 18.08 -20.54 -35.67
C GLY C 121 18.97 -21.46 -34.86
N PRO C 122 19.17 -21.11 -33.58
CA PRO C 122 20.18 -21.77 -32.76
C PRO C 122 19.74 -23.16 -32.24
N TRP C 123 19.44 -24.06 -33.17
CA TRP C 123 18.96 -25.39 -32.83
C TRP C 123 19.97 -26.16 -31.97
N ARG C 124 21.24 -26.02 -32.30
CA ARG C 124 22.26 -26.76 -31.55
C ARG C 124 22.36 -26.27 -30.11
N GLU C 125 22.39 -24.96 -29.90
CA GLU C 125 22.38 -24.40 -28.55
C GLU C 125 21.14 -24.81 -27.75
N ALA C 126 20.00 -24.94 -28.43
CA ALA C 126 18.78 -25.36 -27.77
C ALA C 126 18.89 -26.82 -27.30
N VAL C 127 19.42 -27.66 -28.18
CA VAL C 127 19.61 -29.10 -27.86
C VAL C 127 20.60 -29.26 -26.70
N GLU C 128 21.71 -28.56 -26.76
CA GLU C 128 22.72 -28.61 -25.68
C GLU C 128 22.15 -28.08 -24.37
N ALA C 129 21.25 -27.09 -24.44
CA ALA C 129 20.52 -26.56 -23.27
C ALA C 129 19.32 -27.38 -22.82
N ARG C 130 19.06 -28.54 -23.46
CA ARG C 130 17.97 -29.47 -23.06
C ARG C 130 16.56 -28.82 -23.12
N LEU C 131 16.33 -27.96 -24.12
CA LEU C 131 15.01 -27.36 -24.32
C LEU C 131 14.10 -28.34 -25.06
N ASP C 132 12.82 -28.37 -24.73
CA ASP C 132 11.85 -28.96 -25.64
C ASP C 132 11.63 -27.97 -26.79
N VAL C 133 11.77 -28.43 -28.03
CA VAL C 133 11.67 -27.53 -29.17
C VAL C 133 10.50 -28.01 -30.00
N SER C 134 9.60 -27.11 -30.37
CA SER C 134 8.49 -27.47 -31.22
C SER C 134 8.97 -27.55 -32.70
N VAL C 135 8.33 -28.46 -33.44
CA VAL C 135 8.64 -28.71 -34.85
C VAL C 135 7.30 -28.90 -35.53
N SER C 136 7.04 -28.14 -36.59
CA SER C 136 5.78 -28.21 -37.30
C SER C 136 5.99 -28.66 -38.75
N ALA C 137 7.24 -28.85 -39.15
CA ALA C 137 7.60 -28.88 -40.57
C ALA C 137 8.92 -29.58 -40.82
N MET C 138 9.03 -30.12 -42.04
CA MET C 138 10.18 -30.92 -42.40
C MET C 138 11.49 -30.14 -42.31
N TRP C 139 11.49 -28.87 -42.71
CA TRP C 139 12.71 -28.06 -42.67
C TRP C 139 13.30 -28.05 -41.28
N ALA C 140 12.41 -27.90 -40.29
CA ALA C 140 12.80 -27.82 -38.91
C ALA C 140 13.20 -29.20 -38.38
N MET C 141 12.44 -30.22 -38.77
CA MET C 141 12.81 -31.62 -38.47
C MET C 141 14.25 -31.90 -38.96
N GLU C 142 14.53 -31.55 -40.21
CA GLU C 142 15.91 -31.68 -40.74
C GLU C 142 16.93 -30.86 -39.93
N GLU C 143 16.62 -29.60 -39.59
CA GLU C 143 17.63 -28.78 -38.90
C GLU C 143 17.91 -29.26 -37.48
N VAL C 144 16.89 -29.72 -36.76
CA VAL C 144 17.10 -30.13 -35.38
C VAL C 144 17.85 -31.48 -35.33
N THR C 145 17.52 -32.37 -36.27
CA THR C 145 18.20 -33.69 -36.40
C THR C 145 19.68 -33.47 -36.74
N GLY C 146 19.96 -32.58 -37.68
CA GLY C 146 21.33 -32.14 -37.97
C GLY C 146 22.07 -31.58 -36.78
N ALA C 147 21.39 -30.73 -36.02
CA ALA C 147 21.98 -30.13 -34.82
C ALA C 147 22.23 -31.18 -33.71
N ALA C 148 21.29 -32.09 -33.53
CA ALA C 148 21.45 -33.19 -32.57
C ALA C 148 22.67 -34.05 -32.98
N ARG C 149 22.70 -34.43 -34.26
CA ARG C 149 23.84 -35.15 -34.83
C ARG C 149 25.16 -34.42 -34.54
N ALA C 150 25.25 -33.13 -34.82
CA ALA C 150 26.49 -32.37 -34.54
C ALA C 150 26.81 -32.19 -33.05
N ALA C 151 25.78 -32.09 -32.20
CA ALA C 151 26.00 -31.89 -30.76
C ALA C 151 26.41 -33.19 -30.05
N GLY C 152 26.04 -34.32 -30.64
CA GLY C 152 26.27 -35.63 -30.02
C GLY C 152 25.37 -35.87 -28.81
N VAL C 153 24.26 -35.14 -28.71
CA VAL C 153 23.24 -35.41 -27.70
C VAL C 153 21.85 -35.34 -28.35
N PRO C 154 20.91 -36.17 -27.89
CA PRO C 154 19.60 -36.18 -28.53
C PRO C 154 18.75 -34.95 -28.17
N ALA C 155 17.85 -34.59 -29.08
CA ALA C 155 16.94 -33.46 -28.92
C ALA C 155 15.64 -33.94 -28.27
N ARG C 156 14.92 -33.01 -27.64
CA ARG C 156 13.57 -33.26 -27.16
C ARG C 156 12.65 -32.46 -28.08
N VAL C 157 11.83 -33.10 -28.89
CA VAL C 157 11.00 -32.36 -29.79
C VAL C 157 9.54 -32.62 -29.57
N GLN C 158 8.78 -31.56 -29.72
CA GLN C 158 7.33 -31.64 -29.63
C GLN C 158 6.77 -31.37 -31.01
N LEU C 159 5.88 -32.24 -31.50
CA LEU C 159 5.31 -32.02 -32.82
C LEU C 159 4.07 -31.19 -32.63
N KCX C 160 3.95 -30.08 -33.35
CA KCX C 160 2.70 -29.33 -33.30
CB KCX C 160 2.97 -27.80 -33.38
CG KCX C 160 1.74 -26.99 -32.97
CD KCX C 160 1.91 -25.46 -33.07
CE KCX C 160 0.68 -24.78 -32.44
NZ KCX C 160 0.34 -23.51 -33.05
C KCX C 160 1.81 -29.72 -34.40
O KCX C 160 2.21 -29.67 -35.60
CX KCX C 160 1.12 -22.43 -32.91
OQ1 KCX C 160 0.78 -21.30 -33.49
OQ2 KCX C 160 2.16 -22.34 -32.29
N ALA C 161 0.54 -29.95 -34.03
CA ALA C 161 -0.52 -30.25 -34.98
C ALA C 161 -1.39 -29.06 -35.25
N ASP C 162 -1.65 -28.77 -36.53
CA ASP C 162 -2.64 -27.78 -36.89
C ASP C 162 -3.99 -28.45 -36.90
N THR C 163 -4.73 -28.25 -35.84
CA THR C 163 -6.06 -28.84 -35.66
C THR C 163 -7.20 -27.94 -36.08
N GLY C 164 -6.94 -26.74 -36.62
CA GLY C 164 -8.00 -25.79 -36.95
C GLY C 164 -7.65 -24.32 -36.87
N LEU C 165 -6.58 -24.02 -36.13
CA LEU C 165 -6.12 -22.61 -35.89
C LEU C 165 -5.49 -22.02 -37.15
N GLY C 166 -4.81 -22.85 -37.95
CA GLY C 166 -4.27 -22.38 -39.22
C GLY C 166 -3.07 -21.46 -39.07
N ARG C 167 -2.27 -21.70 -38.02
CA ARG C 167 -1.18 -20.85 -37.64
C ARG C 167 0.10 -21.64 -37.72
N GLY C 168 0.74 -21.98 -36.60
CA GLY C 168 2.04 -22.60 -36.62
C GLY C 168 2.11 -24.13 -36.84
N GLY C 169 0.99 -24.84 -36.77
CA GLY C 169 1.08 -26.33 -36.74
C GLY C 169 1.26 -27.01 -38.09
N CYS C 170 1.59 -28.32 -38.03
CA CYS C 170 1.57 -29.24 -39.19
C CYS C 170 0.12 -29.63 -39.59
N GLN C 171 -0.23 -29.52 -40.87
CA GLN C 171 -1.57 -29.96 -41.32
C GLN C 171 -1.78 -31.50 -41.18
N PRO C 172 -3.04 -31.92 -40.94
CA PRO C 172 -3.35 -33.34 -41.00
C PRO C 172 -3.18 -33.88 -42.45
N GLY C 173 -3.20 -35.21 -42.58
CA GLY C 173 -3.01 -35.88 -43.87
C GLY C 173 -1.55 -36.07 -44.15
N ALA C 174 -1.16 -35.81 -45.39
CA ALA C 174 0.17 -36.17 -45.85
C ALA C 174 1.30 -35.51 -45.09
N ASP C 175 1.13 -34.20 -44.79
CA ASP C 175 2.17 -33.46 -44.06
C ASP C 175 2.46 -34.13 -42.72
N TRP C 176 1.39 -34.51 -42.01
CA TRP C 176 1.53 -35.12 -40.64
C TRP C 176 2.13 -36.51 -40.77
N GLU C 177 1.61 -37.25 -41.77
CA GLU C 177 2.15 -38.60 -42.03
C GLU C 177 3.64 -38.52 -42.21
N ARG C 178 4.10 -37.59 -43.06
CA ARG C 178 5.51 -37.47 -43.39
C ARG C 178 6.32 -37.00 -42.19
N LEU C 179 5.77 -36.04 -41.44
CA LEU C 179 6.45 -35.55 -40.25
C LEU C 179 6.62 -36.61 -39.15
N VAL C 180 5.54 -37.31 -38.85
CA VAL C 180 5.57 -38.45 -37.89
C VAL C 180 6.61 -39.52 -38.34
N GLY C 181 6.59 -39.80 -39.64
CA GLY C 181 7.55 -40.73 -40.26
C GLY C 181 8.99 -40.29 -40.06
N ALA C 182 9.29 -39.01 -40.32
CA ALA C 182 10.68 -38.55 -40.15
C ALA C 182 11.12 -38.58 -38.71
N ALA C 183 10.18 -38.29 -37.81
CA ALA C 183 10.43 -38.31 -36.38
C ALA C 183 10.82 -39.72 -35.88
N LEU C 184 10.05 -40.72 -36.33
CA LEU C 184 10.33 -42.16 -35.99
C LEU C 184 11.71 -42.57 -36.44
N ARG C 185 12.06 -42.18 -37.65
CA ARG C 185 13.38 -42.47 -38.17
C ARG C 185 14.47 -41.85 -37.31
N ALA C 186 14.28 -40.58 -36.92
CA ALA C 186 15.27 -39.89 -36.09
C ALA C 186 15.36 -40.56 -34.72
N GLU C 187 14.22 -41.07 -34.24
CA GLU C 187 14.16 -41.84 -32.98
C GLU C 187 14.98 -43.12 -33.12
N GLU C 188 14.70 -43.83 -34.21
CA GLU C 188 15.48 -45.03 -34.60
C GLU C 188 17.00 -44.76 -34.60
N GLU C 189 17.43 -43.63 -35.18
CA GLU C 189 18.86 -43.26 -35.15
C GLU C 189 19.37 -42.72 -33.78
N GLY C 190 18.51 -42.61 -32.76
CA GLY C 190 18.93 -42.02 -31.45
C GLY C 190 19.24 -40.50 -31.47
N LEU C 191 18.69 -39.79 -32.45
CA LEU C 191 18.94 -38.33 -32.62
C LEU C 191 17.92 -37.46 -31.88
N LEU C 192 16.73 -38.00 -31.61
CA LEU C 192 15.76 -37.29 -30.83
C LEU C 192 14.76 -38.22 -30.19
N ARG C 193 14.03 -37.66 -29.24
CA ARG C 193 12.83 -38.26 -28.75
C ARG C 193 11.67 -37.26 -28.90
N VAL C 194 10.53 -37.71 -29.41
CA VAL C 194 9.34 -36.91 -29.45
C VAL C 194 8.73 -36.93 -28.03
N THR C 195 8.91 -35.80 -27.34
CA THR C 195 8.47 -35.64 -25.94
C THR C 195 7.04 -35.16 -25.81
N GLY C 196 6.47 -34.55 -26.84
CA GLY C 196 5.10 -34.13 -26.81
C GLY C 196 4.43 -34.00 -28.18
N LEU C 197 3.11 -33.99 -28.13
CA LEU C 197 2.26 -33.72 -29.28
C LEU C 197 1.28 -32.62 -28.79
N TRP C 198 1.20 -31.50 -29.52
CA TRP C 198 0.45 -30.34 -29.05
C TRP C 198 -0.22 -29.53 -30.14
N SER C 199 -1.20 -28.76 -29.72
CA SER C 199 -1.88 -27.84 -30.60
C SER C 199 -2.37 -26.63 -29.79
N HIS C 200 -3.20 -25.78 -30.40
CA HIS C 200 -3.66 -24.55 -29.79
C HIS C 200 -5.00 -24.22 -30.39
N PHE C 201 -5.92 -23.73 -29.57
CA PHE C 201 -7.28 -23.39 -29.98
C PHE C 201 -7.42 -22.01 -30.58
N ALA C 202 -8.38 -21.92 -31.52
CA ALA C 202 -8.77 -20.65 -32.12
C ALA C 202 -9.79 -19.85 -31.36
N CYS C 203 -10.79 -20.52 -30.80
CA CYS C 203 -11.92 -19.86 -30.25
C CYS C 203 -12.37 -20.35 -28.85
N ALA C 204 -11.43 -20.86 -28.07
CA ALA C 204 -11.75 -21.31 -26.70
C ALA C 204 -12.29 -20.23 -25.75
N ASP C 205 -12.05 -18.96 -26.09
CA ASP C 205 -12.59 -17.83 -25.27
C ASP C 205 -14.04 -17.54 -25.53
N GLU C 206 -14.62 -18.27 -26.50
CA GLU C 206 -16.08 -18.22 -26.80
C GLU C 206 -16.70 -19.56 -26.48
N PRO C 207 -17.23 -19.73 -25.27
CA PRO C 207 -17.60 -21.09 -24.87
C PRO C 207 -18.75 -21.60 -25.75
N GLY C 208 -18.69 -22.88 -26.11
CA GLY C 208 -19.61 -23.46 -27.07
C GLY C 208 -19.37 -23.21 -28.56
N HIS C 209 -18.33 -22.44 -28.93
CA HIS C 209 -18.05 -22.21 -30.36
C HIS C 209 -17.71 -23.58 -31.00
N PRO C 210 -18.34 -23.89 -32.16
CA PRO C 210 -18.24 -25.23 -32.73
C PRO C 210 -16.84 -25.64 -33.12
N SER C 211 -15.97 -24.67 -33.45
CA SER C 211 -14.56 -24.98 -33.73
C SER C 211 -13.85 -25.67 -32.57
N ILE C 212 -14.28 -25.41 -31.33
CA ILE C 212 -13.59 -26.01 -30.15
C ILE C 212 -13.68 -27.54 -30.21
N ALA C 213 -14.91 -28.05 -30.30
CA ALA C 213 -15.13 -29.51 -30.45
C ALA C 213 -14.45 -30.09 -31.68
N ALA C 214 -14.54 -29.34 -32.77
CA ALA C 214 -13.87 -29.77 -34.02
C ALA C 214 -12.39 -29.90 -33.83
N GLN C 215 -11.78 -28.93 -33.15
CA GLN C 215 -10.33 -29.01 -32.96
C GLN C 215 -9.97 -30.15 -32.02
N LEU C 216 -10.76 -30.36 -30.99
CA LEU C 216 -10.43 -31.45 -30.02
C LEU C 216 -10.50 -32.82 -30.70
N THR C 217 -11.53 -32.98 -31.53
CA THR C 217 -11.71 -34.23 -32.34
C THR C 217 -10.51 -34.44 -33.25
N ARG C 218 -10.13 -33.40 -34.02
CA ARG C 218 -8.94 -33.48 -34.84
C ARG C 218 -7.65 -33.72 -34.04
N PHE C 219 -7.51 -33.09 -32.87
CA PHE C 219 -6.34 -33.34 -31.99
C PHE C 219 -6.26 -34.81 -31.57
N ARG C 220 -7.40 -35.35 -31.18
CA ARG C 220 -7.48 -36.79 -30.79
C ARG C 220 -7.08 -37.71 -31.94
N GLU C 221 -7.62 -37.44 -33.14
CA GLU C 221 -7.26 -38.21 -34.37
C GLU C 221 -5.77 -38.13 -34.67
N MET C 222 -5.24 -36.91 -34.71
CA MET C 222 -3.84 -36.74 -35.10
C MET C 222 -2.89 -37.35 -34.07
N THR C 223 -3.23 -37.25 -32.79
CA THR C 223 -2.37 -37.81 -31.74
C THR C 223 -2.50 -39.36 -31.68
N ALA C 224 -3.72 -39.86 -31.87
CA ALA C 224 -3.97 -41.33 -31.99
C ALA C 224 -3.13 -41.90 -33.13
N TYR C 225 -3.24 -41.27 -34.30
CA TYR C 225 -2.41 -41.64 -35.45
C TYR C 225 -0.90 -41.68 -35.13
N ALA C 226 -0.37 -40.65 -34.45
CA ALA C 226 1.07 -40.61 -34.16
C ALA C 226 1.54 -41.71 -33.20
N GLU C 227 0.68 -42.01 -32.22
CA GLU C 227 0.98 -43.01 -31.18
C GLU C 227 0.91 -44.44 -31.76
N GLN C 228 -0.09 -44.67 -32.61
CA GLN C 228 -0.20 -45.93 -33.37
C GLN C 228 0.98 -46.20 -34.27
N ARG C 229 1.56 -45.16 -34.86
CA ARG C 229 2.77 -45.31 -35.67
C ARG C 229 3.99 -45.56 -34.79
N GLY C 230 3.89 -45.34 -33.48
CA GLY C 230 4.99 -45.68 -32.56
C GLY C 230 5.53 -44.58 -31.67
N LEU C 231 5.06 -43.35 -31.87
CA LEU C 231 5.51 -42.24 -31.02
C LEU C 231 4.92 -42.38 -29.58
N ARG C 232 5.77 -42.07 -28.58
CA ARG C 232 5.43 -42.22 -27.17
C ARG C 232 5.75 -40.90 -26.40
N PRO C 233 4.92 -39.86 -26.62
CA PRO C 233 5.16 -38.58 -25.97
C PRO C 233 4.94 -38.62 -24.46
N GLU C 234 5.75 -37.89 -23.69
CA GLU C 234 5.49 -37.67 -22.27
C GLU C 234 4.23 -36.83 -22.05
N VAL C 235 3.98 -35.84 -22.93
CA VAL C 235 2.81 -34.97 -22.75
C VAL C 235 2.04 -34.70 -24.04
N ARG C 236 0.72 -34.65 -23.91
CA ARG C 236 -0.20 -34.14 -24.93
C ARG C 236 -0.84 -32.89 -24.33
N HIS C 237 -0.92 -31.81 -25.13
CA HIS C 237 -1.48 -30.56 -24.63
C HIS C 237 -2.04 -29.66 -25.70
N ILE C 238 -3.20 -29.10 -25.38
CA ILE C 238 -3.89 -28.14 -26.23
C ILE C 238 -4.46 -26.90 -25.49
N ALA C 239 -4.55 -26.88 -24.15
CA ALA C 239 -5.32 -25.87 -23.44
C ALA C 239 -4.52 -24.61 -23.09
N ASN C 240 -5.04 -23.50 -23.55
CA ASN C 240 -4.59 -22.16 -23.18
C ASN C 240 -5.40 -21.74 -21.89
N SER C 241 -5.42 -20.44 -21.53
CA SER C 241 -6.18 -20.03 -20.35
C SER C 241 -7.67 -20.32 -20.48
N PRO C 242 -8.36 -19.83 -21.53
CA PRO C 242 -9.78 -20.06 -21.51
C PRO C 242 -10.19 -21.53 -21.52
N ALA C 243 -9.46 -22.38 -22.24
CA ALA C 243 -9.73 -23.83 -22.20
C ALA C 243 -9.41 -24.42 -20.83
N THR C 244 -8.36 -23.94 -20.19
CA THR C 244 -8.01 -24.46 -18.86
C THR C 244 -9.15 -24.15 -17.85
N LEU C 245 -9.70 -22.97 -17.96
CA LEU C 245 -10.75 -22.49 -17.07
C LEU C 245 -12.15 -23.08 -17.32
N THR C 246 -12.45 -23.50 -18.54
CA THR C 246 -13.80 -23.95 -18.93
C THR C 246 -13.93 -25.39 -19.56
N LEU C 247 -12.83 -26.07 -19.85
CA LEU C 247 -12.84 -27.35 -20.61
C LEU C 247 -11.93 -28.38 -20.00
N PRO C 248 -12.38 -29.05 -18.92
CA PRO C 248 -11.61 -30.14 -18.29
C PRO C 248 -11.25 -31.29 -19.26
N ASP C 249 -12.08 -31.58 -20.27
CA ASP C 249 -11.73 -32.55 -21.36
C ASP C 249 -10.54 -32.17 -22.20
N ALA C 250 -10.18 -30.89 -22.22
CA ALA C 250 -8.99 -30.39 -22.95
C ALA C 250 -7.73 -30.30 -22.11
N HIS C 251 -7.77 -30.72 -20.84
CA HIS C 251 -6.55 -30.62 -19.97
C HIS C 251 -5.43 -31.55 -20.34
N PHE C 252 -5.77 -32.78 -20.77
CA PHE C 252 -4.75 -33.79 -21.09
C PHE C 252 -3.65 -33.85 -20.00
N ASP C 253 -2.39 -33.83 -20.37
CA ASP C 253 -1.31 -34.02 -19.42
C ASP C 253 -0.71 -32.72 -18.97
N LEU C 254 -1.10 -31.62 -19.62
CA LEU C 254 -0.39 -30.33 -19.46
C LEU C 254 -1.30 -29.20 -19.93
N VAL C 255 -1.38 -28.15 -19.10
CA VAL C 255 -2.16 -26.94 -19.42
C VAL C 255 -1.25 -25.73 -19.55
N ARG C 256 -1.62 -24.78 -20.41
CA ARG C 256 -0.73 -23.62 -20.70
C ARG C 256 -1.48 -22.30 -20.46
N PRO C 257 -1.87 -22.02 -19.22
CA PRO C 257 -2.70 -20.87 -18.96
C PRO C 257 -1.88 -19.60 -18.78
N GLY C 258 -1.51 -18.95 -19.87
CA GLY C 258 -0.71 -17.75 -19.83
C GLY C 258 -1.37 -16.55 -19.18
N ILE C 259 -2.33 -15.93 -19.82
CA ILE C 259 -2.92 -14.66 -19.36
C ILE C 259 -3.50 -14.82 -17.93
N ALA C 260 -4.10 -15.98 -17.66
CA ALA C 260 -4.72 -16.23 -16.34
C ALA C 260 -3.64 -16.25 -15.27
N MET C 261 -2.44 -16.72 -15.58
CA MET C 261 -1.34 -16.68 -14.60
C MET C 261 -1.04 -15.25 -14.16
N TYR C 262 -1.26 -14.29 -15.05
CA TYR C 262 -1.05 -12.87 -14.76
C TYR C 262 -2.28 -12.23 -14.11
N GLY C 263 -3.26 -13.06 -13.83
CA GLY C 263 -4.48 -12.66 -13.14
C GLY C 263 -5.51 -11.97 -13.94
N VAL C 264 -5.43 -12.10 -15.27
CA VAL C 264 -6.29 -11.38 -16.19
C VAL C 264 -7.17 -12.41 -16.89
N SER C 265 -8.47 -12.15 -16.92
CA SER C 265 -9.37 -13.10 -17.58
C SER C 265 -9.22 -13.04 -19.10
N PRO C 266 -9.28 -14.19 -19.77
CA PRO C 266 -9.12 -14.18 -21.23
C PRO C 266 -10.23 -13.46 -21.95
N SER C 267 -11.44 -13.43 -21.38
CA SER C 267 -12.51 -12.55 -21.88
C SER C 267 -13.61 -12.36 -20.83
N PRO C 268 -14.34 -11.25 -20.88
CA PRO C 268 -15.52 -11.11 -20.00
C PRO C 268 -16.56 -12.22 -20.19
N GLU C 269 -16.65 -12.76 -21.40
CA GLU C 269 -17.54 -13.90 -21.68
C GLU C 269 -17.16 -15.15 -20.83
N ILE C 270 -15.85 -15.37 -20.64
CA ILE C 270 -15.36 -16.44 -19.76
C ILE C 270 -15.65 -16.08 -18.31
N GLY C 271 -15.43 -14.81 -17.94
CA GLY C 271 -15.67 -14.27 -16.56
C GLY C 271 -14.62 -13.27 -16.07
N THR C 272 -14.68 -12.97 -14.78
CA THR C 272 -13.78 -12.04 -14.14
C THR C 272 -12.67 -12.81 -13.48
N PRO C 273 -11.53 -12.13 -13.17
CA PRO C 273 -10.53 -12.84 -12.41
C PRO C 273 -11.07 -13.43 -11.11
N ALA C 274 -11.89 -12.67 -10.37
CA ALA C 274 -12.42 -13.16 -9.07
C ALA C 274 -13.22 -14.45 -9.28
N ASP C 275 -13.95 -14.59 -10.40
CA ASP C 275 -14.70 -15.86 -10.67
C ASP C 275 -13.84 -17.08 -10.60
N PHE C 276 -12.53 -16.95 -10.84
CA PHE C 276 -11.62 -18.06 -10.87
C PHE C 276 -10.53 -18.06 -9.82
N GLY C 277 -10.67 -17.24 -8.80
CA GLY C 277 -9.71 -17.20 -7.72
C GLY C 277 -8.43 -16.46 -8.15
N LEU C 278 -8.53 -15.60 -9.16
CA LEU C 278 -7.36 -14.94 -9.76
C LEU C 278 -7.27 -13.48 -9.29
N ARG C 279 -6.04 -12.94 -9.28
CA ARG C 279 -5.79 -11.52 -8.96
C ARG C 279 -4.77 -10.89 -9.93
N PRO C 280 -5.15 -9.82 -10.65
CA PRO C 280 -4.21 -9.16 -11.58
C PRO C 280 -2.89 -8.85 -10.90
N VAL C 281 -1.82 -9.16 -11.62
CA VAL C 281 -0.50 -9.11 -11.13
C VAL C 281 0.13 -7.75 -11.32
N MET C 282 -0.24 -7.04 -12.37
CA MET C 282 0.34 -5.76 -12.71
C MET C 282 -0.51 -4.61 -12.29
N THR C 283 0.16 -3.66 -11.62
CA THR C 283 -0.45 -2.37 -11.37
C THR C 283 0.38 -1.30 -12.05
N LEU C 284 -0.26 -0.48 -12.85
CA LEU C 284 0.42 0.55 -13.60
C LEU C 284 0.03 1.87 -13.00
N ALA C 285 1.03 2.65 -12.59
CA ALA C 285 0.80 3.91 -11.94
C ALA C 285 1.83 4.96 -12.31
N ALA C 286 1.45 6.22 -12.19
CA ALA C 286 2.36 7.33 -12.43
C ALA C 286 2.15 8.44 -11.39
N SER C 287 3.10 9.36 -11.36
CA SER C 287 3.06 10.58 -10.48
C SER C 287 2.71 11.82 -11.31
N LEU C 288 1.75 12.60 -10.86
CA LEU C 288 1.29 13.73 -11.70
C LEU C 288 2.44 14.72 -11.91
N ALA C 289 2.60 15.21 -13.13
CA ALA C 289 3.71 16.08 -13.47
C ALA C 289 3.30 17.52 -13.33
N LEU C 290 2.02 17.79 -13.39
CA LEU C 290 1.53 19.14 -13.38
C LEU C 290 0.05 19.12 -13.00
N VAL C 291 -0.36 20.11 -12.20
CA VAL C 291 -1.78 20.37 -11.93
C VAL C 291 -1.97 21.85 -12.12
N LYS C 292 -2.90 22.25 -12.96
CA LYS C 292 -3.00 23.65 -13.31
C LYS C 292 -4.40 24.04 -13.59
N GLN C 293 -4.70 25.31 -13.30
CA GLN C 293 -6.02 25.86 -13.56
C GLN C 293 -6.05 26.39 -14.97
N VAL C 294 -7.15 26.20 -15.67
CA VAL C 294 -7.32 26.74 -17.01
C VAL C 294 -8.72 27.29 -17.18
N PRO C 295 -8.86 28.31 -18.06
CA PRO C 295 -10.21 28.81 -18.34
C PRO C 295 -11.04 27.82 -19.12
N GLY C 296 -12.33 28.13 -19.24
CA GLY C 296 -13.22 27.47 -20.21
C GLY C 296 -12.79 27.79 -21.62
N GLY C 297 -13.31 27.02 -22.57
CA GLY C 297 -12.97 27.18 -24.00
C GLY C 297 -11.53 26.90 -24.37
N HIS C 298 -10.76 26.22 -23.50
CA HIS C 298 -9.32 25.91 -23.75
C HIS C 298 -9.24 24.51 -24.34
N GLY C 299 -8.65 24.40 -25.54
CA GLY C 299 -8.45 23.08 -26.21
C GLY C 299 -7.47 22.24 -25.43
N VAL C 300 -7.63 20.92 -25.48
CA VAL C 300 -6.71 20.04 -24.74
C VAL C 300 -6.13 18.97 -25.70
N SER C 301 -4.80 18.99 -25.82
CA SER C 301 -4.01 18.02 -26.61
C SER C 301 -4.24 18.07 -28.12
N TYR C 302 -3.56 17.20 -28.86
CA TYR C 302 -3.54 17.28 -30.33
C TYR C 302 -4.91 17.22 -30.97
N GLY C 303 -5.12 18.06 -31.98
CA GLY C 303 -6.40 18.16 -32.65
C GLY C 303 -7.52 18.79 -31.81
N HIS C 304 -7.24 19.15 -30.55
CA HIS C 304 -8.25 19.77 -29.69
C HIS C 304 -9.55 18.99 -29.72
N HIS C 305 -9.46 17.68 -29.51
CA HIS C 305 -10.67 16.84 -29.45
C HIS C 305 -11.38 16.94 -28.10
N TYR C 306 -10.78 17.61 -27.13
CA TYR C 306 -11.47 18.03 -25.92
C TYR C 306 -11.27 19.56 -25.73
N THR C 307 -12.34 20.21 -25.29
CA THR C 307 -12.34 21.66 -24.92
C THR C 307 -12.96 21.79 -23.54
N THR C 308 -12.27 22.47 -22.62
CA THR C 308 -12.78 22.64 -21.28
C THR C 308 -14.17 23.31 -21.40
N PRO C 309 -15.22 22.76 -20.73
CA PRO C 309 -16.55 23.40 -20.77
C PRO C 309 -16.68 24.68 -19.89
N GLY C 310 -15.83 24.80 -18.88
CA GLY C 310 -15.71 26.02 -18.10
C GLY C 310 -14.39 25.98 -17.38
N GLU C 311 -14.19 26.92 -16.45
CA GLU C 311 -12.96 26.99 -15.69
C GLU C 311 -12.77 25.67 -14.91
N THR C 312 -11.54 25.15 -14.89
CA THR C 312 -11.28 23.81 -14.34
C THR C 312 -9.79 23.57 -14.06
N THR C 313 -9.48 22.39 -13.55
CA THR C 313 -8.10 22.02 -13.34
C THR C 313 -7.73 20.83 -14.26
N LEU C 314 -6.49 20.81 -14.74
CA LEU C 314 -6.01 19.75 -15.63
C LEU C 314 -4.83 19.14 -14.98
N GLY C 315 -4.70 17.82 -15.15
CA GLY C 315 -3.65 17.03 -14.48
C GLY C 315 -2.87 16.32 -15.60
N LEU C 316 -1.55 16.40 -15.54
CA LEU C 316 -0.67 15.81 -16.59
C LEU C 316 -0.14 14.50 -16.10
N VAL C 317 -0.54 13.41 -16.78
CA VAL C 317 -0.07 12.08 -16.41
C VAL C 317 1.12 11.82 -17.35
N PRO C 318 2.32 11.62 -16.79
CA PRO C 318 3.53 11.54 -17.66
C PRO C 318 3.79 10.14 -18.30
N LEU C 319 2.76 9.61 -18.93
CA LEU C 319 2.84 8.29 -19.63
C LEU C 319 2.13 8.52 -20.92
N GLY C 320 2.68 7.97 -22.03
CA GLY C 320 2.07 8.16 -23.37
C GLY C 320 2.19 6.85 -24.20
N TYR C 321 1.86 6.92 -25.47
CA TYR C 321 1.87 5.73 -26.37
C TYR C 321 3.24 5.07 -26.48
N ALA C 322 4.33 5.82 -26.41
CA ALA C 322 5.66 5.12 -26.31
C ALA C 322 5.81 4.23 -25.10
N ASP C 323 5.09 4.55 -23.99
CA ASP C 323 5.11 3.75 -22.79
C ASP C 323 4.07 2.62 -22.81
N GLY C 324 3.36 2.50 -23.93
CA GLY C 324 2.33 1.51 -24.05
C GLY C 324 0.91 1.95 -23.68
N ILE C 325 0.66 3.26 -23.53
CA ILE C 325 -0.71 3.71 -23.30
C ILE C 325 -1.28 3.82 -24.67
N PRO C 326 -2.18 2.88 -25.07
CA PRO C 326 -2.60 2.92 -26.47
C PRO C 326 -3.23 4.21 -26.89
N ARG C 327 -2.82 4.71 -28.05
CA ARG C 327 -3.45 5.89 -28.63
C ARG C 327 -4.97 5.73 -28.87
N HIS C 328 -5.42 4.52 -29.14
CA HIS C 328 -6.83 4.25 -29.29
C HIS C 328 -7.68 4.57 -28.05
N ALA C 329 -7.09 4.64 -26.89
CA ALA C 329 -7.81 5.02 -25.65
C ALA C 329 -7.95 6.56 -25.48
N SER C 330 -7.58 7.32 -26.49
CA SER C 330 -7.75 8.79 -26.49
C SER C 330 -9.24 9.04 -26.14
N SER C 331 -9.52 10.05 -25.32
CA SER C 331 -10.87 10.40 -24.86
C SER C 331 -11.57 9.32 -24.03
N SER C 332 -10.94 8.16 -23.73
CA SER C 332 -11.63 7.07 -22.99
C SER C 332 -10.91 6.44 -21.86
N GLY C 333 -9.59 6.38 -21.88
CA GLY C 333 -8.85 5.62 -20.89
C GLY C 333 -9.07 6.06 -19.46
N PRO C 334 -9.26 5.11 -18.52
CA PRO C 334 -9.65 5.54 -17.17
C PRO C 334 -8.50 5.52 -16.26
N VAL C 335 -8.47 6.47 -15.31
CA VAL C 335 -7.37 6.56 -14.36
C VAL C 335 -7.88 7.15 -13.03
N LEU C 336 -7.47 6.50 -11.95
CA LEU C 336 -7.81 6.91 -10.60
C LEU C 336 -6.83 7.99 -10.19
N VAL C 337 -7.35 9.20 -9.96
CA VAL C 337 -6.53 10.31 -9.45
C VAL C 337 -7.29 11.03 -8.31
N ASP C 338 -6.63 11.20 -7.16
CA ASP C 338 -7.18 12.02 -6.06
C ASP C 338 -8.60 11.55 -5.70
N GLY C 339 -8.77 10.25 -5.50
CA GLY C 339 -10.04 9.67 -5.08
C GLY C 339 -11.16 9.41 -6.08
N LYS C 340 -11.03 9.79 -7.35
CA LYS C 340 -12.09 9.57 -8.35
C LYS C 340 -11.50 9.05 -9.67
N TRP C 341 -12.32 8.32 -10.46
CA TRP C 341 -11.96 7.99 -11.84
C TRP C 341 -12.03 9.19 -12.69
N ARG C 342 -10.95 9.42 -13.44
CA ARG C 342 -10.91 10.45 -14.44
C ARG C 342 -10.84 9.73 -15.77
N THR C 343 -11.13 10.42 -16.85
CA THR C 343 -10.85 9.84 -18.14
C THR C 343 -9.91 10.74 -18.95
N VAL C 344 -9.24 10.12 -19.92
CA VAL C 344 -8.31 10.82 -20.78
C VAL C 344 -9.04 11.93 -21.50
N ALA C 345 -8.50 13.15 -21.40
CA ALA C 345 -9.01 14.28 -22.18
C ALA C 345 -8.31 14.42 -23.51
N GLY C 346 -9.05 14.13 -24.59
CA GLY C 346 -8.53 14.25 -25.93
C GLY C 346 -7.42 13.22 -26.22
N ARG C 347 -6.46 13.62 -27.08
CA ARG C 347 -5.49 12.69 -27.66
C ARG C 347 -4.38 12.34 -26.72
N ILE C 348 -4.08 11.05 -26.67
CA ILE C 348 -2.94 10.61 -25.89
C ILE C 348 -1.72 10.94 -26.79
N ALA C 349 -0.68 11.44 -26.18
CA ALA C 349 0.55 11.82 -26.91
C ALA C 349 1.59 10.77 -26.65
N MET C 350 2.83 10.98 -27.11
CA MET C 350 3.82 9.92 -27.09
C MET C 350 4.31 9.66 -25.71
N ASP C 351 4.36 10.72 -24.86
CA ASP C 351 4.97 10.66 -23.58
C ASP C 351 4.04 11.08 -22.42
N GLN C 352 2.86 11.52 -22.74
CA GLN C 352 1.95 12.03 -21.72
C GLN C 352 0.53 12.11 -22.21
N PHE C 353 -0.39 12.28 -21.23
CA PHE C 353 -1.73 12.64 -21.55
C PHE C 353 -2.30 13.52 -20.37
N VAL C 354 -3.41 14.10 -20.67
CA VAL C 354 -4.09 15.03 -19.76
C VAL C 354 -5.43 14.44 -19.31
N VAL C 355 -5.79 14.74 -18.05
CA VAL C 355 -7.16 14.48 -17.55
C VAL C 355 -7.73 15.80 -17.00
N ASP C 356 -9.01 15.99 -17.22
CA ASP C 356 -9.78 17.11 -16.59
C ASP C 356 -10.07 16.69 -15.14
N LEU C 357 -9.49 17.41 -14.17
CA LEU C 357 -9.68 17.08 -12.78
C LEU C 357 -10.92 17.81 -12.15
N GLY C 358 -11.73 18.48 -12.95
CA GLY C 358 -12.99 19.07 -12.47
C GLY C 358 -12.89 20.13 -11.39
N GLY C 359 -11.71 20.70 -11.14
CA GLY C 359 -11.52 21.66 -10.09
C GLY C 359 -10.66 21.11 -8.97
N ASP C 360 -10.43 19.81 -8.90
CA ASP C 360 -9.67 19.27 -7.76
C ASP C 360 -8.24 19.72 -7.92
N ARG C 361 -7.51 19.77 -6.81
CA ARG C 361 -6.17 20.24 -6.79
C ARG C 361 -5.28 19.30 -6.02
N PRO C 362 -5.08 18.08 -6.54
CA PRO C 362 -4.07 17.24 -5.91
C PRO C 362 -2.68 17.90 -6.00
N GLU C 363 -1.74 17.46 -5.19
CA GLU C 363 -0.38 17.95 -5.29
C GLU C 363 0.30 17.37 -6.57
N PRO C 364 1.22 18.15 -7.19
CA PRO C 364 2.08 17.54 -8.16
C PRO C 364 2.77 16.38 -7.49
N GLY C 365 2.97 15.31 -8.24
CA GLY C 365 3.54 14.13 -7.64
C GLY C 365 2.54 13.17 -7.08
N ALA C 366 1.26 13.53 -7.08
CA ALA C 366 0.24 12.63 -6.52
C ALA C 366 0.12 11.41 -7.43
N GLU C 367 -0.24 10.28 -6.82
CA GLU C 367 -0.42 8.99 -7.56
C GLU C 367 -1.62 8.95 -8.52
N ALA C 368 -1.39 8.51 -9.77
CA ALA C 368 -2.44 8.31 -10.74
C ALA C 368 -2.35 6.80 -11.05
N VAL C 369 -3.41 6.06 -10.77
CA VAL C 369 -3.37 4.61 -10.93
C VAL C 369 -4.16 4.29 -12.17
N LEU C 370 -3.44 3.82 -13.22
CA LEU C 370 -4.15 3.56 -14.52
C LEU C 370 -4.89 2.20 -14.44
N PHE C 371 -4.25 1.19 -13.87
CA PHE C 371 -4.87 -0.09 -13.68
C PHE C 371 -4.17 -0.94 -12.67
N GLY C 372 -4.94 -1.90 -12.13
CA GLY C 372 -4.43 -2.86 -11.23
C GLY C 372 -5.53 -3.88 -10.93
N PRO C 373 -5.41 -4.57 -9.80
CA PRO C 373 -6.40 -5.62 -9.46
C PRO C 373 -7.79 -5.08 -9.26
N GLY C 374 -7.90 -3.81 -8.89
CA GLY C 374 -9.20 -3.11 -8.81
C GLY C 374 -9.71 -2.89 -7.38
N ASP C 375 -9.04 -3.44 -6.38
CA ASP C 375 -9.60 -3.47 -5.02
C ASP C 375 -9.42 -2.10 -4.30
N ARG C 376 -8.63 -1.18 -4.86
CA ARG C 376 -8.54 0.17 -4.31
C ARG C 376 -9.32 1.15 -5.10
N GLY C 377 -10.35 0.71 -5.78
CA GLY C 377 -11.11 1.62 -6.62
C GLY C 377 -10.44 2.02 -7.95
N GLU C 378 -9.33 1.39 -8.32
CA GLU C 378 -8.67 1.69 -9.62
C GLU C 378 -9.29 0.88 -10.79
N PRO C 379 -9.14 1.37 -12.06
CA PRO C 379 -9.51 0.53 -13.19
C PRO C 379 -8.66 -0.72 -13.33
N THR C 380 -9.10 -1.64 -14.18
CA THR C 380 -8.34 -2.85 -14.49
C THR C 380 -7.83 -2.79 -15.92
N ALA C 381 -6.94 -3.73 -16.23
CA ALA C 381 -6.44 -3.83 -17.60
C ALA C 381 -7.58 -4.09 -18.57
N GLU C 382 -8.59 -4.86 -18.16
CA GLU C 382 -9.79 -5.05 -18.98
C GLU C 382 -10.50 -3.75 -19.30
N ASP C 383 -10.60 -2.82 -18.33
CA ASP C 383 -11.22 -1.51 -18.63
C ASP C 383 -10.43 -0.77 -19.74
N TRP C 384 -9.10 -0.83 -19.66
CA TRP C 384 -8.26 -0.25 -20.72
C TRP C 384 -8.45 -0.91 -22.09
N ALA C 385 -8.51 -2.23 -22.10
CA ALA C 385 -8.82 -2.98 -23.28
C ALA C 385 -10.09 -2.50 -23.98
N GLN C 386 -11.16 -2.34 -23.19
CA GLN C 386 -12.42 -1.82 -23.73
C GLN C 386 -12.28 -0.40 -24.22
N ALA C 387 -11.61 0.44 -23.48
CA ALA C 387 -11.41 1.82 -23.91
C ALA C 387 -10.61 1.93 -25.21
N ALA C 388 -9.72 0.99 -25.45
CA ALA C 388 -8.82 1.02 -26.61
C ALA C 388 -9.27 0.07 -27.75
N GLY C 389 -10.45 -0.53 -27.65
CA GLY C 389 -10.97 -1.45 -28.66
C GLY C 389 -10.07 -2.68 -28.90
N THR C 390 -9.53 -3.23 -27.85
CA THR C 390 -8.63 -4.35 -27.95
C THR C 390 -8.89 -5.35 -26.80
N ILE C 391 -7.95 -6.24 -26.55
CA ILE C 391 -8.03 -7.23 -25.49
C ILE C 391 -6.99 -6.93 -24.46
N ALA C 392 -7.25 -7.40 -23.24
CA ALA C 392 -6.38 -7.12 -22.11
C ALA C 392 -4.96 -7.71 -22.28
N TYR C 393 -4.83 -8.82 -22.99
CA TYR C 393 -3.56 -9.36 -23.36
C TYR C 393 -2.62 -8.28 -23.98
N GLU C 394 -3.15 -7.42 -24.85
CA GLU C 394 -2.37 -6.49 -25.59
C GLU C 394 -1.95 -5.35 -24.61
N ILE C 395 -2.87 -5.00 -23.71
CA ILE C 395 -2.64 -3.88 -22.78
C ILE C 395 -1.43 -4.21 -21.91
N VAL C 396 -1.44 -5.33 -21.25
CA VAL C 396 -0.37 -5.63 -20.31
C VAL C 396 0.93 -5.92 -21.06
N THR C 397 0.80 -6.62 -22.15
CA THR C 397 2.00 -7.10 -22.84
C THR C 397 2.80 -5.96 -23.45
N ARG C 398 2.17 -4.89 -23.91
CA ARG C 398 2.83 -3.82 -24.59
C ARG C 398 3.24 -2.58 -23.71
N ILE C 399 3.17 -2.74 -22.40
CA ILE C 399 3.67 -1.69 -21.56
C ILE C 399 5.18 -1.59 -21.86
N GLY C 400 5.58 -0.37 -22.16
CA GLY C 400 6.91 -0.12 -22.79
C GLY C 400 8.08 -0.28 -21.83
N SER C 401 9.27 -0.51 -22.41
CA SER C 401 10.47 -0.69 -21.64
C SER C 401 10.88 0.62 -20.85
N ARG C 402 10.34 1.73 -21.23
CA ARG C 402 10.58 2.99 -20.59
C ARG C 402 9.84 3.04 -19.22
N VAL C 403 8.95 2.09 -18.95
CA VAL C 403 8.28 1.98 -17.62
C VAL C 403 9.02 0.99 -16.80
N PRO C 404 9.63 1.45 -15.66
CA PRO C 404 10.35 0.42 -14.86
C PRO C 404 9.39 -0.57 -14.19
N ARG C 405 9.79 -1.81 -14.07
CA ARG C 405 9.06 -2.78 -13.31
C ARG C 405 9.62 -2.79 -11.89
N VAL C 406 8.72 -2.83 -10.92
CA VAL C 406 9.05 -2.95 -9.50
C VAL C 406 8.41 -4.26 -8.98
N TYR C 407 9.21 -5.19 -8.48
CA TYR C 407 8.76 -6.50 -8.06
C TYR C 407 8.45 -6.44 -6.56
N VAL C 408 7.22 -6.79 -6.19
CA VAL C 408 6.86 -6.96 -4.79
C VAL C 408 6.56 -8.41 -4.44
N ASN C 409 6.91 -8.79 -3.21
CA ASN C 409 6.70 -10.15 -2.71
C ASN C 409 7.45 -11.22 -3.45
N GLU C 410 8.64 -10.87 -3.89
CA GLU C 410 9.59 -11.77 -4.51
C GLU C 410 9.89 -13.03 -3.70
N ALA D 29 23.21 -11.33 -34.84
CA ALA D 29 23.33 -12.38 -35.90
C ALA D 29 22.23 -13.42 -35.80
N ASP D 30 22.00 -13.93 -34.60
CA ASP D 30 21.10 -15.00 -34.39
C ASP D 30 19.65 -14.44 -34.16
N ALA D 31 19.46 -13.40 -33.33
CA ALA D 31 18.09 -12.79 -33.15
C ALA D 31 17.58 -12.10 -34.42
N VAL D 32 18.51 -11.58 -35.25
CA VAL D 32 18.07 -10.96 -36.52
C VAL D 32 17.49 -11.95 -37.54
N LEU D 33 17.72 -13.27 -37.33
CA LEU D 33 17.12 -14.23 -38.23
C LEU D 33 15.62 -14.28 -38.22
N ARG D 34 15.01 -13.99 -37.08
CA ARG D 34 13.56 -13.98 -37.02
C ARG D 34 13.01 -12.70 -37.64
N ALA D 35 13.55 -11.57 -37.19
CA ALA D 35 13.04 -10.25 -37.59
C ALA D 35 14.05 -9.20 -37.22
N ARG D 36 13.95 -8.07 -37.87
CA ARG D 36 14.78 -6.97 -37.55
C ARG D 36 14.18 -5.65 -38.00
N ALA D 37 14.57 -4.58 -37.31
CA ALA D 37 14.28 -3.27 -37.70
C ALA D 37 15.58 -2.62 -38.19
N GLU D 38 15.68 -2.45 -39.51
CA GLU D 38 16.85 -1.82 -40.09
C GLU D 38 16.76 -0.34 -40.07
N ILE D 39 17.78 0.30 -39.53
CA ILE D 39 17.84 1.74 -39.34
C ILE D 39 18.91 2.29 -40.23
N ASP D 40 18.48 2.96 -41.29
CA ASP D 40 19.41 3.59 -42.21
C ASP D 40 19.78 5.01 -41.73
N LEU D 41 20.95 5.10 -41.09
CA LEU D 41 21.44 6.36 -40.58
C LEU D 41 21.82 7.34 -41.67
N ALA D 42 22.10 6.87 -42.89
CA ALA D 42 22.36 7.78 -43.98
C ALA D 42 21.07 8.47 -44.36
N ALA D 43 19.95 7.74 -44.31
CA ALA D 43 18.64 8.36 -44.60
C ALA D 43 18.32 9.42 -43.55
N LEU D 44 18.66 9.12 -42.32
CA LEU D 44 18.42 10.07 -41.21
C LEU D 44 19.26 11.35 -41.42
N ARG D 45 20.55 11.20 -41.76
CA ARG D 45 21.40 12.34 -42.06
C ARG D 45 20.86 13.16 -43.22
N ALA D 46 20.41 12.50 -44.28
CA ALA D 46 19.83 13.20 -45.40
C ALA D 46 18.57 13.96 -44.99
N ASN D 47 17.77 13.36 -44.10
CA ASN D 47 16.55 14.04 -43.64
C ASN D 47 16.89 15.30 -42.82
N VAL D 48 17.92 15.21 -41.97
CA VAL D 48 18.37 16.33 -41.17
C VAL D 48 18.87 17.46 -42.09
N ARG D 49 19.66 17.11 -43.10
CA ARG D 49 20.13 18.14 -44.13
C ARG D 49 18.91 18.77 -44.83
N ALA D 50 17.93 17.96 -45.21
CA ALA D 50 16.75 18.49 -45.90
C ALA D 50 15.93 19.44 -44.99
N LEU D 51 15.87 19.09 -43.71
CA LEU D 51 15.12 19.91 -42.74
C LEU D 51 15.86 21.19 -42.44
N ARG D 52 17.19 21.13 -42.34
CA ARG D 52 18.01 22.36 -42.19
C ARG D 52 17.86 23.33 -43.35
N GLU D 53 17.80 22.82 -44.58
CA GLU D 53 17.52 23.65 -45.75
C GLU D 53 16.16 24.27 -45.66
N ARG D 54 15.17 23.56 -45.13
CA ARG D 54 13.80 24.09 -44.99
CA ARG D 54 13.83 24.16 -45.07
C ARG D 54 13.63 25.14 -43.91
N ALA D 55 14.57 25.23 -42.98
CA ALA D 55 14.49 26.18 -41.86
C ALA D 55 15.81 26.91 -41.70
N PRO D 56 16.17 27.69 -42.73
CA PRO D 56 17.52 28.31 -42.80
C PRO D 56 17.83 29.33 -41.68
N GLY D 57 16.80 29.97 -41.13
CA GLY D 57 16.99 30.88 -40.01
C GLY D 57 17.25 30.27 -38.62
N ALA D 58 17.16 28.94 -38.48
CA ALA D 58 17.04 28.28 -37.16
C ALA D 58 18.00 27.14 -36.98
N ALA D 59 18.43 26.91 -35.72
CA ALA D 59 19.14 25.72 -35.37
C ALA D 59 18.11 24.59 -35.46
N LEU D 60 18.61 23.37 -35.62
CA LEU D 60 17.76 22.19 -35.60
C LEU D 60 18.01 21.38 -34.35
N MET D 61 16.89 21.01 -33.66
CA MET D 61 16.94 20.04 -32.57
CA MET D 61 16.95 20.04 -32.57
C MET D 61 16.57 18.66 -33.11
N ALA D 62 17.41 17.67 -32.85
CA ALA D 62 17.10 16.30 -33.13
C ALA D 62 16.35 15.77 -31.91
N VAL D 63 15.06 15.52 -32.12
CA VAL D 63 14.22 14.95 -31.02
C VAL D 63 14.38 13.43 -30.99
N VAL D 64 15.07 12.94 -29.97
CA VAL D 64 15.45 11.56 -29.82
C VAL D 64 14.84 10.87 -28.64
N LYS D 65 13.80 11.47 -28.08
CA LYS D 65 13.03 10.82 -27.02
C LYS D 65 12.44 9.47 -27.51
N ALA D 66 12.00 8.69 -26.55
CA ALA D 66 11.31 7.41 -26.76
C ALA D 66 12.21 6.50 -27.61
N ASP D 67 13.48 6.43 -27.22
CA ASP D 67 14.49 5.69 -27.93
C ASP D 67 14.54 6.10 -29.41
N ALA D 68 14.62 7.42 -29.67
CA ALA D 68 14.56 8.02 -30.97
C ALA D 68 13.36 7.52 -31.81
N TYR D 69 12.18 7.58 -31.21
CA TYR D 69 10.94 7.16 -31.87
C TYR D 69 11.07 5.70 -32.35
N GLY D 70 11.63 4.87 -31.50
CA GLY D 70 11.84 3.49 -31.81
C GLY D 70 13.09 3.14 -32.64
N HIS D 71 13.87 4.12 -33.04
CA HIS D 71 15.01 3.90 -33.98
C HIS D 71 16.35 3.81 -33.29
N GLY D 72 16.43 4.14 -31.99
CA GLY D 72 17.65 3.93 -31.20
C GLY D 72 18.29 5.27 -30.86
N ALA D 73 18.21 5.64 -29.58
CA ALA D 73 18.50 7.02 -29.19
C ALA D 73 19.91 7.48 -29.53
N ILE D 74 20.91 6.78 -29.05
CA ILE D 74 22.31 7.20 -29.24
C ILE D 74 22.70 7.19 -30.72
N PRO D 75 22.41 6.10 -31.47
CA PRO D 75 22.96 6.11 -32.83
C PRO D 75 22.32 7.20 -33.64
N CYS D 76 21.02 7.44 -33.40
CA CYS D 76 20.34 8.46 -34.18
C CYS D 76 20.84 9.87 -33.73
N ALA D 77 21.08 10.02 -32.41
CA ALA D 77 21.67 11.30 -31.89
C ALA D 77 23.05 11.63 -32.54
N ARG D 78 23.92 10.65 -32.59
CA ARG D 78 25.22 10.81 -33.29
C ARG D 78 25.06 11.19 -34.76
N ALA D 79 24.22 10.46 -35.49
CA ALA D 79 23.98 10.79 -36.87
C ALA D 79 23.40 12.20 -37.08
N ALA D 80 22.43 12.59 -36.25
CA ALA D 80 21.80 13.88 -36.40
C ALA D 80 22.78 15.03 -36.17
N VAL D 81 23.61 14.87 -35.17
CA VAL D 81 24.66 15.85 -34.84
C VAL D 81 25.69 15.98 -35.98
N ALA D 82 26.14 14.83 -36.53
CA ALA D 82 27.00 14.80 -37.71
C ALA D 82 26.39 15.55 -38.85
N ALA D 83 25.06 15.50 -39.00
CA ALA D 83 24.39 16.17 -40.11
C ALA D 83 23.98 17.61 -39.82
N GLY D 84 24.40 18.13 -38.69
CA GLY D 84 24.21 19.56 -38.39
C GLY D 84 23.22 19.93 -37.29
N ALA D 85 22.59 18.94 -36.63
CA ALA D 85 21.79 19.25 -35.43
C ALA D 85 22.71 19.78 -34.36
N THR D 86 22.34 20.91 -33.77
CA THR D 86 23.10 21.46 -32.63
C THR D 86 22.41 21.28 -31.25
N TRP D 87 21.15 20.84 -31.26
CA TRP D 87 20.41 20.51 -30.05
C TRP D 87 19.88 19.07 -30.15
N LEU D 88 19.85 18.39 -29.01
CA LEU D 88 19.14 17.11 -28.83
C LEU D 88 18.01 17.31 -27.83
N GLY D 89 16.85 16.72 -28.11
CA GLY D 89 15.66 16.79 -27.23
C GLY D 89 15.24 15.42 -26.75
N THR D 90 15.03 15.28 -25.45
CA THR D 90 14.42 14.06 -24.87
C THR D 90 13.27 14.40 -23.96
N ALA D 91 12.47 13.40 -23.60
CA ALA D 91 11.37 13.66 -22.65
C ALA D 91 11.92 13.56 -21.26
N THR D 92 12.33 12.38 -20.86
CA THR D 92 12.73 12.17 -19.50
C THR D 92 14.23 12.59 -19.22
N PRO D 93 14.58 12.85 -17.96
CA PRO D 93 15.95 13.16 -17.64
C PRO D 93 16.86 11.97 -17.81
N GLN D 94 16.32 10.76 -17.60
CA GLN D 94 17.10 9.56 -17.78
C GLN D 94 17.56 9.45 -19.25
N GLU D 95 16.69 9.80 -20.20
CA GLU D 95 17.02 9.79 -21.64
C GLU D 95 18.15 10.78 -21.94
N ALA D 96 18.04 11.97 -21.37
CA ALA D 96 19.06 13.03 -21.58
C ALA D 96 20.38 12.68 -20.93
N LEU D 97 20.34 12.14 -19.71
CA LEU D 97 21.55 11.69 -19.03
C LEU D 97 22.25 10.54 -19.76
N ALA D 98 21.47 9.64 -20.35
CA ALA D 98 22.07 8.55 -21.13
C ALA D 98 22.86 9.09 -22.34
N LEU D 99 22.39 10.17 -22.92
CA LEU D 99 23.07 10.81 -24.06
C LEU D 99 24.38 11.45 -23.60
N ARG D 100 24.38 12.14 -22.47
CA ARG D 100 25.62 12.71 -21.89
C ARG D 100 26.63 11.64 -21.57
N ALA D 101 26.18 10.50 -21.11
CA ALA D 101 27.03 9.40 -20.74
C ALA D 101 27.50 8.53 -21.88
N ALA D 102 27.01 8.76 -23.10
CA ALA D 102 27.39 7.88 -24.24
C ALA D 102 28.89 7.87 -24.48
N GLU D 103 29.44 6.70 -24.80
CA GLU D 103 30.86 6.51 -25.09
C GLU D 103 30.99 5.87 -26.48
N PRO D 104 31.72 6.48 -27.41
CA PRO D 104 32.40 7.77 -27.24
C PRO D 104 31.44 8.93 -27.10
N GLY D 105 31.90 9.99 -26.49
CA GLY D 105 31.02 11.08 -26.19
C GLY D 105 30.56 11.84 -27.35
N LEU D 106 29.39 12.44 -27.25
CA LEU D 106 28.87 13.26 -28.28
C LEU D 106 29.68 14.50 -28.05
N PRO D 107 29.68 15.44 -28.96
CA PRO D 107 30.44 16.65 -28.70
C PRO D 107 29.98 17.35 -27.42
N ASP D 108 30.97 17.83 -26.65
CA ASP D 108 30.70 18.50 -25.35
C ASP D 108 29.81 19.72 -25.51
N ASP D 109 29.91 20.37 -26.68
CA ASP D 109 29.15 21.58 -26.96
C ASP D 109 27.70 21.37 -27.48
N VAL D 110 27.24 20.13 -27.63
CA VAL D 110 25.84 19.98 -28.06
C VAL D 110 24.97 20.24 -26.86
N ARG D 111 23.91 20.95 -27.10
CA ARG D 111 22.91 21.20 -26.08
C ARG D 111 21.89 20.05 -26.05
N ILE D 112 21.58 19.59 -24.84
CA ILE D 112 20.63 18.49 -24.64
C ILE D 112 19.57 19.03 -23.71
N MET D 113 18.34 19.06 -24.22
CA MET D 113 17.19 19.49 -23.44
C MET D 113 16.23 18.35 -23.08
N CYS D 114 15.68 18.39 -21.86
CA CYS D 114 14.65 17.44 -21.41
C CYS D 114 13.54 18.17 -20.70
N TRP D 115 12.32 17.65 -20.80
CA TRP D 115 11.16 18.37 -20.38
C TRP D 115 10.14 17.65 -19.54
N LEU D 116 10.21 16.31 -19.37
CA LEU D 116 9.18 15.57 -18.62
C LEU D 116 9.68 15.24 -17.26
N TRP D 117 9.37 16.13 -16.28
CA TRP D 117 9.89 16.04 -14.93
C TRP D 117 8.74 15.79 -13.93
N THR D 118 9.03 15.05 -12.89
CA THR D 118 8.14 14.98 -11.72
C THR D 118 8.88 15.34 -10.40
N PRO D 119 8.11 15.55 -9.30
CA PRO D 119 8.73 15.97 -8.05
C PRO D 119 9.74 14.95 -7.53
N GLY D 120 10.94 15.43 -7.27
CA GLY D 120 11.96 14.58 -6.68
C GLY D 120 12.84 13.93 -7.70
N GLY D 121 12.68 14.30 -8.97
CA GLY D 121 13.55 13.75 -10.05
C GLY D 121 14.96 14.25 -9.93
N PRO D 122 15.87 13.71 -10.76
CA PRO D 122 17.29 13.91 -10.57
C PRO D 122 17.79 15.29 -11.06
N TRP D 123 17.22 16.36 -10.53
CA TRP D 123 17.56 17.72 -10.94
C TRP D 123 19.05 18.03 -10.76
N ARG D 124 19.62 17.55 -9.66
CA ARG D 124 21.01 17.84 -9.40
C ARG D 124 21.92 17.17 -10.45
N GLU D 125 21.67 15.89 -10.74
CA GLU D 125 22.42 15.19 -11.78
C GLU D 125 22.29 15.87 -13.12
N ALA D 126 21.11 16.44 -13.40
CA ALA D 126 20.92 17.14 -14.66
C ALA D 126 21.78 18.39 -14.73
N VAL D 127 21.78 19.16 -13.63
CA VAL D 127 22.53 20.43 -13.57
C VAL D 127 24.03 20.15 -13.68
N GLU D 128 24.51 19.14 -12.95
CA GLU D 128 25.91 18.73 -13.04
C GLU D 128 26.28 18.22 -14.45
N ALA D 129 25.33 17.59 -15.15
CA ALA D 129 25.48 17.19 -16.56
C ALA D 129 25.21 18.31 -17.61
N ARG D 130 24.93 19.55 -17.17
CA ARG D 130 24.75 20.71 -18.07
C ARG D 130 23.59 20.54 -19.08
N LEU D 131 22.53 19.91 -18.63
CA LEU D 131 21.32 19.76 -19.46
C LEU D 131 20.51 21.03 -19.43
N ASP D 132 19.88 21.41 -20.53
CA ASP D 132 18.80 22.37 -20.49
C ASP D 132 17.58 21.62 -19.92
N VAL D 133 16.96 22.14 -18.87
CA VAL D 133 15.81 21.50 -18.24
C VAL D 133 14.62 22.44 -18.38
N SER D 134 13.50 21.88 -18.84
CA SER D 134 12.28 22.63 -18.95
C SER D 134 11.58 22.72 -17.57
N VAL D 135 10.95 23.85 -17.36
CA VAL D 135 10.28 24.20 -16.08
C VAL D 135 8.99 24.84 -16.51
N SER D 136 7.86 24.31 -16.04
CA SER D 136 6.53 24.83 -16.36
C SER D 136 5.79 25.35 -15.08
N ALA D 137 6.43 25.24 -13.91
CA ALA D 137 5.73 25.38 -12.64
C ALA D 137 6.64 25.67 -11.47
N MET D 138 6.07 26.32 -10.45
CA MET D 138 6.83 26.71 -9.29
C MET D 138 7.53 25.59 -8.59
N TRP D 139 6.87 24.44 -8.48
CA TRP D 139 7.47 23.31 -7.73
C TRP D 139 8.80 22.93 -8.35
N ALA D 140 8.82 22.95 -9.68
CA ALA D 140 10.01 22.58 -10.46
C ALA D 140 11.05 23.71 -10.40
N MET D 141 10.59 24.94 -10.53
CA MET D 141 11.47 26.11 -10.25
C MET D 141 12.19 26.00 -8.88
N GLU D 142 11.43 25.69 -7.84
CA GLU D 142 12.01 25.49 -6.50
C GLU D 142 12.99 24.33 -6.46
N GLU D 143 12.63 23.19 -7.09
CA GLU D 143 13.52 22.01 -7.00
C GLU D 143 14.81 22.19 -7.79
N VAL D 144 14.74 22.85 -8.94
CA VAL D 144 15.97 23.03 -9.74
C VAL D 144 16.92 24.06 -9.10
N THR D 145 16.33 25.10 -8.55
CA THR D 145 17.11 26.12 -7.83
C THR D 145 17.81 25.51 -6.62
N GLY D 146 17.07 24.74 -5.84
CA GLY D 146 17.63 23.97 -4.73
C GLY D 146 18.76 23.09 -5.15
N ALA D 147 18.59 22.41 -6.29
CA ALA D 147 19.63 21.53 -6.82
C ALA D 147 20.85 22.31 -7.29
N ALA D 148 20.61 23.44 -7.96
CA ALA D 148 21.72 24.32 -8.40
C ALA D 148 22.51 24.80 -7.17
N ARG D 149 21.77 25.29 -6.17
CA ARG D 149 22.35 25.70 -4.90
C ARG D 149 23.19 24.58 -4.33
N ALA D 150 22.67 23.36 -4.22
CA ALA D 150 23.45 22.25 -3.65
C ALA D 150 24.62 21.79 -4.53
N ALA D 151 24.49 21.90 -5.86
CA ALA D 151 25.57 21.48 -6.76
C ALA D 151 26.73 22.48 -6.82
N GLY D 152 26.43 23.74 -6.50
CA GLY D 152 27.40 24.82 -6.62
C GLY D 152 27.69 25.17 -8.05
N VAL D 153 26.79 24.81 -8.98
CA VAL D 153 26.89 25.25 -10.38
C VAL D 153 25.51 25.69 -10.88
N PRO D 154 25.45 26.70 -11.77
CA PRO D 154 24.14 27.19 -12.19
C PRO D 154 23.45 26.25 -13.19
N ALA D 155 22.11 26.29 -13.20
CA ALA D 155 21.28 25.47 -14.09
C ALA D 155 20.99 26.25 -15.38
N ARG D 156 20.67 25.51 -16.45
CA ARG D 156 20.18 26.10 -17.71
C ARG D 156 18.75 25.74 -17.78
N VAL D 157 17.86 26.72 -17.78
CA VAL D 157 16.44 26.44 -17.65
C VAL D 157 15.72 27.00 -18.81
N GLN D 158 14.75 26.24 -19.32
CA GLN D 158 13.84 26.73 -20.35
C GLN D 158 12.46 26.82 -19.80
N LEU D 159 11.78 27.95 -19.96
CA LEU D 159 10.42 28.07 -19.43
C LEU D 159 9.46 27.66 -20.50
N KCX D 160 8.57 26.72 -20.19
CA KCX D 160 7.56 26.34 -21.17
CB KCX D 160 7.24 24.82 -21.12
CG KCX D 160 6.45 24.37 -22.37
CD KCX D 160 6.01 22.90 -22.39
CE KCX D 160 5.42 22.56 -23.75
NZ KCX D 160 4.37 21.59 -23.78
C KCX D 160 6.30 27.09 -20.96
O KCX D 160 5.76 27.10 -19.82
CX KCX D 160 4.42 20.32 -23.77
OQ1 KCX D 160 5.49 19.55 -23.66
OQ2 KCX D 160 3.30 19.88 -23.87
N ALA D 161 5.78 27.63 -22.06
CA ALA D 161 4.53 28.37 -22.05
C ALA D 161 3.41 27.53 -22.60
N ASP D 162 2.29 27.49 -21.89
CA ASP D 162 1.09 26.88 -22.43
C ASP D 162 0.35 27.91 -23.26
N THR D 163 0.57 27.83 -24.56
CA THR D 163 -0.02 28.73 -25.54
C THR D 163 -1.32 28.26 -26.15
N GLY D 164 -1.89 27.14 -25.68
CA GLY D 164 -3.12 26.59 -26.31
C GLY D 164 -3.26 25.06 -26.41
N LEU D 165 -2.15 24.34 -26.17
CA LEU D 165 -2.13 22.87 -26.19
C LEU D 165 -2.75 22.26 -24.93
N GLY D 166 -2.57 22.90 -23.78
CA GLY D 166 -3.22 22.48 -22.56
C GLY D 166 -2.58 21.26 -21.98
N ARG D 167 -1.27 21.14 -22.15
CA ARG D 167 -0.54 19.97 -21.79
C ARG D 167 0.50 20.38 -20.74
N GLY D 168 1.79 20.39 -21.07
CA GLY D 168 2.84 20.59 -20.07
C GLY D 168 3.21 22.02 -19.69
N GLY D 169 2.72 23.03 -20.41
CA GLY D 169 3.25 24.39 -20.18
C GLY D 169 2.65 25.15 -18.98
N CYS D 170 3.31 26.26 -18.63
CA CYS D 170 2.76 27.28 -17.72
C CYS D 170 1.66 28.16 -18.37
N GLN D 171 0.50 28.31 -17.71
CA GLN D 171 -0.58 29.15 -18.25
C GLN D 171 -0.18 30.64 -18.32
N PRO D 172 -0.80 31.39 -19.28
CA PRO D 172 -0.61 32.84 -19.29
C PRO D 172 -1.31 33.50 -18.08
N GLY D 173 -1.01 34.77 -17.83
CA GLY D 173 -1.56 35.50 -16.71
C GLY D 173 -0.69 35.27 -15.49
N ALA D 174 -1.33 35.05 -14.35
CA ALA D 174 -0.64 35.09 -13.06
C ALA D 174 0.43 34.05 -12.90
N ASP D 175 0.12 32.83 -13.40
CA ASP D 175 1.08 31.71 -13.32
C ASP D 175 2.40 32.09 -14.03
N TRP D 176 2.28 32.65 -15.24
CA TRP D 176 3.46 33.06 -16.02
C TRP D 176 4.20 34.22 -15.32
N GLU D 177 3.41 35.21 -14.87
CA GLU D 177 3.96 36.37 -14.17
C GLU D 177 4.81 35.87 -13.02
N ARG D 178 4.24 34.97 -12.22
CA ARG D 178 4.94 34.46 -11.05
C ARG D 178 6.19 33.65 -11.44
N LEU D 179 6.05 32.82 -12.47
CA LEU D 179 7.16 31.97 -12.91
C LEU D 179 8.33 32.78 -13.44
N VAL D 180 8.03 33.74 -14.32
CA VAL D 180 9.04 34.69 -14.81
C VAL D 180 9.74 35.44 -13.65
N GLY D 181 8.93 35.90 -12.70
CA GLY D 181 9.43 36.55 -11.48
C GLY D 181 10.41 35.68 -10.70
N ALA D 182 10.06 34.42 -10.46
CA ALA D 182 10.94 33.53 -9.67
C ALA D 182 12.24 33.23 -10.42
N ALA D 183 12.13 33.13 -11.74
CA ALA D 183 13.29 32.92 -12.61
C ALA D 183 14.30 34.08 -12.52
N LEU D 184 13.78 35.31 -12.58
CA LEU D 184 14.61 36.52 -12.45
C LEU D 184 15.35 36.57 -11.11
N ARG D 185 14.63 36.25 -10.04
CA ARG D 185 15.18 36.15 -8.67
C ARG D 185 16.36 35.12 -8.63
N ALA D 186 16.14 33.95 -9.24
CA ALA D 186 17.17 32.91 -9.29
C ALA D 186 18.38 33.33 -10.14
N GLU D 187 18.10 34.11 -11.19
CA GLU D 187 19.15 34.69 -12.03
C GLU D 187 19.96 35.66 -11.19
N GLU D 188 19.26 36.58 -10.50
CA GLU D 188 19.91 37.58 -9.61
C GLU D 188 20.78 36.86 -8.57
N GLU D 189 20.35 35.72 -8.02
CA GLU D 189 21.24 34.93 -7.12
C GLU D 189 22.34 34.08 -7.81
N GLY D 190 22.43 34.08 -9.14
CA GLY D 190 23.43 33.25 -9.86
C GLY D 190 23.17 31.74 -9.81
N LEU D 191 21.92 31.36 -9.58
CA LEU D 191 21.54 29.93 -9.48
C LEU D 191 21.10 29.32 -10.82
N LEU D 192 20.64 30.15 -11.75
CA LEU D 192 20.32 29.68 -13.06
C LEU D 192 20.34 30.78 -14.09
N ARG D 193 20.32 30.35 -15.33
CA ARG D 193 20.07 31.22 -16.44
C ARG D 193 18.91 30.66 -17.24
N VAL D 194 17.96 31.51 -17.61
CA VAL D 194 16.91 31.10 -18.52
C VAL D 194 17.45 31.11 -19.94
N THR D 195 17.69 29.91 -20.47
CA THR D 195 18.31 29.72 -21.78
C THR D 195 17.32 29.62 -22.89
N GLY D 196 16.05 29.37 -22.58
CA GLY D 196 15.00 29.44 -23.62
C GLY D 196 13.59 29.65 -23.13
N LEU D 197 12.74 30.04 -24.07
CA LEU D 197 11.32 30.15 -23.86
C LEU D 197 10.71 29.32 -24.98
N TRP D 198 9.81 28.39 -24.65
CA TRP D 198 9.25 27.50 -25.67
C TRP D 198 7.80 27.09 -25.47
N SER D 199 7.22 26.55 -26.53
CA SER D 199 5.90 25.97 -26.46
C SER D 199 5.74 24.89 -27.57
N HIS D 200 4.52 24.42 -27.78
CA HIS D 200 4.27 23.28 -28.68
C HIS D 200 2.87 23.44 -29.20
N PHE D 201 2.68 23.14 -30.49
CA PHE D 201 1.39 23.27 -31.18
C PHE D 201 0.47 22.06 -31.01
N ALA D 202 -0.83 22.34 -31.02
CA ALA D 202 -1.87 21.33 -30.96
C ALA D 202 -2.29 20.78 -32.30
N CYS D 203 -2.35 21.64 -33.32
CA CYS D 203 -2.96 21.27 -34.60
C CYS D 203 -2.16 21.68 -35.85
N ALA D 204 -0.84 21.77 -35.72
CA ALA D 204 0.00 22.18 -36.86
C ALA D 204 -0.01 21.19 -38.05
N ASP D 205 -0.41 19.95 -37.79
CA ASP D 205 -0.58 18.96 -38.87
C ASP D 205 -1.85 19.15 -39.70
N GLU D 206 -2.70 20.09 -39.31
CA GLU D 206 -3.87 20.50 -40.10
C GLU D 206 -3.63 21.93 -40.58
N PRO D 207 -3.08 22.11 -41.80
CA PRO D 207 -2.70 23.48 -42.18
C PRO D 207 -3.92 24.42 -42.26
N GLY D 208 -3.75 25.66 -41.80
CA GLY D 208 -4.87 26.60 -41.66
C GLY D 208 -5.82 26.45 -40.46
N HIS D 209 -5.62 25.45 -39.60
CA HIS D 209 -6.44 25.33 -38.40
C HIS D 209 -6.24 26.62 -37.55
N PRO D 210 -7.35 27.24 -37.10
CA PRO D 210 -7.25 28.56 -36.46
C PRO D 210 -6.44 28.58 -35.17
N SER D 211 -6.39 27.45 -34.45
CA SER D 211 -5.55 27.35 -33.25
C SER D 211 -4.05 27.64 -33.50
N ILE D 212 -3.59 27.42 -34.73
CA ILE D 212 -2.17 27.63 -35.04
C ILE D 212 -1.80 29.11 -34.87
N ALA D 213 -2.51 29.97 -35.60
CA ALA D 213 -2.36 31.42 -35.45
C ALA D 213 -2.57 31.92 -34.00
N ALA D 214 -3.60 31.35 -33.34
CA ALA D 214 -3.87 31.71 -31.96
C ALA D 214 -2.69 31.38 -31.05
N GLN D 215 -2.11 30.19 -31.23
CA GLN D 215 -0.98 29.81 -30.39
C GLN D 215 0.23 30.68 -30.68
N LEU D 216 0.44 31.02 -31.95
CA LEU D 216 1.64 31.84 -32.30
C LEU D 216 1.53 33.22 -31.66
N THR D 217 0.33 33.79 -31.76
CA THR D 217 0.04 35.10 -31.15
C THR D 217 0.33 35.04 -29.64
N ARG D 218 -0.25 34.05 -28.98
CA ARG D 218 -0.03 33.91 -27.54
C ARG D 218 1.44 33.65 -27.21
N PHE D 219 2.13 32.84 -28.03
CA PHE D 219 3.58 32.62 -27.85
C PHE D 219 4.34 33.96 -27.91
N ARG D 220 4.00 34.77 -28.90
CA ARG D 220 4.65 36.10 -29.05
C ARG D 220 4.43 37.00 -27.83
N GLU D 221 3.18 37.07 -27.37
CA GLU D 221 2.81 37.83 -26.16
C GLU D 221 3.60 37.34 -24.93
N MET D 222 3.53 36.04 -24.66
CA MET D 222 4.13 35.52 -23.44
C MET D 222 5.67 35.68 -23.47
N THR D 223 6.30 35.51 -24.65
CA THR D 223 7.76 35.68 -24.76
C THR D 223 8.17 37.16 -24.73
N ALA D 224 7.39 38.02 -25.39
CA ALA D 224 7.57 39.49 -25.27
C ALA D 224 7.56 39.89 -23.79
N TYR D 225 6.48 39.48 -23.09
CA TYR D 225 6.35 39.76 -21.67
C TYR D 225 7.60 39.32 -20.87
N ALA D 226 8.10 38.11 -21.11
CA ALA D 226 9.25 37.59 -20.33
C ALA D 226 10.56 38.35 -20.57
N GLU D 227 10.75 38.78 -21.81
CA GLU D 227 11.94 39.54 -22.23
C GLU D 227 11.91 40.98 -21.70
N GLN D 228 10.73 41.60 -21.74
CA GLN D 228 10.48 42.91 -21.09
C GLN D 228 10.72 42.93 -19.61
N ARG D 229 10.40 41.84 -18.91
CA ARG D 229 10.73 41.72 -17.49
C ARG D 229 12.23 41.50 -17.26
N GLY D 230 13.00 41.16 -18.30
CA GLY D 230 14.47 41.05 -18.16
C GLY D 230 15.11 39.73 -18.57
N LEU D 231 14.29 38.72 -18.89
CA LEU D 231 14.83 37.44 -19.34
C LEU D 231 15.45 37.56 -20.76
N ARG D 232 16.59 36.90 -20.94
CA ARG D 232 17.39 36.98 -22.17
C ARG D 232 17.74 35.56 -22.68
N PRO D 233 16.72 34.87 -23.25
CA PRO D 233 16.93 33.49 -23.69
C PRO D 233 17.81 33.41 -24.93
N GLU D 234 18.64 32.37 -25.02
CA GLU D 234 19.39 32.07 -26.25
C GLU D 234 18.44 31.67 -27.35
N VAL D 235 17.38 30.94 -27.02
CA VAL D 235 16.45 30.42 -28.05
C VAL D 235 14.99 30.54 -27.68
N ARG D 236 14.20 30.89 -28.68
CA ARG D 236 12.76 30.76 -28.63
C ARG D 236 12.36 29.69 -29.64
N HIS D 237 11.47 28.76 -29.25
CA HIS D 237 11.04 27.69 -30.16
C HIS D 237 9.67 27.12 -29.91
N ILE D 238 8.96 26.92 -31.01
CA ILE D 238 7.63 26.33 -30.97
C ILE D 238 7.35 25.21 -32.05
N ALA D 239 8.20 25.08 -33.08
CA ALA D 239 7.87 24.27 -34.28
C ALA D 239 8.27 22.79 -34.14
N ASN D 240 7.27 21.94 -34.30
CA ASN D 240 7.43 20.51 -34.45
C ASN D 240 7.56 20.23 -35.95
N SER D 241 7.44 18.96 -36.37
CA SER D 241 7.65 18.63 -37.80
C SER D 241 6.66 19.35 -38.70
N PRO D 242 5.36 19.24 -38.42
CA PRO D 242 4.47 19.81 -39.42
C PRO D 242 4.61 21.36 -39.52
N ALA D 243 4.87 22.02 -38.41
CA ALA D 243 5.16 23.48 -38.43
C ALA D 243 6.47 23.79 -39.13
N THR D 244 7.50 22.98 -38.89
CA THR D 244 8.76 23.18 -39.57
C THR D 244 8.58 23.11 -41.10
N LEU D 245 7.79 22.15 -41.56
CA LEU D 245 7.58 21.91 -42.98
C LEU D 245 6.68 22.92 -43.68
N THR D 246 5.75 23.56 -42.95
CA THR D 246 4.68 24.41 -43.54
C THR D 246 4.59 25.87 -43.00
N LEU D 247 5.32 26.23 -41.94
CA LEU D 247 5.15 27.54 -41.26
C LEU D 247 6.46 28.20 -40.94
N PRO D 248 7.07 28.84 -41.95
CA PRO D 248 8.34 29.56 -41.74
C PRO D 248 8.28 30.63 -40.63
N ASP D 249 7.13 31.27 -40.44
CA ASP D 249 6.93 32.22 -39.30
C ASP D 249 7.09 31.61 -37.90
N ALA D 250 6.93 30.28 -37.80
CA ALA D 250 7.07 29.56 -36.55
C ALA D 250 8.44 29.01 -36.31
N HIS D 251 9.41 29.30 -37.18
CA HIS D 251 10.76 28.75 -36.99
C HIS D 251 11.57 29.37 -35.88
N PHE D 252 11.43 30.68 -35.66
CA PHE D 252 12.17 31.37 -34.59
C PHE D 252 13.65 31.00 -34.59
N ASP D 253 14.24 30.66 -33.46
CA ASP D 253 15.66 30.37 -33.39
C ASP D 253 15.99 28.90 -33.51
N LEU D 254 14.97 28.05 -33.42
CA LEU D 254 15.15 26.60 -33.20
C LEU D 254 13.89 25.85 -33.62
N VAL D 255 14.08 24.78 -34.42
CA VAL D 255 13.00 23.90 -34.87
C VAL D 255 13.21 22.49 -34.31
N ARG D 256 12.10 21.78 -34.07
CA ARG D 256 12.14 20.47 -33.39
C ARG D 256 11.41 19.40 -34.24
N PRO D 257 11.91 19.10 -35.45
CA PRO D 257 11.15 18.26 -36.38
C PRO D 257 11.41 16.77 -36.12
N GLY D 258 10.74 16.18 -35.14
CA GLY D 258 10.98 14.79 -34.72
C GLY D 258 10.62 13.75 -35.78
N ILE D 259 9.34 13.57 -36.08
CA ILE D 259 8.90 12.51 -36.96
C ILE D 259 9.55 12.64 -38.38
N ALA D 260 9.70 13.88 -38.85
CA ALA D 260 10.29 14.14 -40.16
C ALA D 260 11.75 13.73 -40.19
N MET D 261 12.45 13.80 -39.09
CA MET D 261 13.85 13.38 -39.08
C MET D 261 13.96 11.88 -39.36
N TYR D 262 12.92 11.13 -38.95
CA TYR D 262 12.84 9.67 -39.22
C TYR D 262 12.23 9.39 -40.55
N GLY D 263 12.04 10.41 -41.36
CA GLY D 263 11.61 10.28 -42.72
C GLY D 263 10.15 10.01 -42.96
N VAL D 264 9.37 10.24 -41.91
CA VAL D 264 7.93 9.91 -41.93
C VAL D 264 7.16 11.27 -41.90
N SER D 265 6.19 11.41 -42.79
CA SER D 265 5.42 12.63 -42.82
C SER D 265 4.49 12.69 -41.61
N PRO D 266 4.31 13.88 -41.04
CA PRO D 266 3.41 13.98 -39.88
C PRO D 266 1.97 13.65 -40.22
N SER D 267 1.53 13.91 -41.44
CA SER D 267 0.22 13.46 -41.91
C SER D 267 0.14 13.48 -43.41
N PRO D 268 -0.73 12.67 -44.01
CA PRO D 268 -0.96 12.78 -45.45
C PRO D 268 -1.45 14.18 -45.89
N GLU D 269 -2.15 14.87 -45.01
CA GLU D 269 -2.63 16.24 -45.26
C GLU D 269 -1.45 17.23 -45.46
N ILE D 270 -0.38 17.04 -44.69
CA ILE D 270 0.88 17.79 -44.87
C ILE D 270 1.59 17.34 -46.16
N GLY D 271 1.60 16.03 -46.43
CA GLY D 271 2.19 15.44 -47.68
C GLY D 271 2.94 14.09 -47.46
N THR D 272 3.66 13.66 -48.48
CA THR D 272 4.47 12.45 -48.44
C THR D 272 5.91 12.78 -48.09
N PRO D 273 6.68 11.78 -47.64
CA PRO D 273 8.08 12.08 -47.40
C PRO D 273 8.74 12.64 -48.62
N ALA D 274 8.46 12.11 -49.80
CA ALA D 274 9.12 12.56 -51.05
C ALA D 274 8.82 14.04 -51.31
N ASP D 275 7.60 14.50 -50.99
CA ASP D 275 7.29 15.95 -51.12
C ASP D 275 8.29 16.85 -50.43
N PHE D 276 8.97 16.37 -49.38
CA PHE D 276 9.88 17.19 -48.59
C PHE D 276 11.33 16.74 -48.63
N GLY D 277 11.68 15.90 -49.59
CA GLY D 277 13.04 15.44 -49.71
C GLY D 277 13.41 14.46 -48.61
N LEU D 278 12.42 13.76 -48.05
CA LEU D 278 12.63 12.90 -46.90
C LEU D 278 12.58 11.41 -47.32
N ARG D 279 13.23 10.56 -46.52
CA ARG D 279 13.22 9.13 -46.72
C ARG D 279 13.06 8.41 -45.40
N PRO D 280 12.05 7.53 -45.26
CA PRO D 280 11.87 6.71 -44.06
C PRO D 280 13.12 5.96 -43.68
N VAL D 281 13.42 6.01 -42.42
CA VAL D 281 14.65 5.53 -41.85
C VAL D 281 14.55 4.08 -41.45
N MET D 282 13.36 3.64 -40.99
CA MET D 282 13.16 2.29 -40.52
C MET D 282 12.58 1.37 -41.56
N THR D 283 13.21 0.22 -41.71
CA THR D 283 12.63 -0.91 -42.46
C THR D 283 12.38 -2.03 -41.46
N LEU D 284 11.15 -2.54 -41.41
CA LEU D 284 10.80 -3.66 -40.58
C LEU D 284 10.54 -4.89 -41.40
N ALA D 285 11.30 -5.95 -41.10
CA ALA D 285 11.24 -7.16 -41.88
C ALA D 285 11.37 -8.40 -41.02
N ALA D 286 10.85 -9.53 -41.53
CA ALA D 286 11.00 -10.80 -40.85
C ALA D 286 11.25 -11.92 -41.82
N SER D 287 11.62 -13.05 -41.28
CA SER D 287 11.78 -14.32 -42.07
C SER D 287 10.62 -15.29 -41.86
N LEU D 288 10.03 -15.81 -42.94
CA LEU D 288 8.88 -16.70 -42.82
C LEU D 288 9.25 -17.95 -42.00
N ALA D 289 8.41 -18.31 -41.05
CA ALA D 289 8.67 -19.42 -40.17
C ALA D 289 8.06 -20.69 -40.73
N LEU D 290 7.07 -20.57 -41.63
CA LEU D 290 6.34 -21.72 -42.14
C LEU D 290 5.61 -21.31 -43.40
N VAL D 291 5.61 -22.22 -44.39
CA VAL D 291 4.78 -22.08 -45.58
C VAL D 291 4.07 -23.45 -45.73
N LYS D 292 2.74 -23.45 -45.80
CA LYS D 292 2.02 -24.72 -45.81
C LYS D 292 0.77 -24.63 -46.64
N GLN D 293 0.43 -25.79 -47.23
CA GLN D 293 -0.80 -25.88 -47.99
C GLN D 293 -1.95 -26.24 -47.06
N VAL D 294 -3.11 -25.64 -47.31
CA VAL D 294 -4.30 -25.91 -46.54
C VAL D 294 -5.52 -25.99 -47.44
N PRO D 295 -6.51 -26.80 -47.04
CA PRO D 295 -7.77 -26.84 -47.82
C PRO D 295 -8.56 -25.58 -47.70
N GLY D 296 -9.58 -25.45 -48.53
CA GLY D 296 -10.64 -24.50 -48.33
C GLY D 296 -11.37 -24.76 -47.02
N GLY D 297 -12.15 -23.76 -46.58
CA GLY D 297 -12.96 -23.87 -45.36
C GLY D 297 -12.17 -23.98 -44.07
N HIS D 298 -10.88 -23.59 -44.10
CA HIS D 298 -10.00 -23.68 -42.93
C HIS D 298 -9.97 -22.32 -42.28
N GLY D 299 -10.38 -22.23 -41.03
CA GLY D 299 -10.28 -20.99 -40.25
C GLY D 299 -8.83 -20.59 -40.03
N VAL D 300 -8.59 -19.27 -39.86
CA VAL D 300 -7.24 -18.81 -39.66
C VAL D 300 -7.20 -17.85 -38.49
N SER D 301 -6.39 -18.23 -37.50
CA SER D 301 -6.09 -17.42 -36.32
C SER D 301 -7.31 -17.18 -35.42
N TYR D 302 -7.10 -16.50 -34.30
CA TYR D 302 -8.14 -16.44 -33.26
C TYR D 302 -9.45 -15.92 -33.71
N GLY D 303 -10.52 -16.56 -33.24
CA GLY D 303 -11.88 -16.16 -33.61
C GLY D 303 -12.24 -16.51 -35.06
N HIS D 304 -11.32 -17.08 -35.81
CA HIS D 304 -11.59 -17.45 -37.21
C HIS D 304 -12.24 -16.32 -37.97
N HIS D 305 -11.63 -15.14 -37.89
CA HIS D 305 -12.14 -14.00 -38.66
C HIS D 305 -11.75 -14.07 -40.14
N TYR D 306 -10.91 -15.02 -40.49
CA TYR D 306 -10.68 -15.41 -41.87
C TYR D 306 -10.87 -16.91 -42.03
N THR D 307 -11.43 -17.27 -43.19
CA THR D 307 -11.59 -18.68 -43.64
C THR D 307 -11.12 -18.81 -45.06
N THR D 308 -10.23 -19.75 -45.32
CA THR D 308 -9.70 -19.96 -46.67
C THR D 308 -10.90 -20.21 -47.63
N PRO D 309 -10.96 -19.48 -48.77
CA PRO D 309 -12.11 -19.67 -49.68
C PRO D 309 -11.97 -20.97 -50.52
N GLY D 310 -10.76 -21.45 -50.68
CA GLY D 310 -10.49 -22.68 -51.35
C GLY D 310 -9.11 -23.10 -50.97
N GLU D 311 -8.60 -24.14 -51.64
CA GLU D 311 -7.24 -24.65 -51.38
C GLU D 311 -6.18 -23.56 -51.66
N THR D 312 -5.17 -23.45 -50.80
CA THR D 312 -4.27 -22.30 -50.81
C THR D 312 -3.04 -22.54 -49.97
N THR D 313 -2.13 -21.57 -49.93
CA THR D 313 -0.93 -21.68 -49.12
C THR D 313 -0.96 -20.53 -48.07
N LEU D 314 -0.45 -20.84 -46.90
CA LEU D 314 -0.44 -19.85 -45.78
C LEU D 314 0.99 -19.68 -45.40
N GLY D 315 1.35 -18.42 -45.05
CA GLY D 315 2.71 -18.10 -44.66
C GLY D 315 2.63 -17.55 -43.20
N LEU D 316 3.54 -18.02 -42.32
CA LEU D 316 3.61 -17.55 -40.90
C LEU D 316 4.73 -16.51 -40.70
N VAL D 317 4.31 -15.29 -40.40
CA VAL D 317 5.28 -14.18 -40.22
C VAL D 317 5.52 -14.13 -38.71
N PRO D 318 6.76 -14.35 -38.24
CA PRO D 318 6.98 -14.53 -36.79
C PRO D 318 7.14 -13.15 -36.02
N LEU D 319 6.17 -12.28 -36.21
CA LEU D 319 6.08 -10.98 -35.45
C LEU D 319 4.64 -10.83 -35.03
N GLY D 320 4.40 -10.37 -33.81
CA GLY D 320 3.03 -10.17 -33.29
C GLY D 320 2.90 -8.85 -32.50
N TYR D 321 1.79 -8.67 -31.77
CA TYR D 321 1.58 -7.44 -31.07
C TYR D 321 2.60 -7.19 -29.92
N ALA D 322 3.21 -8.20 -29.35
CA ALA D 322 4.33 -7.95 -28.39
C ALA D 322 5.50 -7.32 -29.03
N ASP D 323 5.67 -7.55 -30.35
CA ASP D 323 6.73 -6.89 -31.13
C ASP D 323 6.33 -5.52 -31.67
N GLY D 324 5.07 -5.08 -31.39
CA GLY D 324 4.57 -3.86 -31.88
C GLY D 324 3.82 -3.88 -33.18
N ILE D 325 3.41 -5.11 -33.61
CA ILE D 325 2.54 -5.18 -34.71
C ILE D 325 1.14 -4.92 -34.11
N PRO D 326 0.51 -3.79 -34.42
CA PRO D 326 -0.75 -3.47 -33.72
C PRO D 326 -1.85 -4.45 -33.99
N ARG D 327 -2.47 -4.89 -32.91
CA ARG D 327 -3.63 -5.83 -33.08
C ARG D 327 -4.74 -5.23 -33.93
N HIS D 328 -4.85 -3.90 -33.92
CA HIS D 328 -5.85 -3.24 -34.76
C HIS D 328 -5.68 -3.45 -36.23
N ALA D 329 -4.50 -3.88 -36.70
CA ALA D 329 -4.28 -4.18 -38.08
C ALA D 329 -4.70 -5.59 -38.52
N SER D 330 -5.33 -6.33 -37.59
CA SER D 330 -5.87 -7.64 -37.88
C SER D 330 -6.73 -7.52 -39.16
N SER D 331 -6.62 -8.50 -40.04
CA SER D 331 -7.29 -8.51 -41.36
C SER D 331 -6.91 -7.38 -42.31
N SER D 332 -5.95 -6.50 -41.98
CA SER D 332 -5.65 -5.40 -42.90
C SER D 332 -4.18 -5.07 -43.12
N GLY D 333 -3.30 -5.40 -42.19
CA GLY D 333 -1.90 -4.98 -42.30
C GLY D 333 -1.23 -5.53 -43.56
N PRO D 334 -0.54 -4.66 -44.31
CA PRO D 334 0.11 -5.10 -45.52
C PRO D 334 1.54 -5.57 -45.30
N VAL D 335 1.95 -6.58 -46.07
CA VAL D 335 3.31 -7.09 -46.02
C VAL D 335 3.72 -7.64 -47.40
N LEU D 336 4.93 -7.27 -47.83
CA LEU D 336 5.52 -7.74 -49.07
C LEU D 336 6.15 -9.09 -48.84
N VAL D 337 5.63 -10.10 -49.51
CA VAL D 337 6.20 -11.44 -49.42
C VAL D 337 6.24 -12.07 -50.84
N ASP D 338 7.41 -12.56 -51.25
CA ASP D 338 7.55 -13.33 -52.51
C ASP D 338 6.96 -12.52 -53.68
N GLY D 339 7.35 -11.25 -53.77
CA GLY D 339 6.97 -10.40 -54.90
C GLY D 339 5.65 -9.71 -54.93
N LYS D 340 4.77 -9.94 -53.96
CA LYS D 340 3.43 -9.32 -53.94
C LYS D 340 3.06 -8.85 -52.54
N TRP D 341 2.21 -7.82 -52.45
CA TRP D 341 1.62 -7.42 -51.16
C TRP D 341 0.65 -8.49 -50.74
N ARG D 342 0.81 -8.95 -49.51
CA ARG D 342 -0.18 -9.80 -48.87
C ARG D 342 -0.83 -9.00 -47.76
N THR D 343 -1.97 -9.45 -47.27
CA THR D 343 -2.54 -8.80 -46.13
C THR D 343 -2.73 -9.82 -45.02
N VAL D 344 -2.73 -9.30 -43.78
CA VAL D 344 -2.92 -10.13 -42.59
C VAL D 344 -4.24 -10.87 -42.72
N ALA D 345 -4.15 -12.18 -42.52
CA ALA D 345 -5.35 -13.03 -42.47
C ALA D 345 -5.85 -13.21 -41.04
N GLY D 346 -6.96 -12.55 -40.74
CA GLY D 346 -7.57 -12.62 -39.41
C GLY D 346 -6.72 -11.95 -38.35
N ARG D 347 -6.78 -12.48 -37.14
CA ARG D 347 -6.25 -11.82 -35.98
C ARG D 347 -4.73 -11.94 -35.85
N ILE D 348 -4.14 -10.82 -35.51
CA ILE D 348 -2.72 -10.80 -35.19
C ILE D 348 -2.63 -11.34 -33.77
N ALA D 349 -1.70 -12.21 -33.54
CA ALA D 349 -1.47 -12.80 -32.26
C ALA D 349 -0.28 -12.11 -31.58
N MET D 350 0.13 -12.59 -30.42
CA MET D 350 1.15 -11.90 -29.63
C MET D 350 2.51 -11.96 -30.29
N ASP D 351 2.80 -13.08 -30.95
CA ASP D 351 4.11 -13.38 -31.46
C ASP D 351 4.16 -13.58 -32.98
N GLN D 352 3.01 -13.57 -33.64
CA GLN D 352 2.96 -14.02 -35.04
C GLN D 352 1.67 -13.63 -35.67
N PHE D 353 1.65 -13.66 -37.00
CA PHE D 353 0.43 -13.58 -37.74
C PHE D 353 0.61 -14.41 -39.05
N VAL D 354 -0.53 -14.58 -39.70
CA VAL D 354 -0.62 -15.40 -40.93
C VAL D 354 -1.06 -14.54 -42.09
N VAL D 355 -0.58 -14.91 -43.28
CA VAL D 355 -1.01 -14.30 -44.50
C VAL D 355 -1.41 -15.49 -45.46
N ASP D 356 -2.46 -15.25 -46.21
CA ASP D 356 -2.85 -16.14 -47.37
C ASP D 356 -1.93 -15.82 -48.55
N LEU D 357 -1.11 -16.78 -48.93
CA LEU D 357 -0.18 -16.62 -50.04
C LEU D 357 -0.80 -17.03 -51.40
N GLY D 358 -2.10 -17.32 -51.45
CA GLY D 358 -2.77 -17.64 -52.71
C GLY D 358 -2.27 -19.09 -52.85
N GLY D 359 -1.46 -19.38 -53.78
CA GLY D 359 -0.83 -20.70 -53.83
C GLY D 359 0.65 -20.60 -53.93
N ASP D 360 1.23 -19.45 -53.64
CA ASP D 360 2.66 -19.29 -53.86
C ASP D 360 3.35 -20.11 -52.81
N ARG D 361 4.60 -20.48 -53.10
CA ARG D 361 5.36 -21.31 -52.25
C ARG D 361 6.78 -20.76 -52.11
N PRO D 362 6.91 -19.60 -51.42
CA PRO D 362 8.24 -19.17 -51.05
C PRO D 362 8.91 -20.18 -50.11
N GLU D 363 10.25 -20.15 -49.98
CA GLU D 363 10.95 -21.00 -49.04
C GLU D 363 10.68 -20.48 -47.59
N PRO D 364 10.67 -21.38 -46.60
CA PRO D 364 10.76 -20.95 -45.23
C PRO D 364 12.02 -20.15 -45.09
N GLY D 365 11.97 -19.11 -44.29
CA GLY D 365 13.07 -18.19 -44.23
C GLY D 365 13.05 -17.04 -45.21
N ALA D 366 12.09 -17.01 -46.13
CA ALA D 366 12.03 -15.96 -47.13
C ALA D 366 11.68 -14.67 -46.46
N GLU D 367 12.17 -13.58 -47.01
CA GLU D 367 11.94 -12.24 -46.43
C GLU D 367 10.49 -11.77 -46.55
N ALA D 368 9.91 -11.26 -45.45
CA ALA D 368 8.63 -10.58 -45.47
C ALA D 368 8.90 -9.15 -45.02
N VAL D 369 8.63 -8.18 -45.86
CA VAL D 369 8.95 -6.78 -45.54
C VAL D 369 7.64 -6.11 -45.13
N LEU D 370 7.53 -5.77 -43.85
CA LEU D 370 6.28 -5.16 -43.38
C LEU D 370 6.20 -3.67 -43.80
N PHE D 371 7.29 -2.92 -43.62
CA PHE D 371 7.35 -1.55 -44.06
C PHE D 371 8.77 -1.05 -44.22
N GLY D 372 8.87 0.01 -44.98
CA GLY D 372 10.14 0.69 -45.22
C GLY D 372 9.89 1.93 -46.02
N PRO D 373 10.96 2.41 -46.71
CA PRO D 373 10.81 3.63 -47.50
C PRO D 373 9.88 3.48 -48.66
N GLY D 374 9.71 2.27 -49.15
CA GLY D 374 8.74 1.95 -50.22
C GLY D 374 9.29 1.73 -51.62
N ASP D 375 10.60 1.93 -51.81
CA ASP D 375 11.14 1.92 -53.17
C ASP D 375 11.40 0.51 -53.68
N ARG D 376 11.33 -0.50 -52.82
CA ARG D 376 11.36 -1.86 -53.28
C ARG D 376 9.99 -2.47 -53.32
N GLY D 377 8.96 -1.68 -53.50
CA GLY D 377 7.60 -2.26 -53.57
C GLY D 377 6.99 -2.65 -52.23
N GLU D 378 7.63 -2.30 -51.12
CA GLU D 378 7.11 -2.64 -49.79
C GLU D 378 6.17 -1.57 -49.31
N PRO D 379 5.30 -1.91 -48.32
CA PRO D 379 4.46 -0.89 -47.71
C PRO D 379 5.30 0.11 -46.88
N THR D 380 4.69 1.22 -46.51
CA THR D 380 5.31 2.18 -45.62
C THR D 380 4.68 2.13 -44.23
N ALA D 381 5.32 2.79 -43.29
CA ALA D 381 4.75 2.94 -41.94
C ALA D 381 3.38 3.63 -42.00
N GLU D 382 3.17 4.55 -42.94
CA GLU D 382 1.87 5.19 -43.13
C GLU D 382 0.79 4.19 -43.55
N ASP D 383 1.12 3.23 -44.41
CA ASP D 383 0.17 2.17 -44.75
C ASP D 383 -0.26 1.36 -43.50
N TRP D 384 0.69 1.07 -42.62
CA TRP D 384 0.36 0.40 -41.38
C TRP D 384 -0.53 1.24 -40.45
N ALA D 385 -0.18 2.53 -40.35
CA ALA D 385 -1.01 3.48 -39.60
C ALA D 385 -2.48 3.46 -40.07
N GLN D 386 -2.69 3.48 -41.37
CA GLN D 386 -4.03 3.45 -41.95
C GLN D 386 -4.69 2.12 -41.66
N ALA D 387 -3.98 1.05 -41.81
CA ALA D 387 -4.54 -0.27 -41.49
C ALA D 387 -4.92 -0.44 -39.98
N ALA D 388 -4.21 0.23 -39.08
CA ALA D 388 -4.43 0.09 -37.69
C ALA D 388 -5.29 1.23 -37.06
N GLY D 389 -5.83 2.12 -37.87
CA GLY D 389 -6.57 3.29 -37.38
C GLY D 389 -5.79 4.22 -36.49
N THR D 390 -4.51 4.49 -36.82
CA THR D 390 -3.66 5.30 -35.98
C THR D 390 -2.76 6.17 -36.87
N ILE D 391 -1.69 6.70 -36.27
CA ILE D 391 -0.77 7.57 -36.96
C ILE D 391 0.58 6.89 -37.02
N ALA D 392 1.35 7.25 -38.05
CA ALA D 392 2.61 6.58 -38.31
C ALA D 392 3.57 6.75 -37.14
N TYR D 393 3.46 7.87 -36.43
CA TYR D 393 4.22 8.06 -35.21
C TYR D 393 4.14 6.86 -34.23
N GLU D 394 2.92 6.33 -34.05
CA GLU D 394 2.70 5.26 -33.12
C GLU D 394 3.28 3.95 -33.66
N ILE D 395 3.19 3.77 -34.97
CA ILE D 395 3.67 2.55 -35.61
C ILE D 395 5.19 2.42 -35.32
N VAL D 396 5.97 3.40 -35.69
CA VAL D 396 7.46 3.27 -35.57
C VAL D 396 7.91 3.27 -34.12
N THR D 397 7.25 4.11 -33.32
CA THR D 397 7.66 4.30 -31.95
C THR D 397 7.46 3.06 -31.07
N ARG D 398 6.45 2.23 -31.35
CA ARG D 398 6.16 1.11 -30.46
C ARG D 398 6.70 -0.25 -30.93
N ILE D 399 7.55 -0.25 -31.96
CA ILE D 399 8.20 -1.49 -32.37
C ILE D 399 8.96 -1.99 -31.16
N GLY D 400 8.69 -3.21 -30.81
CA GLY D 400 9.04 -3.73 -29.49
C GLY D 400 10.53 -4.00 -29.32
N SER D 401 10.96 -4.06 -28.07
CA SER D 401 12.37 -4.35 -27.74
C SER D 401 12.82 -5.78 -28.13
N ARG D 402 11.88 -6.67 -28.31
CA ARG D 402 12.20 -7.99 -28.81
C ARG D 402 12.61 -7.97 -30.33
N VAL D 403 12.38 -6.89 -31.06
CA VAL D 403 12.85 -6.76 -32.42
C VAL D 403 14.26 -6.11 -32.36
N PRO D 404 15.29 -6.84 -32.76
CA PRO D 404 16.62 -6.16 -32.80
C PRO D 404 16.75 -5.09 -33.84
N ARG D 405 17.45 -4.01 -33.51
CA ARG D 405 17.74 -2.96 -34.47
C ARG D 405 19.10 -3.22 -35.10
N VAL D 406 19.16 -3.07 -36.41
CA VAL D 406 20.40 -3.23 -37.17
C VAL D 406 20.69 -1.91 -37.80
N TYR D 407 21.86 -1.34 -37.53
CA TYR D 407 22.21 0.01 -38.01
C TYR D 407 23.01 -0.11 -39.30
N VAL D 408 22.55 0.52 -40.35
CA VAL D 408 23.31 0.63 -41.56
C VAL D 408 23.79 2.09 -41.82
N ASN D 409 24.97 2.21 -42.46
CA ASN D 409 25.53 3.49 -42.86
C ASN D 409 25.87 4.40 -41.71
N GLU D 410 26.43 3.79 -40.69
CA GLU D 410 27.03 4.41 -39.55
C GLU D 410 26.29 4.37 -38.26
N1 DCS E . -5.60 -17.77 19.22
C2 DCS E . -5.73 -17.40 20.50
C2A DCS E . -6.54 -18.25 21.43
C3 DCS E . -5.11 -16.16 21.01
O3 DCS E . -5.22 -15.84 22.32
C4 DCS E . -4.28 -15.40 20.02
C4A DCS E . -3.56 -14.12 20.29
C5 DCS E . -4.22 -15.93 18.61
C6 DCS E . -4.86 -17.12 18.30
C5A DCS E . -3.39 -15.19 17.62
O4P DCS E . -2.04 -15.02 18.23
P DCS E . -0.95 -14.19 17.32
O1P DCS E . -1.16 -14.72 16.00
O2P DCS E . -1.52 -12.79 17.37
O3P DCS E . 0.26 -14.37 18.15
N DCS E . -2.73 -14.17 21.43
CA DCS E . -2.69 -12.96 22.15
C DCS E . -2.58 -13.27 23.59
O DCS E . -3.29 -14.11 24.13
ND DCS E . -1.59 -12.53 24.05
OG DCS E . -1.04 -11.76 23.07
CB DCS E . -1.48 -12.16 21.76
NA NA F . -2.07 -25.17 25.59
CL CL G . -3.87 -23.67 27.56
N1 DCS H . -3.24 20.67 35.07
C2 DCS H . -2.66 20.22 33.88
C2A DCS H . -2.28 21.11 32.71
C3 DCS H . -2.35 18.80 33.72
O3 DCS H . -1.77 18.31 32.59
C4 DCS H . -2.67 17.95 34.88
C4A DCS H . -2.49 16.46 34.74
C5 DCS H . -3.28 18.53 36.10
C6 DCS H . -3.49 19.92 36.15
C5A DCS H . -3.61 17.62 37.28
O4P DCS H . -2.44 16.85 37.70
P DCS H . -2.57 15.96 38.98
O1P DCS H . -3.44 14.81 38.27
O2P DCS H . -3.26 16.65 39.92
O3P DCS H . -1.12 15.60 39.13
N DCS H . -1.33 15.74 35.12
CA DCS H . -1.21 14.59 34.27
C DCS H . -0.37 14.91 33.05
O DCS H . -0.46 15.89 32.29
ND DCS H . 0.49 13.93 32.99
OG DCS H . 0.32 12.97 33.86
CB DCS H . -0.51 13.41 34.91
NA NA I . 5.77 25.34 33.38
CL CL J . 5.15 24.49 30.44
CL CL K . 7.35 -12.82 33.15
N1 DCS L . 0.52 -21.58 -25.96
C2 DCS L . 0.70 -20.90 -27.13
C2A DCS L . 1.42 -21.51 -28.30
C3 DCS L . 0.21 -19.52 -27.30
O3 DCS L . 0.38 -18.79 -28.48
C4 DCS L . -0.50 -18.95 -26.12
C4A DCS L . -1.10 -17.57 -26.11
C5 DCS L . -0.66 -19.80 -24.92
C6 DCS L . -0.13 -21.09 -24.91
C5A DCS L . -1.37 -19.22 -23.74
O4P DCS L . -2.48 -18.40 -24.11
P DCS L . -3.42 -17.78 -22.94
O1P DCS L . -4.61 -17.40 -23.77
O2P DCS L . -2.54 -16.51 -22.67
O3P DCS L . -3.53 -18.77 -21.91
N DCS L . -0.35 -16.74 -26.95
CA DCS L . -0.66 -15.38 -27.12
C DCS L . -0.76 -15.28 -28.59
O DCS L . -0.08 -15.96 -29.39
ND DCS L . -1.71 -14.41 -28.79
OG DCS L . -2.39 -14.07 -27.66
CB DCS L . -1.92 -14.77 -26.50
NA NA M . -4.35 -25.69 -34.32
NA NA N . -4.10 -29.42 -22.54
NA NA O . -9.80 11.89 -29.14
CL CL P . -1.95 -24.20 -35.72
N1 DCS Q . 8.90 18.70 -28.93
C2 DCS Q . 8.08 18.13 -28.01
C2A DCS Q . 8.01 18.69 -26.62
C3 DCS Q . 7.24 16.95 -28.36
O3 DCS Q . 6.39 16.37 -27.47
C4 DCS Q . 7.36 16.46 -29.77
C4A DCS Q . 6.61 15.31 -30.39
C5 DCS Q . 8.30 17.18 -30.69
C6 DCS Q . 9.02 18.27 -30.20
C5A DCS Q . 8.45 16.72 -32.12
O4P DCS Q . 7.19 16.53 -32.80
P DCS Q . 7.13 15.95 -34.29
O1P DCS Q . 8.06 16.79 -35.07
O2P DCS Q . 7.63 14.54 -33.92
O3P DCS Q . 5.75 16.06 -34.87
N DCS Q . 5.73 14.61 -29.54
CA DCS Q . 5.05 13.46 -30.04
C DCS Q . 3.77 13.30 -29.32
O DCS Q . 3.73 13.62 -28.16
ND DCS Q . 2.84 12.82 -30.14
OG DCS Q . 3.27 12.87 -31.42
CB DCS Q . 4.60 13.42 -31.49
NA NA R . -9.74 -9.81 -37.76
CL CL S . 1.42 23.07 -23.04
#